data_5AE2
#
_entry.id   5AE2
#
_cell.length_a   60.530
_cell.length_b   98.570
_cell.length_c   107.070
_cell.angle_alpha   90.57
_cell.angle_beta   90.14
_cell.angle_gamma   95.67
#
_symmetry.space_group_name_H-M   'P 1'
#
loop_
_entity.id
_entity.type
_entity.pdbx_description
1 polymer 'ALKYLDIHYDROXYACETONEPHOSPHATE SYNTHASE, PEROXISOMAL'
2 non-polymer 3-(2-fluorophenyl)-2-methyl-N-((2-oxo-2,3-dihydro-1H-benzo[d]imidazol-5-yl)methyl)acrylamide
3 non-polymer 'FLAVIN-ADENINE DINUCLEOTIDE'
4 non-polymer 'SULFATE ION'
5 water water
#
_entity_poly.entity_id   1
_entity_poly.type   'polypeptide(L)'
_entity_poly.pdbx_seq_one_letter_code
;MAEAAAAAAAAAAAGETSASSGSAAERDPDQDRAGRRLRVLSGHLLGRPQEALSTNECKARRAASAATAAPTATPAAPES
GIIPKKRQELMKWNGWGYNDSKFFLNKKGQLELTGKRYPLSGVALPTFKDWIQNTFGINLDHKTTSKASLNPSDTPPSIV
NEDFLHELKKTNISYSQEADDRVFRAHGHCLHEIFLLREGMFERIPDIVLWPTCHDDVVKIVNLACKYNLCIIPIGGGTS
VSYGLMCPADETRTIISLDTSQMNRILWVDENNLTAHVEAGITGQELERQLKESGYCTGHEPDSLEFSTVGGWISTRASG
MKKNIYGNIEDLVVHMKVVTPRGVIEKSCQGPRMSTGPDIHHFIMGSEGTLGVITEATIKIRPTPEYQKYGSVAFPNFEQ
GVACLREIAKQRCAPASIRLMDNQQFQFGHALKPQVSSIFTSFLDGLKKFYITKFKGFDPNQLSVATLLFEGDREKVLQH
EKQVYDIAAKFGGLAAGEDNGQRGYLLTYVIAYMRDLGLEYYIIGESFETSAPWDRVVDLCRNVKERIRRECKEKGVQFP
PLSTCRVTQTYDAGACIYFYFAFNYRGISDPLAVFEQTEAAAREEILANGGSLSHHHGVGKLRKQWLKESISDVGFGMLK
SVKDYVDPTNIFGNRNLL
;
_entity_poly.pdbx_strand_id   A,B,C,D
#
# COMPACT_ATOMS: atom_id res chain seq x y z
N GLY A 81 27.18 -4.86 1.64
CA GLY A 81 26.73 -5.14 0.24
C GLY A 81 26.66 -6.59 -0.24
N ILE A 82 27.46 -7.49 0.35
CA ILE A 82 27.40 -8.96 0.07
C ILE A 82 26.06 -9.58 0.50
N ILE A 83 25.45 -10.30 -0.42
CA ILE A 83 24.25 -11.05 -0.15
C ILE A 83 24.71 -12.39 0.46
N PRO A 84 24.22 -12.77 1.68
CA PRO A 84 24.64 -14.04 2.32
C PRO A 84 23.94 -15.22 1.65
N LYS A 85 24.50 -16.40 1.79
CA LYS A 85 23.88 -17.59 1.21
C LYS A 85 22.47 -17.85 1.74
N LYS A 86 22.24 -17.72 3.05
CA LYS A 86 20.92 -17.96 3.58
C LYS A 86 20.29 -16.58 3.64
N ARG A 87 19.71 -16.14 2.52
CA ARG A 87 19.30 -14.72 2.38
C ARG A 87 18.23 -14.31 3.38
N GLN A 88 17.33 -15.22 3.68
CA GLN A 88 16.23 -15.00 4.67
C GLN A 88 16.67 -14.54 6.08
N GLU A 89 17.94 -14.76 6.44
CA GLU A 89 18.61 -14.17 7.62
C GLU A 89 18.59 -12.64 7.58
N LEU A 90 18.90 -12.07 6.43
CA LEU A 90 18.98 -10.65 6.22
C LEU A 90 17.69 -10.08 5.58
N MET A 91 17.10 -10.83 4.66
CA MET A 91 16.03 -10.33 3.82
C MET A 91 14.74 -11.03 4.10
N LYS A 92 13.64 -10.39 3.76
CA LYS A 92 12.32 -10.96 3.98
C LYS A 92 12.05 -12.15 3.08
N TRP A 93 11.63 -13.27 3.66
CA TRP A 93 11.32 -14.48 2.91
C TRP A 93 10.06 -14.26 2.08
N ASN A 94 9.20 -13.31 2.48
CA ASN A 94 7.87 -13.13 1.88
C ASN A 94 7.54 -11.78 1.27
N GLY A 95 8.55 -10.95 1.02
CA GLY A 95 8.30 -9.62 0.50
C GLY A 95 9.63 -8.91 0.20
N TRP A 96 9.55 -7.60 -0.06
CA TRP A 96 10.72 -6.83 -0.52
C TRP A 96 11.61 -6.58 0.62
N GLY A 97 12.91 -6.69 0.39
CA GLY A 97 13.92 -5.93 1.13
C GLY A 97 14.39 -6.52 2.43
N TYR A 98 14.93 -5.69 3.31
CA TYR A 98 15.54 -6.17 4.60
C TYR A 98 14.50 -6.47 5.68
N ASN A 99 14.71 -7.55 6.42
CA ASN A 99 13.85 -7.93 7.55
C ASN A 99 13.60 -6.80 8.58
N ASP A 100 14.58 -5.93 8.73
CA ASP A 100 14.55 -4.87 9.75
C ASP A 100 13.81 -3.59 9.36
N SER A 101 13.15 -3.62 8.22
CA SER A 101 12.61 -2.43 7.53
C SER A 101 11.19 -2.74 7.08
N LYS A 102 10.21 -2.34 7.88
CA LYS A 102 8.80 -2.40 7.51
C LYS A 102 8.10 -1.20 8.05
N PHE A 103 6.99 -0.88 7.43
CA PHE A 103 6.13 0.19 7.87
C PHE A 103 5.33 -0.40 8.99
N PHE A 104 5.23 0.33 10.10
CA PHE A 104 4.33 0.00 11.22
C PHE A 104 3.61 1.29 11.66
N LEU A 105 2.58 1.14 12.51
CA LEU A 105 1.95 2.28 13.18
C LEU A 105 2.73 2.53 14.46
N ASN A 106 3.22 3.75 14.66
CA ASN A 106 3.97 4.04 15.85
C ASN A 106 2.98 4.28 17.03
N LYS A 107 3.54 4.67 18.16
CA LYS A 107 2.80 4.84 19.42
C LYS A 107 1.87 6.04 19.40
N LYS A 108 2.01 6.87 18.38
CA LYS A 108 1.08 7.91 18.09
C LYS A 108 0.11 7.54 17.04
N GLY A 109 0.08 6.30 16.55
CA GLY A 109 -0.75 5.97 15.39
C GLY A 109 -0.31 6.51 14.00
N GLN A 110 0.93 6.94 13.88
CA GLN A 110 1.55 7.41 12.59
C GLN A 110 2.37 6.32 11.90
N LEU A 111 2.28 6.28 10.59
CA LEU A 111 3.09 5.30 9.87
C LEU A 111 4.56 5.68 9.99
N GLU A 112 5.41 4.68 10.20
CA GLU A 112 6.82 4.90 10.31
C GLU A 112 7.53 3.63 9.85
N LEU A 113 8.72 3.80 9.28
CA LEU A 113 9.55 2.69 8.90
C LEU A 113 10.46 2.25 10.05
N THR A 114 10.44 0.97 10.38
CA THR A 114 11.34 0.43 11.41
C THR A 114 12.77 0.47 10.93
N GLY A 115 13.69 0.38 11.87
CA GLY A 115 15.09 0.14 11.58
C GLY A 115 15.85 1.44 11.44
N LYS A 116 17.07 1.33 10.95
CA LYS A 116 17.91 2.48 10.77
C LYS A 116 18.61 2.50 9.40
N ARG A 117 18.06 1.81 8.40
CA ARG A 117 18.77 1.67 7.12
C ARG A 117 18.72 2.84 6.17
N TYR A 118 17.61 3.53 6.13
CA TYR A 118 17.38 4.56 5.14
C TYR A 118 17.33 5.89 5.83
N PRO A 119 17.45 6.99 5.09
CA PRO A 119 17.20 8.28 5.75
C PRO A 119 15.80 8.49 6.29
N LEU A 120 14.83 7.80 5.73
CA LEU A 120 13.49 7.91 6.24
C LEU A 120 13.15 6.88 7.33
N SER A 121 14.10 6.03 7.69
CA SER A 121 13.84 5.04 8.73
C SER A 121 13.68 5.74 10.07
N GLY A 122 12.68 5.32 10.85
CA GLY A 122 12.34 5.97 12.11
C GLY A 122 11.82 7.37 12.00
N VAL A 123 11.33 7.79 10.86
CA VAL A 123 10.81 9.14 10.70
C VAL A 123 9.27 9.01 10.64
N ALA A 124 8.54 9.63 11.56
CA ALA A 124 7.09 9.56 11.49
C ALA A 124 6.57 10.28 10.24
N LEU A 125 5.57 9.67 9.60
CA LEU A 125 4.86 10.21 8.45
C LEU A 125 3.37 10.40 8.85
N PRO A 126 3.03 11.54 9.47
CA PRO A 126 1.68 11.70 10.09
C PRO A 126 0.49 11.85 9.18
N THR A 127 0.70 12.30 7.94
CA THR A 127 -0.42 12.39 6.96
C THR A 127 -0.51 11.17 6.06
N PHE A 128 0.48 10.28 6.11
CA PHE A 128 0.46 9.10 5.23
C PHE A 128 -0.80 8.22 5.38
N LYS A 129 -1.14 7.88 6.61
CA LYS A 129 -2.35 7.14 6.91
C LYS A 129 -3.58 7.79 6.33
N ASP A 130 -3.69 9.08 6.46
CA ASP A 130 -4.84 9.81 5.89
C ASP A 130 -4.89 9.66 4.38
N TRP A 131 -3.75 9.79 3.73
CA TRP A 131 -3.69 9.67 2.29
C TRP A 131 -4.09 8.27 1.87
N ILE A 132 -3.56 7.27 2.54
CA ILE A 132 -3.97 5.88 2.23
C ILE A 132 -5.50 5.72 2.31
N GLN A 133 -6.06 6.20 3.41
CA GLN A 133 -7.49 6.08 3.68
C GLN A 133 -8.32 6.80 2.67
N ASN A 134 -7.93 8.04 2.37
CA ASN A 134 -8.63 8.79 1.35
C ASN A 134 -8.49 8.19 -0.03
N THR A 135 -7.33 7.62 -0.34
CA THR A 135 -7.12 7.04 -1.67
C THR A 135 -7.78 5.67 -1.88
N PHE A 136 -7.69 4.77 -0.92
CA PHE A 136 -8.17 3.41 -1.12
C PHE A 136 -9.40 3.01 -0.34
N GLY A 137 -9.88 3.87 0.56
CA GLY A 137 -11.15 3.64 1.24
C GLY A 137 -11.13 2.55 2.28
N ILE A 138 -10.05 2.45 3.03
CA ILE A 138 -9.87 1.43 4.08
C ILE A 138 -9.60 2.14 5.38
N ASN A 139 -9.75 1.44 6.49
CA ASN A 139 -9.58 2.06 7.79
C ASN A 139 -8.18 1.93 8.38
N LEU A 140 -7.47 0.84 8.24
CA LEU A 140 -6.04 0.88 8.68
C LEU A 140 -5.84 0.91 10.23
N ASP A 141 -5.86 -0.26 10.83
CA ASP A 141 -6.14 -0.52 12.24
C ASP A 141 -6.72 -1.95 12.14
N HIS A 142 -7.76 -2.12 11.31
CA HIS A 142 -8.22 -3.45 10.86
C HIS A 142 -7.24 -4.02 9.82
N LYS A 143 -6.39 -4.96 10.27
CA LYS A 143 -5.32 -5.56 9.43
C LYS A 143 -5.81 -6.71 8.56
N THR A 144 -4.87 -7.34 7.84
CA THR A 144 -5.03 -8.68 7.28
C THR A 144 -4.42 -9.61 8.33
N ASP A 154 4.97 -29.70 3.20
CA ASP A 154 4.62 -28.37 2.75
C ASP A 154 4.96 -28.17 1.27
N THR A 155 6.22 -28.45 0.92
CA THR A 155 6.81 -28.10 -0.39
C THR A 155 7.19 -29.37 -1.19
N PRO A 156 7.29 -29.25 -2.54
CA PRO A 156 7.82 -30.35 -3.36
C PRO A 156 9.20 -30.85 -2.88
N PRO A 157 9.48 -32.16 -2.96
CA PRO A 157 10.80 -32.60 -2.44
C PRO A 157 11.91 -32.28 -3.45
N SER A 158 13.15 -32.44 -3.04
CA SER A 158 14.24 -32.11 -3.93
C SER A 158 14.62 -33.31 -4.82
N ILE A 159 14.19 -33.25 -6.11
CA ILE A 159 14.48 -34.31 -7.11
C ILE A 159 15.84 -34.10 -7.84
N VAL A 160 16.85 -34.89 -7.39
CA VAL A 160 18.31 -34.73 -7.76
C VAL A 160 19.14 -36.03 -7.85
N ASN A 161 19.77 -36.24 -9.03
CA ASN A 161 20.65 -37.40 -9.31
C ASN A 161 21.85 -37.53 -8.37
N GLU A 162 22.11 -38.76 -7.97
CA GLU A 162 23.04 -39.03 -6.90
C GLU A 162 24.48 -39.00 -7.41
N ASP A 163 24.72 -39.44 -8.64
CA ASP A 163 26.03 -39.28 -9.24
C ASP A 163 26.43 -37.82 -9.50
N PHE A 164 25.47 -37.02 -9.97
CA PHE A 164 25.69 -35.56 -10.07
C PHE A 164 26.11 -34.96 -8.72
N LEU A 165 25.33 -35.31 -7.69
CA LEU A 165 25.60 -34.88 -6.31
C LEU A 165 27.03 -35.26 -5.91
N HIS A 166 27.42 -36.51 -6.14
CA HIS A 166 28.78 -36.96 -5.89
C HIS A 166 29.82 -36.11 -6.64
N GLU A 167 29.60 -35.85 -7.93
CA GLU A 167 30.55 -35.01 -8.72
C GLU A 167 30.58 -33.60 -8.23
N LEU A 168 29.42 -33.13 -7.81
CA LEU A 168 29.34 -31.76 -7.27
C LEU A 168 30.08 -31.63 -5.95
N LYS A 169 29.98 -32.65 -5.09
CA LYS A 169 30.78 -32.67 -3.83
C LYS A 169 32.28 -32.52 -4.10
N LYS A 170 32.79 -33.12 -5.16
CA LYS A 170 34.22 -33.01 -5.44
C LYS A 170 34.69 -31.62 -5.83
N THR A 171 33.81 -30.75 -6.32
CA THR A 171 34.22 -29.37 -6.75
C THR A 171 34.27 -28.42 -5.57
N ASN A 172 33.75 -28.83 -4.41
CA ASN A 172 33.57 -27.90 -3.29
C ASN A 172 32.77 -26.63 -3.59
N ILE A 173 31.88 -26.68 -4.60
CA ILE A 173 30.96 -25.58 -4.78
C ILE A 173 29.85 -25.83 -3.77
N SER A 174 29.53 -24.80 -3.03
CA SER A 174 28.55 -24.88 -1.99
C SER A 174 27.15 -25.11 -2.58
N TYR A 175 26.32 -25.86 -1.91
CA TYR A 175 24.97 -26.03 -2.40
C TYR A 175 23.98 -26.29 -1.33
N SER A 176 22.70 -26.26 -1.72
CA SER A 176 21.63 -26.54 -0.83
C SER A 176 20.41 -27.11 -1.52
N GLN A 177 19.86 -28.15 -0.89
CA GLN A 177 18.58 -28.71 -1.24
C GLN A 177 17.51 -28.29 -0.25
N GLU A 178 17.82 -27.35 0.64
CA GLU A 178 16.84 -26.96 1.68
C GLU A 178 15.68 -26.22 1.08
N ALA A 179 14.47 -26.51 1.56
CA ALA A 179 13.29 -25.85 1.03
C ALA A 179 13.30 -24.34 1.19
N ASP A 180 13.74 -23.81 2.33
CA ASP A 180 13.75 -22.34 2.48
C ASP A 180 14.69 -21.68 1.42
N ASP A 181 15.81 -22.34 1.12
CA ASP A 181 16.76 -21.84 0.09
C ASP A 181 16.20 -21.92 -1.33
N ARG A 182 15.51 -23.02 -1.63
CA ARG A 182 14.87 -23.20 -2.93
C ARG A 182 13.69 -22.23 -3.17
N VAL A 183 12.80 -22.10 -2.18
CA VAL A 183 11.65 -21.22 -2.26
C VAL A 183 12.05 -19.76 -2.45
N PHE A 184 13.08 -19.34 -1.72
CA PHE A 184 13.57 -17.94 -1.79
C PHE A 184 13.95 -17.57 -3.23
N ARG A 185 14.49 -18.54 -3.98
CA ARG A 185 14.94 -18.27 -5.35
C ARG A 185 13.96 -18.71 -6.43
N ALA A 186 12.72 -19.10 -6.05
CA ALA A 186 11.71 -19.49 -7.02
C ALA A 186 10.85 -18.32 -7.59
N HIS A 187 11.24 -17.08 -7.37
CA HIS A 187 10.41 -15.91 -7.75
C HIS A 187 11.19 -14.62 -7.72
N GLY A 188 10.64 -13.60 -8.39
CA GLY A 188 11.05 -12.24 -8.19
C GLY A 188 9.94 -11.46 -7.54
N HIS A 189 9.75 -10.22 -7.97
CA HIS A 189 8.86 -9.32 -7.26
C HIS A 189 7.67 -8.83 -8.01
N CYS A 190 7.09 -9.70 -8.82
CA CYS A 190 5.77 -9.44 -9.36
C CYS A 190 4.72 -9.74 -8.26
N LEU A 191 3.55 -9.09 -8.37
CA LEU A 191 2.51 -9.19 -7.34
C LEU A 191 2.05 -10.62 -7.12
N HIS A 192 1.70 -11.32 -8.19
CA HIS A 192 1.24 -12.73 -8.13
C HIS A 192 2.24 -13.63 -7.42
N GLU A 193 3.53 -13.34 -7.63
CA GLU A 193 4.57 -14.14 -6.98
C GLU A 193 4.56 -13.93 -5.47
N ILE A 194 4.46 -12.68 -5.06
CA ILE A 194 4.38 -12.35 -3.66
C ILE A 194 3.11 -12.90 -3.02
N PHE A 195 2.02 -12.96 -3.76
CA PHE A 195 0.82 -13.69 -3.29
C PHE A 195 1.02 -15.17 -3.01
N LEU A 196 1.62 -15.85 -3.94
CA LEU A 196 1.85 -17.25 -3.79
C LEU A 196 2.81 -17.54 -2.63
N LEU A 197 3.80 -16.67 -2.41
CA LEU A 197 4.59 -16.67 -1.16
C LEU A 197 3.71 -16.48 0.09
N ARG A 198 3.00 -15.36 0.14
CA ARG A 198 2.18 -14.95 1.28
C ARG A 198 1.02 -15.87 1.68
N GLU A 199 0.32 -16.44 0.71
CA GLU A 199 -0.86 -17.23 1.00
C GLU A 199 -0.97 -18.48 0.14
N GLY A 200 0.16 -19.13 -0.17
CA GLY A 200 0.10 -20.28 -1.08
C GLY A 200 1.37 -21.06 -1.34
N MET A 201 1.46 -21.62 -2.55
CA MET A 201 2.68 -22.30 -2.95
C MET A 201 2.87 -22.29 -4.48
N PHE A 202 4.13 -22.21 -4.84
CA PHE A 202 4.57 -22.20 -6.21
C PHE A 202 4.36 -23.58 -6.73
N GLU A 203 4.01 -23.62 -7.99
CA GLU A 203 3.90 -24.88 -8.66
C GLU A 203 5.23 -25.59 -8.83
N ARG A 204 6.29 -24.85 -9.12
CA ARG A 204 7.59 -25.41 -9.32
C ARG A 204 8.65 -24.49 -8.70
N ILE A 205 9.63 -25.09 -8.04
CA ILE A 205 10.76 -24.38 -7.39
C ILE A 205 12.06 -25.09 -7.73
N PRO A 206 13.20 -24.38 -7.61
CA PRO A 206 14.43 -25.05 -7.90
C PRO A 206 14.59 -26.31 -7.07
N ASP A 207 15.22 -27.32 -7.66
CA ASP A 207 15.54 -28.53 -6.93
C ASP A 207 16.80 -28.39 -6.08
N ILE A 208 17.77 -27.56 -6.53
CA ILE A 208 19.01 -27.40 -5.78
C ILE A 208 19.56 -26.02 -6.06
N VAL A 209 20.21 -25.42 -5.05
CA VAL A 209 20.79 -24.09 -5.23
C VAL A 209 22.28 -24.28 -5.20
N LEU A 210 22.99 -23.67 -6.13
CA LEU A 210 24.46 -23.64 -6.10
C LEU A 210 25.03 -22.21 -5.98
N TRP A 211 26.15 -22.07 -5.27
CA TRP A 211 26.86 -20.83 -5.13
C TRP A 211 28.28 -20.95 -5.73
N PRO A 212 28.39 -20.89 -7.07
CA PRO A 212 29.72 -20.63 -7.64
C PRO A 212 30.40 -19.35 -7.12
N THR A 213 31.71 -19.42 -6.92
CA THR A 213 32.49 -18.28 -6.45
C THR A 213 33.40 -17.70 -7.56
N CYS A 214 33.38 -18.27 -8.76
CA CYS A 214 34.16 -17.67 -9.85
C CYS A 214 33.72 -18.21 -11.20
N HIS A 215 34.28 -17.61 -12.25
CA HIS A 215 34.02 -18.04 -13.62
C HIS A 215 34.27 -19.59 -13.82
N ASP A 216 35.38 -20.13 -13.31
CA ASP A 216 35.68 -21.57 -13.48
C ASP A 216 34.66 -22.44 -12.80
N ASP A 217 34.15 -22.02 -11.64
CA ASP A 217 33.03 -22.78 -11.03
C ASP A 217 31.80 -22.83 -11.94
N VAL A 218 31.46 -21.69 -12.53
CA VAL A 218 30.28 -21.66 -13.44
C VAL A 218 30.51 -22.61 -14.65
N VAL A 219 31.73 -22.60 -15.22
CA VAL A 219 32.08 -23.57 -16.31
C VAL A 219 31.88 -25.03 -15.87
N LYS A 220 32.32 -25.41 -14.67
CA LYS A 220 32.07 -26.77 -14.14
C LYS A 220 30.58 -27.10 -13.96
N ILE A 221 29.81 -26.14 -13.54
CA ILE A 221 28.39 -26.38 -13.34
C ILE A 221 27.69 -26.61 -14.70
N VAL A 222 28.01 -25.77 -15.68
CA VAL A 222 27.42 -25.88 -17.00
C VAL A 222 27.85 -27.22 -17.60
N ASN A 223 29.12 -27.61 -17.38
CA ASN A 223 29.58 -28.95 -17.79
C ASN A 223 28.77 -30.05 -17.17
N LEU A 224 28.53 -29.97 -15.88
CA LEU A 224 27.63 -30.96 -15.25
C LEU A 224 26.16 -30.95 -15.72
N ALA A 225 25.61 -29.81 -16.07
CA ALA A 225 24.22 -29.72 -16.57
C ALA A 225 24.08 -30.41 -17.93
N CYS A 226 25.08 -30.24 -18.79
CA CYS A 226 25.17 -31.01 -20.05
C CYS A 226 25.25 -32.51 -19.74
N LYS A 227 26.12 -32.89 -18.83
CA LYS A 227 26.35 -34.30 -18.54
C LYS A 227 25.11 -34.98 -17.97
N TYR A 228 24.45 -34.34 -17.00
CA TYR A 228 23.30 -34.97 -16.36
C TYR A 228 21.95 -34.47 -16.84
N ASN A 229 21.94 -33.59 -17.84
CA ASN A 229 20.70 -33.03 -18.35
C ASN A 229 19.89 -32.24 -17.32
N LEU A 230 20.55 -31.23 -16.80
CA LEU A 230 20.00 -30.35 -15.78
C LEU A 230 19.55 -29.05 -16.45
N CYS A 231 18.58 -28.40 -15.84
CA CYS A 231 18.08 -27.08 -16.27
C CYS A 231 18.70 -26.09 -15.27
N ILE A 232 19.23 -24.97 -15.80
CA ILE A 232 19.79 -23.86 -15.00
C ILE A 232 18.99 -22.58 -15.17
N ILE A 233 18.53 -22.01 -14.05
CA ILE A 233 18.01 -20.67 -14.01
C ILE A 233 18.96 -19.80 -13.15
N PRO A 234 19.69 -18.87 -13.79
CA PRO A 234 20.56 -17.98 -12.99
C PRO A 234 19.72 -17.04 -12.14
N ILE A 235 20.20 -16.74 -10.95
CA ILE A 235 19.63 -15.68 -10.13
C ILE A 235 20.75 -14.78 -9.57
N GLY A 236 20.53 -13.49 -9.59
CA GLY A 236 21.39 -12.62 -8.85
C GLY A 236 20.60 -12.06 -7.71
N GLY A 237 20.13 -10.82 -7.89
CA GLY A 237 19.36 -10.14 -6.87
C GLY A 237 17.98 -10.71 -6.56
N GLY A 238 17.42 -11.46 -7.50
CA GLY A 238 16.02 -11.94 -7.36
C GLY A 238 14.96 -10.86 -7.45
N THR A 239 15.27 -9.76 -8.17
CA THR A 239 14.48 -8.54 -8.25
C THR A 239 13.69 -8.41 -9.55
N SER A 240 13.73 -9.46 -10.38
CA SER A 240 12.86 -9.55 -11.58
C SER A 240 11.43 -9.15 -11.33
N VAL A 241 10.93 -8.33 -12.25
CA VAL A 241 9.51 -7.95 -12.29
C VAL A 241 8.84 -8.40 -13.61
N SER A 242 9.37 -9.47 -14.23
CA SER A 242 8.83 -10.03 -15.49
C SER A 242 8.56 -11.57 -15.49
N TYR A 243 8.54 -12.20 -14.30
CA TYR A 243 8.41 -13.66 -14.13
C TYR A 243 9.64 -14.35 -14.72
N GLY A 244 10.76 -13.65 -14.73
CA GLY A 244 11.98 -14.09 -15.32
C GLY A 244 12.70 -15.15 -14.50
N LEU A 245 12.29 -15.34 -13.25
CA LEU A 245 12.90 -16.39 -12.42
C LEU A 245 11.95 -17.56 -12.15
N MET A 246 10.67 -17.41 -12.49
CA MET A 246 9.71 -18.49 -12.29
C MET A 246 10.11 -19.75 -13.07
N CYS A 247 10.07 -20.87 -12.36
CA CYS A 247 10.40 -22.18 -12.91
C CYS A 247 9.16 -22.63 -13.64
N PRO A 248 9.30 -23.09 -14.89
CA PRO A 248 8.10 -23.54 -15.62
C PRO A 248 7.55 -24.81 -15.02
N ALA A 249 6.23 -24.86 -14.81
CA ALA A 249 5.59 -25.89 -14.01
C ALA A 249 5.80 -27.32 -14.55
N ASP A 250 5.83 -27.45 -15.87
CA ASP A 250 6.10 -28.74 -16.49
C ASP A 250 7.60 -29.06 -16.79
N GLU A 251 8.54 -28.27 -16.29
CA GLU A 251 9.94 -28.64 -16.43
C GLU A 251 10.21 -29.83 -15.52
N THR A 252 10.53 -30.96 -16.14
CA THR A 252 10.72 -32.21 -15.43
C THR A 252 12.15 -32.44 -15.11
N ARG A 253 13.10 -31.74 -15.73
CA ARG A 253 14.49 -31.90 -15.30
C ARG A 253 14.69 -31.25 -13.94
N THR A 254 15.69 -31.71 -13.22
CA THR A 254 16.27 -31.09 -12.01
C THR A 254 16.63 -29.66 -12.40
N ILE A 255 16.10 -28.69 -11.66
CA ILE A 255 16.38 -27.28 -11.87
C ILE A 255 17.40 -26.87 -10.83
N ILE A 256 18.56 -26.40 -11.32
CA ILE A 256 19.57 -25.72 -10.52
C ILE A 256 19.27 -24.21 -10.46
N SER A 257 19.12 -23.67 -9.26
CA SER A 257 19.17 -22.21 -9.09
C SER A 257 20.65 -21.86 -8.97
N LEU A 258 21.19 -21.23 -9.98
CA LEU A 258 22.58 -20.90 -9.99
C LEU A 258 22.67 -19.44 -9.52
N ASP A 259 23.01 -19.32 -8.25
CA ASP A 259 23.05 -18.07 -7.51
C ASP A 259 24.47 -17.53 -7.70
N THR A 260 24.52 -16.29 -8.16
CA THR A 260 25.77 -15.56 -8.45
C THR A 260 26.28 -14.69 -7.30
N SER A 261 25.58 -14.71 -6.16
CA SER A 261 25.79 -13.72 -5.14
C SER A 261 27.20 -13.83 -4.52
N GLN A 262 27.83 -15.01 -4.57
CA GLN A 262 29.19 -15.16 -4.06
C GLN A 262 30.30 -14.86 -5.12
N MET A 263 29.90 -14.48 -6.34
CA MET A 263 30.80 -14.01 -7.38
C MET A 263 30.71 -12.53 -7.50
N ASN A 264 31.36 -11.84 -6.58
CA ASN A 264 31.01 -10.46 -6.35
C ASN A 264 32.25 -9.60 -6.20
N ARG A 265 33.39 -10.00 -6.76
CA ARG A 265 34.60 -9.22 -6.63
C ARG A 265 34.79 -8.22 -7.76
N ILE A 266 35.49 -7.16 -7.42
CA ILE A 266 36.04 -6.26 -8.41
C ILE A 266 37.43 -6.82 -8.78
N LEU A 267 37.61 -7.25 -10.03
CA LEU A 267 38.84 -7.97 -10.39
C LEU A 267 40.00 -7.02 -10.73
N TRP A 268 39.69 -5.92 -11.39
CA TRP A 268 40.65 -4.87 -11.59
C TRP A 268 39.94 -3.57 -11.89
N VAL A 269 40.61 -2.49 -11.53
CA VAL A 269 40.18 -1.17 -11.81
C VAL A 269 41.29 -0.55 -12.66
N ASP A 270 40.95 -0.19 -13.91
CA ASP A 270 41.89 0.39 -14.87
C ASP A 270 41.68 1.90 -14.89
N GLU A 271 42.55 2.58 -14.19
CA GLU A 271 42.42 4.00 -14.05
C GLU A 271 42.91 4.74 -15.26
N ASN A 272 43.72 4.11 -16.11
CA ASN A 272 44.08 4.74 -17.38
C ASN A 272 42.87 4.82 -18.34
N ASN A 273 42.14 3.75 -18.45
CA ASN A 273 41.05 3.63 -19.42
C ASN A 273 39.70 3.91 -18.79
N LEU A 274 39.67 4.19 -17.48
CA LEU A 274 38.40 4.35 -16.71
C LEU A 274 37.41 3.22 -16.92
N THR A 275 37.86 2.03 -16.60
CA THR A 275 37.04 0.80 -16.67
C THR A 275 37.30 -0.04 -15.44
N ALA A 276 36.28 -0.74 -14.99
CA ALA A 276 36.46 -1.71 -13.97
C ALA A 276 35.98 -3.06 -14.47
N HIS A 277 36.79 -4.09 -14.25
CA HIS A 277 36.36 -5.44 -14.55
C HIS A 277 35.86 -6.14 -13.30
N VAL A 278 34.63 -6.64 -13.34
CA VAL A 278 34.02 -7.16 -12.13
C VAL A 278 33.32 -8.47 -12.34
N GLU A 279 33.17 -9.26 -11.30
CA GLU A 279 32.32 -10.46 -11.36
C GLU A 279 30.83 -10.10 -11.35
N ALA A 280 30.02 -10.96 -11.96
CA ALA A 280 28.69 -10.58 -12.32
C ALA A 280 27.70 -10.60 -11.20
N GLY A 281 28.07 -11.15 -10.06
CA GLY A 281 27.12 -11.24 -8.95
C GLY A 281 27.23 -10.07 -7.97
N ILE A 282 28.07 -9.08 -8.27
CA ILE A 282 28.25 -7.95 -7.40
C ILE A 282 27.00 -7.10 -7.49
N THR A 283 26.47 -6.71 -6.32
CA THR A 283 25.32 -5.79 -6.27
C THR A 283 25.70 -4.34 -6.62
N GLY A 284 24.72 -3.56 -7.02
CA GLY A 284 25.00 -2.16 -7.30
C GLY A 284 25.52 -1.41 -6.09
N GLN A 285 24.94 -1.67 -4.93
CA GLN A 285 25.35 -0.91 -3.70
C GLN A 285 26.80 -1.27 -3.34
N GLU A 286 27.16 -2.55 -3.41
CA GLU A 286 28.52 -3.00 -3.12
C GLU A 286 29.52 -2.52 -4.18
N LEU A 287 29.09 -2.52 -5.43
CA LEU A 287 29.93 -2.03 -6.53
C LEU A 287 30.24 -0.55 -6.29
N GLU A 288 29.22 0.27 -6.01
CA GLU A 288 29.47 1.70 -5.83
C GLU A 288 30.34 1.98 -4.55
N ARG A 289 30.07 1.26 -3.48
CA ARG A 289 30.81 1.44 -2.22
C ARG A 289 32.30 1.16 -2.41
N GLN A 290 32.63 0.01 -2.99
CA GLN A 290 34.04 -0.35 -3.24
C GLN A 290 34.72 0.59 -4.17
N LEU A 291 34.06 0.93 -5.28
CA LEU A 291 34.67 1.84 -6.22
C LEU A 291 34.96 3.25 -5.61
N LYS A 292 34.05 3.73 -4.77
CA LYS A 292 34.14 5.07 -4.17
C LYS A 292 35.37 5.13 -3.24
N GLU A 293 35.80 3.99 -2.71
CA GLU A 293 37.02 3.89 -1.90
C GLU A 293 38.26 4.24 -2.71
N SER A 294 38.25 3.98 -4.02
CA SER A 294 39.36 4.38 -4.87
C SER A 294 39.05 5.67 -5.59
N GLY A 295 37.97 6.39 -5.25
CA GLY A 295 37.62 7.66 -5.95
C GLY A 295 36.74 7.53 -7.20
N TYR A 296 36.07 6.39 -7.42
CA TYR A 296 35.33 6.16 -8.65
C TYR A 296 33.92 5.65 -8.38
N CYS A 297 33.11 5.68 -9.40
CA CYS A 297 31.73 5.15 -9.38
C CYS A 297 31.41 4.71 -10.84
N THR A 298 30.38 3.87 -11.03
CA THR A 298 29.76 3.60 -12.36
C THR A 298 28.63 4.60 -12.62
N GLY A 299 27.91 4.94 -11.55
CA GLY A 299 26.76 5.84 -11.60
C GLY A 299 25.53 5.16 -12.14
N HIS A 300 25.59 3.84 -12.32
CA HIS A 300 24.43 3.03 -12.67
C HIS A 300 23.63 2.76 -11.38
N GLU A 301 22.48 3.39 -11.30
CA GLU A 301 21.67 3.37 -10.05
C GLU A 301 20.20 3.07 -10.34
N PRO A 302 19.89 1.78 -10.53
CA PRO A 302 18.50 1.38 -10.60
C PRO A 302 17.90 1.36 -9.21
N ASP A 303 16.61 1.50 -9.12
CA ASP A 303 15.97 1.54 -7.81
C ASP A 303 16.14 0.26 -7.05
N SER A 304 16.46 -0.86 -7.73
CA SER A 304 16.83 -2.14 -7.05
C SER A 304 18.31 -2.32 -6.64
N LEU A 305 19.14 -1.28 -6.72
CA LEU A 305 20.62 -1.40 -6.62
C LEU A 305 21.13 -2.10 -5.35
N GLU A 306 20.35 -2.06 -4.26
CA GLU A 306 20.70 -2.78 -3.04
C GLU A 306 20.87 -4.24 -3.32
N PHE A 307 20.07 -4.80 -4.24
CA PHE A 307 20.18 -6.23 -4.50
C PHE A 307 20.53 -6.67 -5.93
N SER A 308 20.17 -5.87 -6.92
CA SER A 308 20.36 -6.21 -8.33
C SER A 308 21.85 -6.16 -8.67
N THR A 309 22.22 -7.03 -9.61
CA THR A 309 23.61 -7.33 -9.87
C THR A 309 23.99 -6.93 -11.31
N VAL A 310 25.28 -6.84 -11.53
CA VAL A 310 25.84 -6.57 -12.90
C VAL A 310 25.28 -7.57 -13.96
N GLY A 311 25.28 -8.86 -13.61
CA GLY A 311 24.74 -9.85 -14.46
C GLY A 311 23.27 -9.79 -14.72
N GLY A 312 22.49 -9.50 -13.68
CA GLY A 312 21.11 -9.07 -13.78
C GLY A 312 20.90 -7.90 -14.77
N TRP A 313 21.68 -6.88 -14.59
CA TRP A 313 21.50 -5.65 -15.40
C TRP A 313 21.68 -5.91 -16.84
N ILE A 314 22.75 -6.63 -17.15
CA ILE A 314 23.05 -7.02 -18.52
C ILE A 314 21.96 -7.91 -19.12
N SER A 315 21.47 -8.89 -18.37
CA SER A 315 20.43 -9.82 -18.86
C SER A 315 19.15 -9.13 -19.17
N THR A 316 18.84 -8.09 -18.42
CA THR A 316 17.54 -7.43 -18.57
C THR A 316 17.59 -6.06 -19.19
N ARG A 317 18.73 -5.65 -19.73
CA ARG A 317 18.86 -4.29 -20.23
C ARG A 317 18.39 -3.23 -19.21
N ALA A 318 18.99 -3.29 -18.04
CA ALA A 318 18.61 -2.40 -16.94
C ALA A 318 18.91 -0.95 -17.26
N SER A 319 18.05 -0.10 -16.72
CA SER A 319 18.22 1.35 -16.83
C SER A 319 18.35 1.98 -15.42
N GLY A 320 19.30 2.89 -15.24
CA GLY A 320 19.55 3.54 -13.94
C GLY A 320 19.05 4.97 -13.95
N MET A 321 18.72 5.47 -12.75
CA MET A 321 18.24 6.87 -12.52
C MET A 321 19.11 7.94 -13.21
N LYS A 322 20.41 7.75 -13.24
CA LYS A 322 21.32 8.78 -13.72
C LYS A 322 21.92 8.46 -15.09
N LYS A 323 21.14 7.75 -15.87
CA LYS A 323 21.66 7.33 -17.17
C LYS A 323 21.99 8.53 -18.06
N ASN A 324 21.33 9.66 -17.84
CA ASN A 324 21.67 10.85 -18.66
C ASN A 324 23.18 11.22 -18.53
N ILE A 325 23.84 10.87 -17.42
CA ILE A 325 25.26 11.10 -17.28
C ILE A 325 26.05 9.86 -17.63
N TYR A 326 25.67 8.73 -17.08
CA TYR A 326 26.53 7.53 -17.07
C TYR A 326 26.21 6.53 -18.19
N GLY A 327 25.04 6.70 -18.83
CA GLY A 327 24.43 5.72 -19.73
C GLY A 327 23.56 4.63 -19.08
N ASN A 328 22.78 3.96 -19.90
CA ASN A 328 22.13 2.71 -19.51
C ASN A 328 23.14 1.55 -19.64
N ILE A 329 22.73 0.35 -19.23
CA ILE A 329 23.69 -0.73 -19.14
C ILE A 329 24.43 -0.96 -20.49
N GLU A 330 23.72 -0.88 -21.63
CA GLU A 330 24.35 -1.00 -22.99
C GLU A 330 25.40 0.05 -23.36
N ASP A 331 25.37 1.19 -22.73
CA ASP A 331 26.42 2.21 -22.89
C ASP A 331 27.61 1.97 -21.91
N LEU A 332 27.34 1.32 -20.79
CA LEU A 332 28.30 1.15 -19.71
C LEU A 332 29.23 -0.08 -19.89
N VAL A 333 28.73 -1.12 -20.54
CA VAL A 333 29.50 -2.36 -20.68
C VAL A 333 30.43 -2.29 -21.89
N VAL A 334 31.72 -2.50 -21.67
CA VAL A 334 32.80 -2.44 -22.65
C VAL A 334 33.21 -3.89 -23.01
N HIS A 335 32.87 -4.83 -22.15
CA HIS A 335 33.36 -6.19 -22.27
C HIS A 335 32.57 -7.14 -21.38
N MET A 336 32.44 -8.40 -21.80
CA MET A 336 31.78 -9.40 -21.00
C MET A 336 32.33 -10.81 -21.31
N LYS A 337 32.09 -11.69 -20.37
CA LYS A 337 32.47 -13.06 -20.45
C LYS A 337 31.21 -13.87 -20.10
N VAL A 338 30.82 -14.83 -20.96
CA VAL A 338 29.57 -15.51 -20.84
C VAL A 338 29.81 -17.03 -20.98
N VAL A 339 29.37 -17.81 -20.00
CA VAL A 339 29.45 -19.30 -20.08
C VAL A 339 28.14 -19.83 -20.69
N THR A 340 28.26 -20.45 -21.86
CA THR A 340 27.10 -21.06 -22.54
C THR A 340 27.38 -22.52 -22.70
N PRO A 341 26.35 -23.35 -22.97
CA PRO A 341 26.65 -24.76 -23.22
C PRO A 341 27.59 -25.03 -24.41
N ARG A 342 27.55 -24.15 -25.38
CA ARG A 342 28.40 -24.22 -26.56
C ARG A 342 29.85 -23.86 -26.28
N GLY A 343 30.10 -23.06 -25.26
CA GLY A 343 31.45 -22.58 -24.86
C GLY A 343 31.35 -21.15 -24.32
N VAL A 344 32.51 -20.51 -24.24
CA VAL A 344 32.64 -19.21 -23.60
C VAL A 344 32.63 -18.10 -24.62
N ILE A 345 31.80 -17.09 -24.42
CA ILE A 345 31.77 -15.93 -25.30
C ILE A 345 32.61 -14.90 -24.66
N GLU A 346 33.53 -14.35 -25.43
CA GLU A 346 34.30 -13.22 -25.00
C GLU A 346 35.07 -12.63 -26.20
N LYS A 347 35.02 -11.30 -26.39
CA LYS A 347 35.81 -10.71 -27.43
C LYS A 347 37.28 -10.67 -26.98
N SER A 348 38.20 -10.53 -27.91
CA SER A 348 39.58 -10.61 -27.55
C SER A 348 40.18 -9.27 -27.27
N CYS A 349 39.42 -8.18 -27.33
CA CYS A 349 40.00 -6.91 -26.94
C CYS A 349 39.01 -5.95 -26.28
N GLN A 350 39.59 -4.94 -25.62
CA GLN A 350 38.91 -3.93 -24.81
C GLN A 350 38.84 -2.53 -25.50
N GLY A 351 38.92 -2.52 -26.84
CA GLY A 351 38.79 -1.29 -27.65
C GLY A 351 37.44 -0.65 -27.37
N PRO A 352 37.36 0.68 -27.39
CA PRO A 352 36.11 1.30 -27.01
C PRO A 352 34.94 1.11 -28.00
N ARG A 353 35.22 0.94 -29.28
CA ARG A 353 34.19 0.91 -30.28
C ARG A 353 34.74 0.18 -31.46
N MET A 354 33.98 -0.80 -31.96
CA MET A 354 34.41 -1.61 -33.06
C MET A 354 33.39 -1.76 -34.18
N SER A 355 33.89 -2.15 -35.35
CA SER A 355 33.10 -2.58 -36.46
C SER A 355 33.68 -3.89 -36.92
N THR A 356 33.22 -4.95 -36.27
CA THR A 356 33.61 -6.29 -36.59
C THR A 356 32.38 -7.15 -36.67
N GLY A 357 31.45 -6.73 -37.51
CA GLY A 357 30.18 -7.40 -37.63
C GLY A 357 29.17 -7.06 -36.56
N PRO A 358 28.02 -7.73 -36.55
CA PRO A 358 26.94 -7.49 -35.56
C PRO A 358 27.57 -7.60 -34.21
N ASP A 359 27.21 -6.67 -33.33
CA ASP A 359 27.87 -6.58 -32.02
C ASP A 359 27.31 -7.65 -31.15
N ILE A 360 28.09 -8.69 -30.93
CA ILE A 360 27.62 -9.83 -30.13
C ILE A 360 27.30 -9.52 -28.64
N HIS A 361 27.81 -8.41 -28.12
CA HIS A 361 27.38 -7.98 -26.80
C HIS A 361 25.91 -7.76 -26.78
N HIS A 362 25.35 -7.29 -27.90
CA HIS A 362 23.92 -7.09 -27.95
C HIS A 362 23.10 -8.33 -28.16
N PHE A 363 23.72 -9.45 -28.47
CA PHE A 363 23.03 -10.73 -28.51
C PHE A 363 22.79 -11.21 -27.09
N ILE A 364 23.68 -10.82 -26.17
CA ILE A 364 23.66 -11.20 -24.77
C ILE A 364 22.84 -10.24 -23.92
N MET A 365 23.01 -8.95 -24.15
CA MET A 365 22.25 -7.98 -23.46
C MET A 365 20.80 -8.12 -23.80
N GLY A 366 20.02 -8.36 -22.77
CA GLY A 366 18.62 -8.56 -22.90
C GLY A 366 18.26 -10.01 -23.06
N SER A 367 19.20 -10.94 -22.86
CA SER A 367 18.94 -12.38 -23.04
C SER A 367 18.18 -13.04 -21.88
N GLU A 368 18.05 -12.35 -20.74
CA GLU A 368 17.08 -12.75 -19.67
C GLU A 368 17.29 -14.22 -19.21
N GLY A 369 18.54 -14.60 -19.11
CA GLY A 369 18.97 -15.86 -18.58
C GLY A 369 18.68 -17.06 -19.44
N THR A 370 18.44 -16.85 -20.74
CA THR A 370 18.01 -17.94 -21.63
C THR A 370 19.20 -18.57 -22.41
N LEU A 371 20.37 -17.96 -22.33
CA LEU A 371 21.52 -18.35 -23.15
C LEU A 371 22.72 -18.93 -22.40
N GLY A 372 22.88 -18.53 -21.13
CA GLY A 372 24.08 -18.84 -20.38
C GLY A 372 24.22 -17.90 -19.21
N VAL A 373 25.36 -18.00 -18.52
CA VAL A 373 25.68 -17.17 -17.36
C VAL A 373 26.71 -16.14 -17.71
N ILE A 374 26.36 -14.86 -17.48
CA ILE A 374 27.33 -13.80 -17.62
C ILE A 374 28.16 -13.86 -16.34
N THR A 375 29.46 -14.10 -16.45
CA THR A 375 30.27 -14.32 -15.22
C THR A 375 31.06 -13.09 -14.77
N GLU A 376 31.48 -12.27 -15.74
CA GLU A 376 32.34 -11.10 -15.51
C GLU A 376 31.98 -10.07 -16.58
N ALA A 377 32.22 -8.80 -16.29
CA ALA A 377 32.01 -7.73 -17.25
C ALA A 377 32.90 -6.62 -16.88
N THR A 378 33.29 -5.85 -17.89
CA THR A 378 33.99 -4.58 -17.70
C THR A 378 33.05 -3.45 -17.96
N ILE A 379 33.06 -2.50 -17.05
CA ILE A 379 32.08 -1.45 -17.00
C ILE A 379 32.83 -0.15 -16.87
N LYS A 380 32.41 0.85 -17.63
CA LYS A 380 32.98 2.21 -17.53
C LYS A 380 32.75 2.83 -16.17
N ILE A 381 33.78 3.53 -15.68
CA ILE A 381 33.69 4.19 -14.37
C ILE A 381 34.02 5.62 -14.60
N ARG A 382 33.68 6.41 -13.61
CA ARG A 382 33.90 7.82 -13.59
C ARG A 382 34.46 8.24 -12.23
N PRO A 383 35.31 9.28 -12.16
CA PRO A 383 35.60 9.93 -10.87
C PRO A 383 34.31 10.19 -10.09
N THR A 384 34.26 9.86 -8.83
CA THR A 384 33.11 10.19 -7.99
C THR A 384 32.76 11.69 -8.13
N PRO A 385 31.50 12.01 -8.38
CA PRO A 385 31.18 13.44 -8.56
C PRO A 385 31.49 14.24 -7.28
N GLU A 386 32.01 15.43 -7.44
CA GLU A 386 32.41 16.22 -6.27
C GLU A 386 31.18 16.77 -5.54
N TYR A 387 30.06 16.89 -6.24
CA TYR A 387 28.94 17.63 -5.68
C TYR A 387 27.64 17.19 -6.27
N GLN A 388 26.60 17.14 -5.43
CA GLN A 388 25.25 16.85 -5.88
C GLN A 388 24.32 17.96 -5.43
N LYS A 389 23.39 18.33 -6.31
CA LYS A 389 22.42 19.37 -6.08
C LYS A 389 21.03 18.86 -6.47
N TYR A 390 20.12 18.87 -5.50
CA TYR A 390 18.75 18.51 -5.73
C TYR A 390 17.91 19.73 -5.89
N GLY A 391 16.76 19.54 -6.53
CA GLY A 391 15.90 20.63 -6.88
C GLY A 391 14.54 20.09 -7.29
N SER A 392 13.57 20.99 -7.39
CA SER A 392 12.21 20.67 -7.80
C SER A 392 11.54 21.92 -8.43
N VAL A 393 10.63 21.70 -9.39
CA VAL A 393 9.97 22.74 -10.23
C VAL A 393 8.51 22.37 -10.36
N ALA A 394 7.60 23.30 -10.08
CA ALA A 394 6.17 23.07 -10.24
C ALA A 394 5.68 23.71 -11.53
N PHE A 395 4.79 23.00 -12.23
CA PHE A 395 4.24 23.46 -13.51
C PHE A 395 2.72 23.51 -13.28
N PRO A 396 1.99 24.36 -14.01
CA PRO A 396 0.53 24.48 -13.92
C PRO A 396 -0.21 23.24 -14.20
N ASN A 397 0.31 22.41 -15.08
CA ASN A 397 -0.20 21.07 -15.29
C ASN A 397 0.84 20.15 -15.87
N PHE A 398 0.45 18.91 -16.00
CA PHE A 398 1.32 17.85 -16.48
C PHE A 398 1.79 18.07 -17.92
N GLU A 399 0.90 18.53 -18.76
CA GLU A 399 1.17 18.79 -20.14
C GLU A 399 2.30 19.84 -20.30
N GLN A 400 2.23 20.93 -19.54
CA GLN A 400 3.29 21.91 -19.53
C GLN A 400 4.63 21.35 -19.02
N GLY A 401 4.55 20.51 -17.99
CA GLY A 401 5.73 19.77 -17.56
C GLY A 401 6.37 18.92 -18.67
N VAL A 402 5.54 18.21 -19.46
CA VAL A 402 6.04 17.33 -20.55
C VAL A 402 6.70 18.18 -21.65
N ALA A 403 6.09 19.33 -21.94
CA ALA A 403 6.64 20.29 -22.93
C ALA A 403 8.00 20.82 -22.48
N CYS A 404 8.12 21.07 -21.19
CA CYS A 404 9.41 21.48 -20.61
C CYS A 404 10.52 20.40 -20.71
N LEU A 405 10.21 19.19 -20.27
CA LEU A 405 11.12 18.06 -20.38
C LEU A 405 11.58 17.85 -21.83
N ARG A 406 10.65 17.98 -22.75
CA ARG A 406 10.90 17.88 -24.16
C ARG A 406 11.83 18.95 -24.66
N GLU A 407 11.63 20.19 -24.26
CA GLU A 407 12.59 21.22 -24.58
C GLU A 407 13.98 21.00 -23.95
N ILE A 408 14.05 20.44 -22.72
CA ILE A 408 15.30 20.19 -22.01
C ILE A 408 16.06 19.15 -22.85
N ALA A 409 15.30 18.15 -23.32
CA ALA A 409 15.82 17.11 -24.21
C ALA A 409 16.24 17.71 -25.56
N LYS A 410 15.46 18.65 -26.06
CA LYS A 410 15.78 19.32 -27.30
C LYS A 410 17.09 20.11 -27.29
N GLN A 411 17.37 20.80 -26.18
CA GLN A 411 18.64 21.47 -25.96
C GLN A 411 19.73 20.51 -25.35
N ARG A 412 19.44 19.22 -25.23
CA ARG A 412 20.39 18.24 -24.67
C ARG A 412 21.05 18.72 -23.37
N CYS A 413 20.27 19.27 -22.45
CA CYS A 413 20.79 19.64 -21.17
C CYS A 413 20.04 18.98 -20.02
N ALA A 414 19.70 17.69 -20.16
CA ALA A 414 19.06 17.01 -19.08
C ALA A 414 20.06 16.85 -17.94
N PRO A 415 19.63 17.02 -16.69
CA PRO A 415 20.52 16.79 -15.55
C PRO A 415 20.70 15.29 -15.29
N ALA A 416 21.54 14.93 -14.30
CA ALA A 416 21.70 13.53 -13.93
C ALA A 416 20.34 12.82 -13.94
N SER A 417 19.34 13.43 -13.31
CA SER A 417 18.02 12.81 -13.27
C SER A 417 16.99 13.92 -13.26
N ILE A 418 15.96 13.75 -14.06
CA ILE A 418 14.79 14.61 -13.98
C ILE A 418 13.56 13.75 -14.08
N ARG A 419 12.61 13.97 -13.19
CA ARG A 419 11.41 13.14 -13.11
C ARG A 419 10.20 14.03 -12.93
N LEU A 420 9.21 13.84 -13.77
CA LEU A 420 8.01 14.70 -13.78
C LEU A 420 6.86 13.89 -13.26
N MET A 421 6.35 14.23 -12.12
CA MET A 421 5.22 13.49 -11.57
C MET A 421 3.89 14.18 -11.81
N ASP A 422 2.86 13.37 -11.94
CA ASP A 422 1.53 13.89 -12.19
C ASP A 422 0.98 14.47 -10.87
N ASN A 423 -0.18 15.11 -10.97
CA ASN A 423 -0.77 15.73 -9.80
C ASN A 423 -1.03 14.74 -8.65
N GLN A 424 -1.58 13.57 -8.93
CA GLN A 424 -1.78 12.57 -7.83
C GLN A 424 -0.51 12.22 -7.12
N GLN A 425 0.60 12.03 -7.85
CA GLN A 425 1.93 11.81 -7.18
C GLN A 425 2.43 13.03 -6.45
N PHE A 426 2.16 14.21 -6.99
CA PHE A 426 2.42 15.42 -6.24
C PHE A 426 1.65 15.40 -4.90
N GLN A 427 0.40 14.99 -4.92
CA GLN A 427 -0.37 14.94 -3.66
C GLN A 427 0.17 13.92 -2.70
N PHE A 428 0.63 12.81 -3.25
CA PHE A 428 1.19 11.74 -2.47
C PHE A 428 2.44 12.20 -1.76
N GLY A 429 3.35 12.80 -2.52
CA GLY A 429 4.54 13.43 -1.99
C GLY A 429 4.21 14.41 -0.88
N HIS A 430 3.17 15.19 -1.07
CA HIS A 430 2.80 16.14 -0.05
C HIS A 430 2.38 15.41 1.24
N ALA A 431 1.68 14.31 1.10
CA ALA A 431 1.21 13.53 2.22
C ALA A 431 2.28 12.72 2.97
N LEU A 432 3.55 12.73 2.52
CA LEU A 432 4.69 12.11 3.28
C LEU A 432 5.64 13.09 3.96
N LYS A 433 5.21 14.34 4.11
CA LYS A 433 5.94 15.38 4.83
C LYS A 433 5.67 15.32 6.36
N PRO A 434 6.48 16.04 7.16
CA PRO A 434 6.35 15.85 8.61
C PRO A 434 5.35 16.78 9.34
N GLN A 435 5.00 17.96 8.81
CA GLN A 435 4.13 18.91 9.59
C GLN A 435 2.73 18.34 9.82
N VAL A 436 2.26 18.33 11.08
CA VAL A 436 1.00 17.66 11.45
C VAL A 436 -0.15 18.62 11.20
N SER A 437 -1.03 18.26 10.28
CA SER A 437 -2.17 19.08 9.90
C SER A 437 -3.33 18.96 10.89
N SER A 438 -4.25 19.92 10.81
CA SER A 438 -5.52 19.83 11.54
C SER A 438 -6.34 18.65 11.04
N ILE A 439 -6.85 17.91 12.00
CA ILE A 439 -7.88 16.89 11.79
C ILE A 439 -9.23 17.46 11.25
N PHE A 440 -9.44 18.77 11.35
CA PHE A 440 -10.65 19.39 10.86
C PHE A 440 -10.52 20.13 9.52
N THR A 441 -9.35 20.13 8.85
CA THR A 441 -9.21 20.89 7.58
C THR A 441 -8.91 20.12 6.28
N SER A 442 -9.40 18.89 6.16
CA SER A 442 -9.73 18.30 4.84
C SER A 442 -8.62 17.79 3.90
N PHE A 443 -7.38 18.21 4.02
CA PHE A 443 -6.31 17.64 3.15
C PHE A 443 -6.25 18.40 1.83
N LEU A 444 -7.26 18.21 0.95
CA LEU A 444 -7.41 19.01 -0.27
C LEU A 444 -7.39 20.50 0.06
N ASP A 445 -8.19 20.92 1.05
CA ASP A 445 -8.17 22.33 1.53
C ASP A 445 -6.83 22.65 2.23
N GLY A 446 -6.34 21.71 3.04
CA GLY A 446 -5.00 21.81 3.66
C GLY A 446 -3.94 22.10 2.60
N LEU A 447 -3.93 21.27 1.57
CA LEU A 447 -2.93 21.30 0.49
C LEU A 447 -3.00 22.60 -0.28
N LYS A 448 -4.22 22.92 -0.67
CA LYS A 448 -4.57 24.19 -1.31
C LYS A 448 -4.10 25.45 -0.52
N LYS A 449 -4.33 25.47 0.80
CA LYS A 449 -3.95 26.62 1.63
C LYS A 449 -2.43 26.70 1.75
N PHE A 450 -1.83 25.58 2.08
CA PHE A 450 -0.37 25.41 2.03
C PHE A 450 0.33 25.97 0.75
N ASP A 459 -3.59 25.86 -9.72
CA ASP A 459 -4.59 24.87 -9.33
C ASP A 459 -3.90 23.66 -8.69
N PRO A 460 -4.21 23.38 -7.43
CA PRO A 460 -3.52 22.30 -6.73
C PRO A 460 -3.97 20.89 -7.12
N ASN A 461 -5.09 20.76 -7.85
CA ASN A 461 -5.51 19.48 -8.43
C ASN A 461 -4.99 19.32 -9.84
N GLN A 462 -4.34 20.35 -10.39
CA GLN A 462 -3.74 20.28 -11.72
C GLN A 462 -2.22 20.32 -11.73
N LEU A 463 -1.62 20.87 -10.71
CA LEU A 463 -0.23 21.22 -10.77
C LEU A 463 0.60 19.91 -10.87
N SER A 464 1.69 19.93 -11.65
CA SER A 464 2.65 18.80 -11.68
C SER A 464 4.01 19.33 -11.20
N VAL A 465 4.84 18.43 -10.67
CA VAL A 465 6.14 18.80 -10.11
C VAL A 465 7.21 17.93 -10.76
N ALA A 466 8.27 18.54 -11.22
CA ALA A 466 9.45 17.82 -11.66
C ALA A 466 10.50 17.83 -10.52
N THR A 467 11.07 16.68 -10.16
CA THR A 467 12.24 16.65 -9.26
C THR A 467 13.53 16.45 -10.05
N LEU A 468 14.64 16.95 -9.50
CA LEU A 468 15.84 17.12 -10.29
C LEU A 468 17.06 16.83 -9.46
N LEU A 469 18.03 16.17 -10.09
CA LEU A 469 19.32 15.92 -9.46
C LEU A 469 20.40 16.29 -10.45
N PHE A 470 21.37 17.05 -9.96
CA PHE A 470 22.53 17.43 -10.76
C PHE A 470 23.71 16.89 -10.04
N GLU A 471 24.70 16.35 -10.73
CA GLU A 471 25.95 16.02 -10.07
C GLU A 471 27.15 16.14 -11.00
N GLY A 472 28.32 16.41 -10.42
CA GLY A 472 29.53 16.69 -11.17
C GLY A 472 30.37 17.71 -10.42
N ASP A 473 31.14 18.48 -11.18
CA ASP A 473 31.95 19.56 -10.64
C ASP A 473 31.03 20.64 -10.12
N ARG A 474 31.29 21.17 -8.93
CA ARG A 474 30.37 22.13 -8.29
C ARG A 474 30.02 23.28 -9.23
N GLU A 475 31.06 23.90 -9.77
CA GLU A 475 30.92 24.97 -10.78
C GLU A 475 29.95 24.58 -11.92
N LYS A 476 30.21 23.47 -12.58
CA LYS A 476 29.36 23.03 -13.73
C LYS A 476 27.92 22.70 -13.28
N VAL A 477 27.80 21.98 -12.18
CA VAL A 477 26.50 21.61 -11.61
C VAL A 477 25.59 22.84 -11.47
N LEU A 478 26.14 23.90 -10.88
CA LEU A 478 25.35 25.09 -10.54
C LEU A 478 25.03 25.94 -11.79
N GLN A 479 25.96 26.03 -12.75
CA GLN A 479 25.63 26.62 -14.04
C GLN A 479 24.54 25.83 -14.71
N HIS A 480 24.68 24.49 -14.69
CA HIS A 480 23.72 23.60 -15.36
C HIS A 480 22.34 23.75 -14.74
N GLU A 481 22.28 23.87 -13.42
CA GLU A 481 20.99 23.98 -12.77
C GLU A 481 20.31 25.27 -13.18
N LYS A 482 21.07 26.38 -13.17
CA LYS A 482 20.51 27.62 -13.66
C LYS A 482 19.92 27.46 -15.07
N GLN A 483 20.67 26.80 -15.96
CA GLN A 483 20.22 26.60 -17.36
C GLN A 483 18.87 25.88 -17.45
N VAL A 484 18.72 24.81 -16.70
CA VAL A 484 17.49 24.04 -16.69
C VAL A 484 16.30 24.80 -16.11
N TYR A 485 16.55 25.52 -15.01
CA TYR A 485 15.49 26.37 -14.36
C TYR A 485 15.04 27.56 -15.21
N ASP A 486 15.96 28.14 -15.99
CA ASP A 486 15.55 29.10 -17.02
C ASP A 486 14.64 28.53 -18.14
N ILE A 487 14.92 27.34 -18.66
CA ILE A 487 14.02 26.69 -19.61
C ILE A 487 12.66 26.47 -18.96
N ALA A 488 12.68 25.96 -17.74
CA ALA A 488 11.45 25.64 -17.05
C ALA A 488 10.59 26.89 -16.81
N ALA A 489 11.22 28.02 -16.54
CA ALA A 489 10.47 29.31 -16.41
C ALA A 489 9.62 29.57 -17.64
N LYS A 490 10.07 29.15 -18.81
CA LYS A 490 9.31 29.46 -20.03
C LYS A 490 8.01 28.67 -20.19
N PHE A 491 7.86 27.60 -19.40
CA PHE A 491 6.68 26.75 -19.45
C PHE A 491 5.81 26.91 -18.19
N GLY A 492 6.02 28.03 -17.52
CA GLY A 492 5.25 28.39 -16.35
C GLY A 492 5.88 27.83 -15.11
N GLY A 493 7.14 27.38 -15.20
CA GLY A 493 7.77 26.67 -14.08
C GLY A 493 8.26 27.58 -12.97
N LEU A 494 7.88 27.26 -11.73
CA LEU A 494 8.27 27.93 -10.49
C LEU A 494 9.09 27.02 -9.59
N ALA A 495 10.22 27.53 -9.12
CA ALA A 495 11.12 26.75 -8.29
C ALA A 495 10.33 26.26 -7.09
N ALA A 496 10.50 25.01 -6.72
CA ALA A 496 9.70 24.39 -5.70
C ALA A 496 10.46 23.83 -4.51
N GLY A 497 11.79 24.04 -4.44
CA GLY A 497 12.58 23.69 -3.27
C GLY A 497 13.44 22.44 -3.43
N GLU A 498 14.71 22.52 -3.02
CA GLU A 498 15.54 21.35 -3.04
C GLU A 498 15.07 20.31 -2.07
N ASP A 499 14.45 20.77 -1.00
CA ASP A 499 13.82 19.92 0.00
C ASP A 499 12.91 18.86 -0.64
N ASN A 500 12.06 19.26 -1.58
CA ASN A 500 11.20 18.28 -2.27
C ASN A 500 11.96 17.36 -3.23
N GLY A 501 12.96 17.90 -3.92
CA GLY A 501 13.81 17.06 -4.72
C GLY A 501 14.55 16.06 -3.88
N GLN A 502 15.13 16.55 -2.80
CA GLN A 502 15.80 15.68 -1.89
C GLN A 502 14.84 14.58 -1.37
N ARG A 503 13.62 14.92 -0.97
CA ARG A 503 12.68 13.92 -0.44
C ARG A 503 12.27 12.93 -1.51
N GLY A 504 12.01 13.43 -2.72
CA GLY A 504 11.71 12.60 -3.87
C GLY A 504 12.76 11.52 -4.10
N TYR A 505 14.02 11.90 -4.06
CA TYR A 505 15.10 10.93 -4.28
C TYR A 505 15.27 9.92 -3.20
N LEU A 506 15.11 10.29 -1.94
CA LEU A 506 15.13 9.32 -0.85
C LEU A 506 13.93 8.34 -0.86
N LEU A 507 12.73 8.84 -1.15
CA LEU A 507 11.56 7.96 -1.27
C LEU A 507 11.72 6.80 -2.27
N THR A 508 12.54 6.99 -3.31
CA THR A 508 12.72 5.97 -4.35
C THR A 508 13.04 4.57 -3.82
N TYR A 509 13.85 4.46 -2.75
CA TYR A 509 14.28 3.17 -2.18
C TYR A 509 13.34 2.68 -1.06
N VAL A 510 12.28 3.42 -0.77
CA VAL A 510 11.33 3.12 0.34
C VAL A 510 9.98 2.65 -0.18
N ILE A 511 9.68 3.04 -1.41
CA ILE A 511 8.37 2.79 -2.00
C ILE A 511 8.11 1.29 -2.10
N ALA A 512 9.14 0.53 -2.46
CA ALA A 512 9.03 -0.92 -2.51
C ALA A 512 8.50 -1.53 -1.22
N TYR A 513 8.85 -0.96 -0.07
CA TYR A 513 8.33 -1.42 1.24
C TYR A 513 6.85 -1.13 1.44
N MET A 514 6.27 -0.27 0.61
CA MET A 514 4.86 0.04 0.69
C MET A 514 3.87 -1.01 0.17
N ARG A 515 4.33 -1.92 -0.70
CA ARG A 515 3.54 -3.10 -1.13
C ARG A 515 3.17 -3.96 0.02
N ASP A 516 4.19 -4.24 0.82
CA ASP A 516 4.11 -5.13 1.94
C ASP A 516 2.99 -4.54 2.86
N LEU A 517 3.04 -3.22 3.09
CA LEU A 517 2.03 -2.47 3.86
C LEU A 517 0.63 -2.56 3.30
N GLY A 518 0.51 -2.32 2.01
CA GLY A 518 -0.77 -2.28 1.36
C GLY A 518 -1.43 -3.65 1.37
N LEU A 519 -0.63 -4.69 1.22
CA LEU A 519 -1.15 -6.04 1.29
C LEU A 519 -1.71 -6.38 2.63
N GLU A 520 -1.31 -5.67 3.70
CA GLU A 520 -1.95 -5.90 4.98
C GLU A 520 -3.40 -5.36 5.06
N TYR A 521 -3.77 -4.49 4.13
CA TYR A 521 -5.04 -3.77 4.17
C TYR A 521 -5.84 -3.89 2.91
N TYR A 522 -5.76 -5.04 2.26
CA TYR A 522 -6.59 -5.36 1.07
C TYR A 522 -6.24 -4.49 -0.16
N ILE A 523 -5.01 -4.00 -0.21
CA ILE A 523 -4.58 -3.16 -1.32
C ILE A 523 -3.48 -3.86 -2.09
N ILE A 524 -3.72 -4.05 -3.36
CA ILE A 524 -2.71 -4.66 -4.27
C ILE A 524 -2.41 -3.66 -5.36
N GLY A 525 -1.17 -3.70 -5.80
CA GLY A 525 -0.79 -2.89 -6.92
C GLY A 525 0.59 -3.22 -7.42
N GLU A 526 0.96 -2.56 -8.48
CA GLU A 526 2.24 -2.81 -9.10
C GLU A 526 2.52 -1.61 -9.97
N SER A 527 3.79 -1.43 -10.32
CA SER A 527 4.22 -0.42 -11.24
C SER A 527 4.51 -1.07 -12.52
N PHE A 528 4.40 -0.30 -13.59
CA PHE A 528 4.77 -0.78 -14.94
C PHE A 528 5.20 0.41 -15.75
N GLU A 529 5.80 0.13 -16.89
CA GLU A 529 6.49 1.18 -17.60
C GLU A 529 6.47 0.96 -19.09
N THR A 530 6.78 2.03 -19.80
CA THR A 530 6.91 1.99 -21.26
C THR A 530 7.84 3.08 -21.68
N SER A 531 8.26 3.07 -22.94
CA SER A 531 8.91 4.22 -23.56
C SER A 531 8.06 4.63 -24.76
N ALA A 532 8.06 5.89 -25.07
CA ALA A 532 7.23 6.34 -26.13
C ALA A 532 7.79 7.60 -26.79
N PRO A 533 7.46 7.80 -28.08
CA PRO A 533 7.82 9.06 -28.73
C PRO A 533 7.25 10.25 -28.00
N TRP A 534 7.92 11.40 -28.10
CA TRP A 534 7.49 12.61 -27.40
C TRP A 534 6.07 12.99 -27.70
N ASP A 535 5.69 12.89 -28.96
CA ASP A 535 4.35 13.31 -29.32
C ASP A 535 3.21 12.37 -28.89
N ARG A 536 3.54 11.19 -28.37
CA ARG A 536 2.52 10.26 -27.81
C ARG A 536 2.40 10.31 -26.31
N VAL A 537 3.34 10.94 -25.61
CA VAL A 537 3.44 10.86 -24.16
C VAL A 537 2.15 11.30 -23.41
N VAL A 538 1.62 12.47 -23.73
CA VAL A 538 0.49 13.00 -22.94
C VAL A 538 -0.78 12.17 -23.17
N ASP A 539 -1.06 11.90 -24.44
CA ASP A 539 -2.20 11.09 -24.85
C ASP A 539 -2.10 9.67 -24.31
N LEU A 540 -0.89 9.11 -24.38
CA LEU A 540 -0.67 7.77 -23.82
C LEU A 540 -1.03 7.71 -22.33
N CYS A 541 -0.49 8.64 -21.58
CA CYS A 541 -0.70 8.70 -20.14
C CYS A 541 -2.18 8.84 -19.80
N ARG A 542 -2.83 9.83 -20.44
CA ARG A 542 -4.30 10.01 -20.30
C ARG A 542 -5.05 8.73 -20.64
N ASN A 543 -4.74 8.16 -21.79
CA ASN A 543 -5.49 6.98 -22.22
C ASN A 543 -5.28 5.73 -21.41
N VAL A 544 -4.06 5.49 -20.94
CA VAL A 544 -3.80 4.28 -20.10
C VAL A 544 -4.52 4.38 -18.75
N LYS A 545 -4.48 5.56 -18.15
CA LYS A 545 -5.18 5.82 -16.88
C LYS A 545 -6.66 5.67 -16.96
N GLU A 546 -7.24 6.12 -18.08
CA GLU A 546 -8.64 5.90 -18.37
C GLU A 546 -9.01 4.44 -18.63
N ARG A 547 -8.16 3.70 -19.34
CA ARG A 547 -8.39 2.26 -19.58
C ARG A 547 -8.43 1.51 -18.29
N ILE A 548 -7.47 1.80 -17.42
CA ILE A 548 -7.40 1.16 -16.11
C ILE A 548 -8.63 1.45 -15.25
N ARG A 549 -9.12 2.69 -15.33
CA ARG A 549 -10.39 3.04 -14.66
C ARG A 549 -11.55 2.28 -15.24
N ARG A 550 -11.63 2.21 -16.56
CA ARG A 550 -12.75 1.52 -17.19
C ARG A 550 -12.73 0.07 -16.82
N GLU A 551 -11.55 -0.54 -16.91
CA GLU A 551 -11.42 -1.97 -16.69
C GLU A 551 -11.73 -2.42 -15.27
N CYS A 552 -11.30 -1.64 -14.28
CA CYS A 552 -11.56 -1.96 -12.85
C CYS A 552 -13.08 -1.93 -12.54
N LYS A 553 -13.69 -0.87 -12.99
CA LYS A 553 -15.13 -0.70 -12.89
C LYS A 553 -15.82 -1.89 -13.55
N GLU A 554 -15.44 -2.22 -14.77
CA GLU A 554 -16.07 -3.32 -15.49
C GLU A 554 -15.90 -4.69 -14.81
N LYS A 555 -14.81 -4.85 -14.07
CA LYS A 555 -14.51 -6.12 -13.41
C LYS A 555 -14.96 -6.17 -11.97
N GLY A 556 -15.71 -5.17 -11.53
CA GLY A 556 -16.31 -5.19 -10.20
C GLY A 556 -15.57 -4.50 -9.06
N VAL A 557 -14.46 -3.85 -9.36
CA VAL A 557 -13.68 -3.13 -8.34
C VAL A 557 -14.57 -2.02 -7.81
N GLN A 558 -14.66 -1.85 -6.50
CA GLN A 558 -15.66 -0.93 -5.93
C GLN A 558 -15.23 0.52 -5.90
N PHE A 559 -14.01 0.78 -5.45
CA PHE A 559 -13.46 2.14 -5.41
C PHE A 559 -12.77 2.37 -6.81
N PRO A 560 -12.75 3.62 -7.32
CA PRO A 560 -11.86 3.85 -8.49
C PRO A 560 -10.37 3.58 -8.17
N PRO A 561 -9.65 2.89 -9.06
CA PRO A 561 -8.24 2.52 -8.72
C PRO A 561 -7.33 3.74 -8.64
N LEU A 562 -6.26 3.68 -7.85
CA LEU A 562 -5.17 4.64 -7.98
C LEU A 562 -4.48 4.34 -9.32
N SER A 563 -4.27 5.35 -10.10
CA SER A 563 -3.72 5.10 -11.42
C SER A 563 -3.02 6.39 -11.77
N THR A 564 -1.70 6.34 -11.66
CA THR A 564 -0.90 7.54 -11.66
C THR A 564 0.36 7.29 -12.54
N CYS A 565 1.00 8.36 -12.96
CA CYS A 565 2.19 8.30 -13.82
C CYS A 565 3.26 9.36 -13.57
N ARG A 566 4.47 9.04 -14.02
CA ARG A 566 5.51 10.02 -14.09
C ARG A 566 6.46 9.74 -15.23
N VAL A 567 7.09 10.79 -15.74
CA VAL A 567 8.12 10.64 -16.77
C VAL A 567 9.43 10.54 -16.07
N THR A 568 10.11 9.39 -16.17
CA THR A 568 11.35 9.16 -15.44
C THR A 568 12.63 9.35 -16.26
N GLN A 569 12.59 9.28 -17.57
CA GLN A 569 13.79 9.50 -18.40
C GLN A 569 13.43 10.27 -19.65
N THR A 570 14.35 11.11 -20.09
CA THR A 570 14.22 11.78 -21.33
C THR A 570 15.30 11.25 -22.26
N TYR A 571 14.93 11.07 -23.54
CA TYR A 571 15.84 10.81 -24.65
C TYR A 571 15.57 11.80 -25.74
N ASP A 572 16.47 11.80 -26.74
CA ASP A 572 16.29 12.59 -27.91
C ASP A 572 14.88 12.29 -28.56
N ALA A 573 14.58 10.99 -28.74
CA ALA A 573 13.37 10.59 -29.50
C ALA A 573 12.14 10.27 -28.65
N GLY A 574 12.19 10.50 -27.35
CA GLY A 574 11.02 10.26 -26.47
C GLY A 574 11.32 10.13 -25.01
N ALA A 575 10.40 9.49 -24.30
CA ALA A 575 10.52 9.37 -22.84
C ALA A 575 10.14 8.02 -22.25
N CYS A 576 10.62 7.79 -21.01
CA CYS A 576 10.20 6.61 -20.26
C CYS A 576 9.04 7.08 -19.42
N ILE A 577 7.93 6.38 -19.54
CA ILE A 577 6.78 6.64 -18.68
C ILE A 577 6.60 5.54 -17.67
N TYR A 578 6.39 5.90 -16.42
CA TYR A 578 6.28 4.93 -15.32
C TYR A 578 4.94 5.10 -14.62
N PHE A 579 4.20 4.01 -14.53
CA PHE A 579 2.87 4.04 -14.00
C PHE A 579 2.85 3.30 -12.70
N TYR A 580 1.98 3.71 -11.77
CA TYR A 580 1.59 2.88 -10.64
C TYR A 580 0.09 2.64 -10.75
N PHE A 581 -0.30 1.42 -10.42
CA PHE A 581 -1.68 0.97 -10.42
C PHE A 581 -1.93 0.26 -9.09
N ALA A 582 -2.92 0.74 -8.34
CA ALA A 582 -3.38 0.02 -7.18
C ALA A 582 -4.90 0.11 -6.93
N PHE A 583 -5.41 -0.87 -6.22
CA PHE A 583 -6.82 -0.89 -5.76
C PHE A 583 -7.03 -1.79 -4.53
N ASN A 584 -7.99 -1.36 -3.73
CA ASN A 584 -8.62 -2.15 -2.70
C ASN A 584 -9.39 -3.29 -3.35
N TYR A 585 -9.05 -4.53 -3.01
CA TYR A 585 -9.74 -5.69 -3.66
C TYR A 585 -10.94 -6.36 -2.88
N ARG A 586 -11.41 -5.73 -1.80
CA ARG A 586 -12.54 -6.31 -1.06
C ARG A 586 -13.79 -6.39 -1.91
N GLY A 587 -14.52 -7.48 -1.72
CA GLY A 587 -15.68 -7.80 -2.52
C GLY A 587 -15.38 -8.42 -3.88
N ILE A 588 -14.09 -8.65 -4.19
CA ILE A 588 -13.70 -9.28 -5.45
C ILE A 588 -13.34 -10.74 -5.13
N SER A 589 -13.83 -11.62 -5.99
CA SER A 589 -13.80 -13.05 -5.80
C SER A 589 -12.46 -13.68 -6.25
N ASP A 590 -11.85 -13.10 -7.29
CA ASP A 590 -10.52 -13.50 -7.73
C ASP A 590 -9.72 -12.20 -8.02
N PRO A 591 -9.18 -11.59 -6.95
CA PRO A 591 -8.49 -10.29 -7.08
C PRO A 591 -7.22 -10.31 -7.95
N LEU A 592 -6.49 -11.42 -7.90
CA LEU A 592 -5.34 -11.60 -8.76
C LEU A 592 -5.73 -11.67 -10.21
N ALA A 593 -6.85 -12.29 -10.50
CA ALA A 593 -7.30 -12.41 -11.88
C ALA A 593 -7.62 -11.02 -12.38
N VAL A 594 -8.31 -10.26 -11.53
CA VAL A 594 -8.71 -8.92 -11.85
C VAL A 594 -7.51 -8.00 -12.09
N PHE A 595 -6.49 -8.10 -11.23
CA PHE A 595 -5.29 -7.33 -11.37
C PHE A 595 -4.59 -7.75 -12.66
N GLU A 596 -4.31 -9.03 -12.76
CA GLU A 596 -3.65 -9.59 -13.90
C GLU A 596 -4.30 -9.10 -15.17
N GLN A 597 -5.62 -9.22 -15.28
CA GLN A 597 -6.30 -8.84 -16.53
C GLN A 597 -6.29 -7.32 -16.81
N THR A 598 -6.38 -6.52 -15.73
CA THR A 598 -6.29 -5.07 -15.87
C THR A 598 -4.88 -4.63 -16.30
N GLU A 599 -3.86 -5.22 -15.68
CA GLU A 599 -2.46 -5.04 -16.09
C GLU A 599 -2.32 -5.29 -17.59
N ALA A 600 -2.84 -6.44 -18.07
CA ALA A 600 -2.67 -6.81 -19.49
C ALA A 600 -3.39 -5.82 -20.40
N ALA A 601 -4.56 -5.33 -19.97
CA ALA A 601 -5.35 -4.34 -20.73
C ALA A 601 -4.69 -2.96 -20.81
N ALA A 602 -4.04 -2.55 -19.71
CA ALA A 602 -3.24 -1.34 -19.69
C ALA A 602 -2.11 -1.43 -20.70
N ARG A 603 -1.49 -2.60 -20.77
CA ARG A 603 -0.45 -2.88 -21.74
C ARG A 603 -0.92 -2.82 -23.17
N GLU A 604 -2.10 -3.43 -23.43
CA GLU A 604 -2.73 -3.29 -24.74
C GLU A 604 -2.96 -1.79 -25.05
N GLU A 605 -3.44 -1.02 -24.08
CA GLU A 605 -3.62 0.42 -24.30
C GLU A 605 -2.30 1.17 -24.63
N ILE A 606 -1.23 0.83 -23.90
CA ILE A 606 0.11 1.39 -24.14
C ILE A 606 0.56 1.18 -25.59
N LEU A 607 0.47 -0.07 -26.04
CA LEU A 607 0.92 -0.46 -27.38
C LEU A 607 0.07 0.22 -28.46
N ALA A 608 -1.23 0.31 -28.18
CA ALA A 608 -2.13 1.00 -29.07
C ALA A 608 -1.88 2.51 -29.09
N ASN A 609 -1.30 3.07 -28.04
CA ASN A 609 -0.87 4.48 -28.09
C ASN A 609 0.57 4.79 -28.60
N GLY A 610 1.23 3.82 -29.21
CA GLY A 610 2.60 4.00 -29.68
C GLY A 610 3.71 3.81 -28.62
N GLY A 611 3.33 3.33 -27.44
CA GLY A 611 4.28 2.91 -26.41
C GLY A 611 4.96 1.60 -26.69
N SER A 612 6.09 1.34 -26.05
CA SER A 612 6.80 0.10 -26.24
C SER A 612 6.30 -0.97 -25.27
N LEU A 613 6.68 -2.19 -25.60
CA LEU A 613 6.36 -3.32 -24.75
C LEU A 613 7.03 -3.24 -23.37
N SER A 614 8.27 -2.75 -23.37
CA SER A 614 9.03 -2.40 -22.17
C SER A 614 10.17 -1.41 -22.47
N HIS A 615 10.34 -0.44 -21.57
CA HIS A 615 11.54 0.41 -21.54
C HIS A 615 12.72 -0.28 -20.87
N HIS A 616 12.46 -0.89 -19.70
CA HIS A 616 13.56 -1.52 -18.91
C HIS A 616 13.26 -2.81 -18.18
N HIS A 617 12.01 -3.05 -17.78
CA HIS A 617 11.71 -4.29 -17.02
C HIS A 617 11.92 -5.56 -17.81
N GLY A 618 11.85 -5.51 -19.15
CA GLY A 618 12.01 -6.67 -20.02
C GLY A 618 10.74 -7.50 -20.20
N VAL A 619 10.89 -8.66 -20.84
CA VAL A 619 9.76 -9.49 -21.23
C VAL A 619 9.48 -10.65 -20.27
N GLY A 620 10.52 -11.35 -19.83
CA GLY A 620 10.43 -12.49 -18.93
C GLY A 620 9.43 -13.47 -19.48
N LYS A 621 8.49 -13.88 -18.65
CA LYS A 621 7.40 -14.66 -19.12
C LYS A 621 6.14 -13.85 -18.99
N LEU A 622 6.22 -12.58 -18.63
CA LEU A 622 5.01 -11.77 -18.44
C LEU A 622 4.53 -11.17 -19.77
N ARG A 623 5.44 -10.83 -20.68
CA ARG A 623 5.05 -10.11 -21.85
C ARG A 623 5.31 -10.87 -23.13
N LYS A 624 5.52 -12.18 -23.00
CA LYS A 624 5.94 -13.00 -24.15
C LYS A 624 5.00 -12.89 -25.31
N GLN A 625 3.70 -12.81 -25.01
CA GLN A 625 2.68 -12.89 -26.03
C GLN A 625 2.67 -11.68 -26.96
N TRP A 626 3.28 -10.56 -26.55
CA TRP A 626 3.40 -9.42 -27.49
C TRP A 626 4.74 -9.39 -28.22
N LEU A 627 5.66 -10.28 -27.92
CA LEU A 627 7.02 -10.05 -28.37
C LEU A 627 7.12 -10.13 -29.87
N LYS A 628 6.52 -11.15 -30.49
CA LYS A 628 6.57 -11.25 -31.95
C LYS A 628 6.10 -10.04 -32.69
N GLU A 629 4.93 -9.56 -32.25
CA GLU A 629 4.33 -8.36 -32.80
C GLU A 629 5.28 -7.15 -32.67
N SER A 630 5.94 -7.05 -31.54
CA SER A 630 6.91 -6.00 -31.25
C SER A 630 8.18 -5.99 -32.10
N ILE A 631 8.76 -7.17 -32.30
CA ILE A 631 10.08 -7.19 -32.99
C ILE A 631 10.07 -7.81 -34.39
N SER A 632 8.88 -8.27 -34.80
CA SER A 632 8.56 -8.88 -36.06
C SER A 632 8.78 -10.40 -35.99
N ASP A 633 8.13 -11.16 -36.88
CA ASP A 633 8.31 -12.63 -36.96
C ASP A 633 9.72 -13.02 -37.30
N VAL A 634 10.34 -12.36 -38.26
CA VAL A 634 11.74 -12.67 -38.58
C VAL A 634 12.69 -12.37 -37.40
N GLY A 635 12.46 -11.26 -36.73
CA GLY A 635 13.29 -10.80 -35.61
C GLY A 635 13.19 -11.80 -34.48
N PHE A 636 11.97 -12.27 -34.23
CA PHE A 636 11.77 -13.37 -33.29
C PHE A 636 12.50 -14.62 -33.73
N GLY A 637 12.39 -15.00 -35.02
CA GLY A 637 13.12 -16.15 -35.50
C GLY A 637 14.63 -15.99 -35.34
N MET A 638 15.14 -14.76 -35.43
CA MET A 638 16.58 -14.59 -35.24
C MET A 638 16.96 -14.85 -33.78
N LEU A 639 16.17 -14.36 -32.81
CA LEU A 639 16.47 -14.68 -31.42
C LEU A 639 16.43 -16.20 -31.22
N LYS A 640 15.41 -16.85 -31.77
CA LYS A 640 15.33 -18.29 -31.65
C LYS A 640 16.54 -18.99 -32.26
N SER A 641 17.10 -18.48 -33.38
CA SER A 641 18.26 -19.14 -34.00
C SER A 641 19.47 -19.09 -33.08
N VAL A 642 19.60 -17.96 -32.39
CA VAL A 642 20.73 -17.80 -31.43
C VAL A 642 20.55 -18.72 -30.24
N LYS A 643 19.33 -18.75 -29.67
CA LYS A 643 19.02 -19.66 -28.54
C LYS A 643 19.33 -21.11 -28.91
N ASP A 644 18.82 -21.54 -30.06
CA ASP A 644 19.01 -22.90 -30.58
C ASP A 644 20.46 -23.26 -30.85
N TYR A 645 21.28 -22.30 -31.24
CA TYR A 645 22.70 -22.56 -31.41
C TYR A 645 23.47 -22.61 -30.12
N VAL A 646 23.31 -21.57 -29.32
CA VAL A 646 24.03 -21.44 -28.05
C VAL A 646 23.62 -22.47 -27.00
N ASP A 647 22.33 -22.71 -26.93
CA ASP A 647 21.75 -23.60 -25.88
C ASP A 647 20.79 -24.62 -26.54
N PRO A 648 21.38 -25.52 -27.33
CA PRO A 648 20.54 -26.41 -28.14
C PRO A 648 19.64 -27.35 -27.34
N THR A 649 20.08 -27.76 -26.15
CA THR A 649 19.25 -28.60 -25.31
C THR A 649 18.46 -27.81 -24.26
N ASN A 650 18.47 -26.47 -24.32
CA ASN A 650 17.65 -25.72 -23.38
C ASN A 650 17.98 -25.97 -21.93
N ILE A 651 19.28 -26.04 -21.62
CA ILE A 651 19.74 -26.00 -20.20
C ILE A 651 19.27 -24.72 -19.48
N PHE A 652 19.32 -23.60 -20.18
CA PHE A 652 18.86 -22.31 -19.65
C PHE A 652 17.40 -22.16 -19.96
N GLY A 653 16.63 -22.87 -19.14
CA GLY A 653 15.24 -23.18 -19.42
C GLY A 653 14.23 -22.43 -18.65
N ASN A 654 14.54 -21.18 -18.28
CA ASN A 654 13.50 -20.38 -17.65
C ASN A 654 12.33 -20.03 -18.58
N ARG A 655 12.51 -20.29 -19.88
CA ARG A 655 11.49 -20.02 -20.92
C ARG A 655 11.09 -18.54 -21.08
N ASN A 656 11.98 -17.64 -20.72
CA ASN A 656 11.68 -16.20 -20.90
C ASN A 656 11.79 -15.87 -22.37
N LEU A 657 11.16 -14.75 -22.76
CA LEU A 657 11.23 -14.13 -24.08
C LEU A 657 10.46 -14.89 -25.16
N LEU A 658 11.02 -16.06 -25.47
CA LEU A 658 10.52 -16.97 -26.48
C LEU A 658 9.69 -17.99 -25.77
N GLY B 81 22.97 15.79 -54.48
CA GLY B 81 23.78 14.54 -54.42
C GLY B 81 23.06 13.22 -54.72
N ILE B 82 22.29 13.18 -55.82
CA ILE B 82 21.70 11.94 -56.37
C ILE B 82 22.59 11.30 -57.45
N ILE B 83 23.01 10.06 -57.19
CA ILE B 83 23.95 9.37 -58.04
C ILE B 83 23.13 8.90 -59.26
N PRO B 84 23.53 9.28 -60.51
CA PRO B 84 22.82 8.77 -61.69
C PRO B 84 23.02 7.25 -61.85
N LYS B 85 22.12 6.58 -62.57
CA LYS B 85 22.29 5.15 -62.86
C LYS B 85 23.59 4.84 -63.57
N LYS B 86 23.85 5.59 -64.64
CA LYS B 86 25.18 5.56 -65.31
C LYS B 86 26.18 6.41 -64.55
N ARG B 87 26.75 5.81 -63.51
CA ARG B 87 27.62 6.56 -62.60
C ARG B 87 28.76 7.19 -63.33
N GLN B 88 29.30 6.46 -64.31
CA GLN B 88 30.45 6.97 -65.11
C GLN B 88 30.23 8.31 -65.85
N GLU B 89 28.97 8.67 -66.10
CA GLU B 89 28.59 10.04 -66.54
C GLU B 89 29.21 11.13 -65.69
N LEU B 90 29.19 10.88 -64.38
CA LEU B 90 29.55 11.86 -63.37
C LEU B 90 30.81 11.49 -62.56
N MET B 91 31.07 10.19 -62.40
CA MET B 91 32.14 9.70 -61.51
C MET B 91 33.20 8.96 -62.30
N LYS B 92 34.43 9.03 -61.82
CA LYS B 92 35.55 8.34 -62.49
C LYS B 92 35.31 6.82 -62.50
N TRP B 93 35.41 6.22 -63.68
CA TRP B 93 35.26 4.77 -63.79
C TRP B 93 36.45 4.07 -63.14
N ASN B 94 37.57 4.76 -62.96
CA ASN B 94 38.80 4.07 -62.56
C ASN B 94 39.44 4.64 -61.33
N GLY B 95 38.68 5.36 -60.53
CA GLY B 95 39.20 5.95 -59.31
C GLY B 95 38.09 6.58 -58.49
N TRP B 96 38.51 7.37 -57.52
CA TRP B 96 37.62 8.02 -56.63
C TRP B 96 37.03 9.30 -57.23
N GLY B 97 35.75 9.49 -56.92
CA GLY B 97 35.08 10.76 -56.99
C GLY B 97 34.58 11.15 -58.37
N TYR B 98 34.42 12.46 -58.54
CA TYR B 98 33.81 13.12 -59.70
C TYR B 98 34.83 13.27 -60.83
N ASN B 99 34.38 13.01 -62.04
CA ASN B 99 35.17 13.20 -63.25
C ASN B 99 35.78 14.58 -63.38
N ASP B 100 35.04 15.57 -62.92
CA ASP B 100 35.46 16.94 -62.94
C ASP B 100 36.45 17.38 -61.84
N SER B 101 36.96 16.44 -61.04
CA SER B 101 37.82 16.71 -59.90
C SER B 101 39.07 15.79 -59.89
N LYS B 102 40.22 16.38 -60.18
CA LYS B 102 41.48 15.65 -60.26
C LYS B 102 42.62 16.60 -60.02
N PHE B 103 43.67 16.14 -59.40
CA PHE B 103 44.82 16.99 -59.22
C PHE B 103 45.54 17.12 -60.56
N PHE B 104 46.08 18.31 -60.81
CA PHE B 104 46.82 18.60 -62.02
C PHE B 104 47.85 19.70 -61.70
N LEU B 105 48.79 19.92 -62.61
CA LEU B 105 49.82 20.94 -62.43
C LEU B 105 49.23 22.09 -63.11
N ASN B 106 49.06 23.18 -62.40
CA ASN B 106 48.52 24.34 -63.02
C ASN B 106 49.59 25.10 -63.87
N LYS B 107 49.20 26.26 -64.36
CA LYS B 107 50.02 27.08 -65.28
C LYS B 107 51.21 27.73 -64.60
N LYS B 108 51.29 27.68 -63.27
CA LYS B 108 52.52 28.01 -62.55
C LYS B 108 53.30 26.80 -62.07
N GLY B 109 53.01 25.63 -62.60
CA GLY B 109 53.64 24.41 -62.12
C GLY B 109 53.28 23.99 -60.67
N GLN B 110 52.17 24.46 -60.13
CA GLN B 110 51.77 23.99 -58.81
C GLN B 110 50.52 23.11 -58.84
N LEU B 111 50.47 22.14 -57.93
CA LEU B 111 49.31 21.26 -57.89
C LEU B 111 48.06 22.01 -57.48
N GLU B 112 46.97 21.61 -58.12
CA GLU B 112 45.68 22.21 -57.93
C GLU B 112 44.62 21.20 -58.28
N LEU B 113 43.47 21.29 -57.62
CA LEU B 113 42.36 20.44 -57.94
C LEU B 113 41.48 21.16 -58.94
N THR B 114 41.18 20.44 -59.98
CA THR B 114 40.33 20.83 -61.06
C THR B 114 38.86 21.07 -60.58
N GLY B 115 38.05 21.72 -61.39
CA GLY B 115 36.61 21.87 -61.09
C GLY B 115 36.29 22.89 -60.01
N LYS B 116 35.06 22.84 -59.52
CA LYS B 116 34.48 23.86 -58.60
C LYS B 116 33.73 23.27 -57.39
N ARG B 117 33.89 21.97 -57.17
CA ARG B 117 33.12 21.26 -56.16
C ARG B 117 33.48 21.50 -54.74
N TYR B 118 34.76 21.61 -54.45
CA TYR B 118 35.27 21.65 -53.11
C TYR B 118 35.72 23.05 -52.80
N PRO B 119 35.78 23.38 -51.51
CA PRO B 119 36.37 24.68 -51.16
C PRO B 119 37.85 24.81 -51.61
N LEU B 120 38.55 23.70 -51.79
CA LEU B 120 39.94 23.71 -52.33
C LEU B 120 40.00 23.58 -53.84
N SER B 121 38.87 23.53 -54.50
CA SER B 121 38.88 23.37 -55.93
C SER B 121 39.33 24.68 -56.53
N GLY B 122 40.29 24.63 -57.45
CA GLY B 122 40.83 25.84 -58.07
C GLY B 122 41.81 26.59 -57.19
N VAL B 123 42.28 25.97 -56.12
CA VAL B 123 43.18 26.65 -55.20
C VAL B 123 44.59 26.08 -55.34
N ALA B 124 45.52 26.94 -55.74
CA ALA B 124 46.91 26.56 -55.97
C ALA B 124 47.44 26.07 -54.66
N LEU B 125 48.21 24.98 -54.68
CA LEU B 125 48.84 24.44 -53.49
C LEU B 125 50.37 24.48 -53.72
N PRO B 126 50.97 25.66 -53.53
CA PRO B 126 52.34 25.90 -54.00
C PRO B 126 53.43 25.04 -53.47
N THR B 127 53.24 24.42 -52.31
CA THR B 127 54.32 23.70 -51.69
C THR B 127 54.04 22.21 -51.64
N PHE B 128 52.90 21.80 -52.20
CA PHE B 128 52.49 20.39 -52.22
C PHE B 128 53.41 19.50 -53.07
N LYS B 129 53.76 19.98 -54.26
CA LYS B 129 54.67 19.23 -55.15
C LYS B 129 55.95 18.93 -54.44
N ASP B 130 56.43 19.91 -53.71
CA ASP B 130 57.68 19.76 -52.99
C ASP B 130 57.62 18.74 -51.93
N TRP B 131 56.55 18.78 -51.12
CA TRP B 131 56.33 17.76 -50.10
C TRP B 131 56.36 16.37 -50.69
N ILE B 132 55.74 16.21 -51.85
CA ILE B 132 55.60 14.90 -52.44
C ILE B 132 56.96 14.41 -52.87
N GLN B 133 57.62 15.27 -53.64
CA GLN B 133 58.94 14.97 -54.15
C GLN B 133 59.92 14.62 -53.02
N ASN B 134 59.89 15.40 -51.94
CA ASN B 134 60.69 15.07 -50.75
C ASN B 134 60.40 13.76 -50.06
N THR B 135 59.10 13.52 -49.86
CA THR B 135 58.63 12.36 -49.17
C THR B 135 58.90 11.09 -49.90
N PHE B 136 58.62 11.05 -51.19
CA PHE B 136 58.62 9.80 -51.94
C PHE B 136 59.77 9.66 -52.94
N GLY B 137 60.64 10.65 -53.03
CA GLY B 137 61.76 10.57 -54.00
C GLY B 137 61.39 10.48 -55.46
N ILE B 138 60.39 11.25 -55.87
CA ILE B 138 59.95 11.27 -57.24
C ILE B 138 60.12 12.65 -57.84
N ASN B 139 59.99 12.71 -59.15
CA ASN B 139 60.31 13.92 -59.86
C ASN B 139 59.11 14.66 -60.39
N LEU B 140 58.07 14.00 -60.81
CA LEU B 140 56.76 14.66 -61.01
C LEU B 140 56.60 15.44 -62.32
N THR B 155 36.08 -8.57 -70.53
CA THR B 155 34.83 -8.61 -69.77
C THR B 155 34.05 -9.91 -70.00
N PRO B 156 33.74 -10.68 -68.92
CA PRO B 156 32.85 -11.87 -69.09
C PRO B 156 31.41 -11.53 -69.53
N PRO B 157 30.74 -12.47 -70.21
CA PRO B 157 29.36 -12.19 -70.63
C PRO B 157 28.42 -12.14 -69.44
N SER B 158 27.19 -11.69 -69.71
CA SER B 158 26.19 -11.67 -68.68
C SER B 158 25.35 -12.94 -68.83
N ILE B 159 25.53 -13.89 -67.91
CA ILE B 159 24.75 -15.15 -67.94
C ILE B 159 23.46 -14.91 -67.15
N VAL B 160 22.29 -14.92 -67.82
CA VAL B 160 20.98 -14.70 -67.18
C VAL B 160 19.77 -15.56 -67.70
N ASN B 161 19.11 -16.30 -66.79
CA ASN B 161 17.88 -17.02 -67.10
C ASN B 161 16.85 -16.06 -67.70
N GLU B 162 16.22 -16.51 -68.78
CA GLU B 162 15.27 -15.70 -69.56
C GLU B 162 13.89 -15.59 -68.94
N ASP B 163 13.42 -16.63 -68.27
CA ASP B 163 12.18 -16.52 -67.48
C ASP B 163 12.42 -15.45 -66.39
N PHE B 164 13.55 -15.50 -65.71
CA PHE B 164 13.88 -14.41 -64.75
C PHE B 164 13.82 -13.02 -65.42
N LEU B 165 14.47 -12.86 -66.55
CA LEU B 165 14.49 -11.59 -67.29
C LEU B 165 13.10 -11.19 -67.71
N HIS B 166 12.34 -12.17 -68.19
CA HIS B 166 10.98 -11.96 -68.60
C HIS B 166 10.20 -11.46 -67.41
N GLU B 167 10.33 -12.14 -66.29
CA GLU B 167 9.62 -11.73 -65.08
C GLU B 167 10.10 -10.33 -64.58
N LEU B 168 11.40 -10.10 -64.63
CA LEU B 168 11.93 -8.81 -64.21
C LEU B 168 11.34 -7.69 -65.05
N LYS B 169 11.16 -7.95 -66.35
CA LYS B 169 10.55 -6.94 -67.24
C LYS B 169 9.16 -6.49 -66.81
N LYS B 170 8.35 -7.39 -66.29
CA LYS B 170 6.97 -7.04 -65.87
C LYS B 170 6.93 -6.10 -64.68
N THR B 171 7.97 -6.15 -63.83
CA THR B 171 8.08 -5.29 -62.65
C THR B 171 8.33 -3.84 -62.96
N ASN B 172 8.83 -3.53 -64.16
CA ASN B 172 9.29 -2.20 -64.51
C ASN B 172 10.46 -1.69 -63.68
N ILE B 173 11.22 -2.57 -63.01
CA ILE B 173 12.47 -2.15 -62.34
C ILE B 173 13.57 -2.00 -63.39
N SER B 174 14.22 -0.87 -63.36
CA SER B 174 15.25 -0.61 -64.30
C SER B 174 16.42 -1.54 -64.02
N TYR B 175 17.03 -2.06 -65.09
CA TYR B 175 18.20 -2.95 -65.01
C TYR B 175 19.15 -2.75 -66.18
N SER B 176 20.34 -3.33 -66.05
CA SER B 176 21.37 -3.29 -67.08
C SER B 176 22.26 -4.53 -67.03
N GLN B 177 22.56 -5.07 -68.20
CA GLN B 177 23.57 -6.11 -68.40
C GLN B 177 24.81 -5.55 -69.03
N GLU B 178 24.91 -4.22 -69.09
CA GLU B 178 26.05 -3.59 -69.79
C GLU B 178 27.32 -3.74 -68.98
N ALA B 179 28.42 -4.00 -69.68
CA ALA B 179 29.75 -4.17 -69.12
C ALA B 179 30.11 -3.01 -68.22
N ASP B 180 29.98 -1.80 -68.69
CA ASP B 180 30.45 -0.65 -67.88
C ASP B 180 29.61 -0.46 -66.55
N ASP B 181 28.31 -0.71 -66.59
CA ASP B 181 27.49 -0.73 -65.36
C ASP B 181 27.90 -1.84 -64.36
N ARG B 182 28.25 -3.04 -64.85
CA ARG B 182 28.56 -4.17 -63.99
C ARG B 182 29.94 -4.01 -63.36
N VAL B 183 30.85 -3.49 -64.16
CA VAL B 183 32.24 -3.31 -63.75
C VAL B 183 32.30 -2.21 -62.74
N PHE B 184 31.54 -1.14 -62.98
CA PHE B 184 31.50 -0.04 -62.02
C PHE B 184 31.16 -0.51 -60.57
N ARG B 185 30.28 -1.52 -60.47
CA ARG B 185 29.81 -2.06 -59.17
C ARG B 185 30.54 -3.33 -58.67
N ALA B 186 31.66 -3.66 -59.28
CA ALA B 186 32.38 -4.87 -58.94
C ALA B 186 33.37 -4.63 -57.83
N HIS B 187 33.41 -3.44 -57.23
CA HIS B 187 34.56 -3.07 -56.42
C HIS B 187 34.26 -1.85 -55.55
N GLY B 188 35.01 -1.73 -54.44
CA GLY B 188 35.11 -0.51 -53.71
C GLY B 188 36.44 0.17 -53.92
N HIS B 189 37.00 0.70 -52.82
CA HIS B 189 38.18 1.54 -52.90
C HIS B 189 39.40 1.10 -52.12
N CYS B 190 39.61 -0.22 -52.07
CA CYS B 190 40.90 -0.76 -51.69
C CYS B 190 41.87 -0.69 -52.88
N LEU B 191 43.14 -0.61 -52.56
CA LEU B 191 44.21 -0.36 -53.52
C LEU B 191 44.24 -1.42 -54.58
N HIS B 192 44.17 -2.69 -54.20
CA HIS B 192 44.21 -3.80 -55.15
C HIS B 192 43.07 -3.69 -56.13
N GLU B 193 41.87 -3.38 -55.63
CA GLU B 193 40.70 -3.13 -56.50
C GLU B 193 40.95 -2.10 -57.59
N ILE B 194 41.53 -0.99 -57.18
CA ILE B 194 41.77 0.15 -58.07
C ILE B 194 42.82 -0.24 -59.17
N PHE B 195 43.79 -1.08 -58.83
CA PHE B 195 44.60 -1.75 -59.87
C PHE B 195 43.87 -2.68 -60.88
N LEU B 196 43.10 -3.66 -60.39
CA LEU B 196 42.31 -4.47 -61.32
C LEU B 196 41.32 -3.67 -62.18
N LEU B 197 40.82 -2.57 -61.63
CA LEU B 197 39.95 -1.64 -62.35
C LEU B 197 40.77 -0.90 -63.43
N ARG B 198 41.92 -0.36 -63.06
CA ARG B 198 42.80 0.37 -63.99
C ARG B 198 43.49 -0.54 -64.99
N GLU B 199 44.51 -1.26 -64.51
CA GLU B 199 45.48 -1.95 -65.37
C GLU B 199 45.14 -3.42 -65.38
N GLY B 200 43.88 -3.77 -65.58
CA GLY B 200 43.56 -5.19 -65.62
C GLY B 200 42.09 -5.51 -65.64
N MET B 201 41.77 -6.68 -65.09
CA MET B 201 40.38 -7.06 -64.96
C MET B 201 40.11 -8.01 -63.77
N PHE B 202 38.89 -7.88 -63.26
CA PHE B 202 38.44 -8.61 -62.09
C PHE B 202 38.14 -10.03 -62.53
N GLU B 203 38.21 -10.97 -61.60
CA GLU B 203 37.84 -12.38 -61.81
C GLU B 203 36.33 -12.59 -61.99
N ARG B 204 35.53 -11.75 -61.33
CA ARG B 204 34.09 -11.92 -61.26
C ARG B 204 33.45 -10.56 -61.05
N ILE B 205 32.43 -10.28 -61.87
CA ILE B 205 31.67 -9.05 -61.81
C ILE B 205 30.20 -9.39 -61.83
N PRO B 206 29.32 -8.46 -61.37
CA PRO B 206 27.90 -8.83 -61.35
C PRO B 206 27.43 -9.07 -62.75
N ASP B 207 26.47 -9.97 -62.86
CA ASP B 207 25.90 -10.33 -64.13
C ASP B 207 24.85 -9.33 -64.58
N ILE B 208 24.17 -8.68 -63.63
CA ILE B 208 23.04 -7.82 -63.91
C ILE B 208 22.95 -6.84 -62.77
N VAL B 209 22.67 -5.58 -63.12
CA VAL B 209 22.50 -4.50 -62.17
C VAL B 209 21.03 -4.13 -62.13
N LEU B 210 20.43 -4.12 -60.95
CA LEU B 210 19.05 -3.65 -60.76
C LEU B 210 18.99 -2.35 -59.93
N TRP B 211 18.05 -1.47 -60.27
CA TRP B 211 17.85 -0.19 -59.57
C TRP B 211 16.48 -0.09 -58.94
N PRO B 212 16.21 -0.82 -57.84
CA PRO B 212 14.94 -0.64 -57.14
C PRO B 212 14.84 0.82 -56.63
N THR B 213 13.65 1.34 -56.65
CA THR B 213 13.40 2.70 -56.19
C THR B 213 12.64 2.69 -54.88
N CYS B 214 12.30 1.52 -54.35
CA CYS B 214 11.60 1.49 -53.06
C CYS B 214 11.65 0.14 -52.42
N HIS B 215 11.25 0.13 -51.15
CA HIS B 215 11.05 -1.07 -50.40
C HIS B 215 10.33 -2.18 -51.16
N ASP B 216 9.18 -1.88 -51.70
CA ASP B 216 8.43 -2.93 -52.45
C ASP B 216 9.15 -3.49 -53.64
N ASP B 217 9.98 -2.69 -54.33
CA ASP B 217 10.81 -3.19 -55.42
C ASP B 217 11.83 -4.16 -54.86
N VAL B 218 12.36 -3.84 -53.68
CA VAL B 218 13.37 -4.74 -53.10
C VAL B 218 12.73 -6.06 -52.76
N VAL B 219 11.51 -6.04 -52.24
CA VAL B 219 10.82 -7.26 -51.91
C VAL B 219 10.68 -8.17 -53.16
N LYS B 220 10.29 -7.54 -54.28
CA LYS B 220 10.17 -8.26 -55.57
C LYS B 220 11.47 -8.90 -55.97
N ILE B 221 12.54 -8.14 -55.85
CA ILE B 221 13.83 -8.66 -56.27
C ILE B 221 14.28 -9.85 -55.42
N VAL B 222 14.13 -9.74 -54.11
CA VAL B 222 14.50 -10.86 -53.21
C VAL B 222 13.66 -12.10 -53.52
N ASN B 223 12.36 -11.93 -53.69
CA ASN B 223 11.51 -13.04 -54.19
C ASN B 223 11.97 -13.64 -55.54
N LEU B 224 12.32 -12.82 -56.53
CA LEU B 224 12.90 -13.34 -57.79
C LEU B 224 14.17 -14.12 -57.56
N ALA B 225 15.00 -13.60 -56.64
CA ALA B 225 16.22 -14.24 -56.32
C ALA B 225 16.00 -15.62 -55.68
N CYS B 226 14.98 -15.73 -54.82
CA CYS B 226 14.59 -17.03 -54.26
C CYS B 226 14.03 -17.97 -55.35
N LYS B 227 13.20 -17.45 -56.23
CA LYS B 227 12.58 -18.26 -57.26
C LYS B 227 13.65 -18.75 -58.26
N TYR B 228 14.56 -17.89 -58.70
CA TYR B 228 15.51 -18.27 -59.72
C TYR B 228 16.88 -18.62 -59.18
N ASN B 229 17.04 -18.77 -57.87
CA ASN B 229 18.37 -19.07 -57.28
C ASN B 229 19.52 -18.09 -57.69
N LEU B 230 19.30 -16.82 -57.40
CA LEU B 230 20.23 -15.77 -57.78
C LEU B 230 20.90 -15.32 -56.51
N CYS B 231 22.10 -14.79 -56.68
CA CYS B 231 22.90 -14.19 -55.62
C CYS B 231 22.75 -12.62 -55.69
N ILE B 232 22.52 -11.97 -54.54
CA ILE B 232 22.39 -10.49 -54.43
C ILE B 232 23.57 -9.91 -53.65
N ILE B 233 24.31 -8.97 -54.28
CA ILE B 233 25.28 -8.15 -53.57
C ILE B 233 24.77 -6.68 -53.58
N PRO B 234 24.26 -6.19 -52.41
CA PRO B 234 23.84 -4.78 -52.39
C PRO B 234 24.98 -3.80 -52.56
N ILE B 235 24.70 -2.68 -53.25
CA ILE B 235 25.64 -1.60 -53.33
C ILE B 235 24.89 -0.24 -53.13
N GLY B 236 25.49 0.65 -52.36
CA GLY B 236 25.02 2.03 -52.22
C GLY B 236 26.05 2.87 -52.91
N GLY B 237 26.87 3.53 -52.11
CA GLY B 237 27.96 4.34 -52.63
C GLY B 237 29.12 3.67 -53.27
N GLY B 238 29.31 2.37 -53.06
CA GLY B 238 30.49 1.71 -53.59
C GLY B 238 31.79 2.19 -52.97
N THR B 239 31.74 2.63 -51.70
CA THR B 239 32.90 3.16 -50.97
C THR B 239 33.57 2.21 -50.03
N SER B 240 33.19 0.93 -50.04
CA SER B 240 33.79 -0.06 -49.15
C SER B 240 35.28 -0.07 -49.30
N VAL B 241 35.95 -0.14 -48.17
CA VAL B 241 37.40 -0.30 -48.15
C VAL B 241 37.73 -1.61 -47.43
N SER B 242 36.88 -2.60 -47.58
CA SER B 242 37.08 -3.87 -46.91
C SER B 242 36.92 -5.09 -47.83
N TYR B 243 36.94 -4.87 -49.17
CA TYR B 243 36.58 -5.88 -50.19
C TYR B 243 35.14 -6.39 -50.04
N GLY B 244 34.25 -5.53 -49.54
CA GLY B 244 32.89 -5.91 -49.16
C GLY B 244 31.96 -6.03 -50.31
N LEU B 245 32.37 -5.48 -51.45
CA LEU B 245 31.58 -5.55 -52.68
C LEU B 245 32.12 -6.56 -53.67
N MET B 246 33.38 -6.99 -53.50
CA MET B 246 33.98 -7.98 -54.40
C MET B 246 33.04 -9.18 -54.59
N CYS B 247 32.80 -9.58 -55.84
CA CYS B 247 32.05 -10.80 -56.11
C CYS B 247 32.98 -12.02 -55.89
N PRO B 248 32.59 -12.99 -55.06
CA PRO B 248 33.43 -14.21 -54.97
C PRO B 248 33.67 -14.93 -56.31
N ALA B 249 34.94 -15.25 -56.56
CA ALA B 249 35.39 -15.78 -57.86
C ALA B 249 34.67 -17.03 -58.23
N ASP B 250 34.36 -17.88 -57.26
CA ASP B 250 33.73 -19.12 -57.56
C ASP B 250 32.21 -19.12 -57.31
N GLU B 251 31.59 -17.93 -57.27
CA GLU B 251 30.13 -17.85 -57.29
C GLU B 251 29.63 -18.06 -58.73
N THR B 252 28.86 -19.14 -58.92
CA THR B 252 28.39 -19.56 -60.23
C THR B 252 26.95 -19.22 -60.45
N ARG B 253 26.22 -18.81 -59.40
CA ARG B 253 24.93 -18.23 -59.62
C ARG B 253 25.06 -16.89 -60.36
N THR B 254 23.99 -16.50 -61.05
CA THR B 254 23.79 -15.15 -61.56
C THR B 254 23.85 -14.19 -60.34
N ILE B 255 24.79 -13.25 -60.40
CA ILE B 255 24.97 -12.18 -59.39
C ILE B 255 24.25 -10.92 -59.81
N ILE B 256 23.23 -10.55 -59.01
CA ILE B 256 22.57 -9.24 -59.10
C ILE B 256 23.36 -8.24 -58.27
N SER B 257 23.87 -7.20 -58.90
CA SER B 257 24.21 -5.98 -58.17
C SER B 257 22.94 -5.21 -57.85
N LEU B 258 22.52 -5.22 -56.57
CA LEU B 258 21.30 -4.54 -56.17
C LEU B 258 21.73 -3.14 -55.74
N ASP B 259 21.49 -2.17 -56.62
CA ASP B 259 21.99 -0.81 -56.44
C ASP B 259 20.88 -0.03 -55.79
N THR B 260 21.19 0.62 -54.68
CA THR B 260 20.18 1.40 -53.90
C THR B 260 20.09 2.91 -54.21
N SER B 261 20.86 3.40 -55.17
CA SER B 261 21.04 4.83 -55.44
C SER B 261 19.75 5.55 -55.85
N GLN B 262 18.79 4.81 -56.39
CA GLN B 262 17.53 5.37 -56.82
C GLN B 262 16.46 5.15 -55.77
N MET B 263 16.82 4.69 -54.58
CA MET B 263 15.86 4.58 -53.44
C MET B 263 16.38 5.57 -52.39
N ASN B 264 16.07 6.85 -52.60
CA ASN B 264 16.89 7.92 -52.10
C ASN B 264 16.10 9.11 -51.54
N ARG B 265 14.82 8.92 -51.22
CA ARG B 265 13.98 9.98 -50.66
C ARG B 265 13.98 10.05 -49.16
N ILE B 266 13.82 11.28 -48.64
CA ILE B 266 13.34 11.50 -47.28
C ILE B 266 11.83 11.21 -47.30
N LEU B 267 11.39 10.28 -46.43
CA LEU B 267 10.02 9.85 -46.41
C LEU B 267 9.19 10.78 -45.48
N TRP B 268 9.67 11.02 -44.27
CA TRP B 268 9.07 12.01 -43.41
C TRP B 268 10.10 12.59 -42.45
N VAL B 269 9.89 13.85 -42.04
CA VAL B 269 10.64 14.49 -40.98
C VAL B 269 9.68 14.77 -39.86
N ASP B 270 9.93 14.16 -38.70
CA ASP B 270 9.09 14.28 -37.57
C ASP B 270 9.68 15.30 -36.66
N GLU B 271 9.17 16.49 -36.70
CA GLU B 271 9.79 17.57 -35.93
C GLU B 271 9.37 17.60 -34.45
N ASN B 272 8.35 16.85 -34.07
CA ASN B 272 8.03 16.66 -32.69
C ASN B 272 9.06 15.79 -32.01
N ASN B 273 9.54 14.75 -32.69
CA ASN B 273 10.45 13.78 -32.10
C ASN B 273 11.91 13.96 -32.56
N LEU B 274 12.15 14.90 -33.48
CA LEU B 274 13.45 15.08 -34.14
C LEU B 274 14.01 13.75 -34.71
N THR B 275 13.21 13.12 -35.56
CA THR B 275 13.63 11.98 -36.36
C THR B 275 13.23 12.19 -37.84
N ALA B 276 13.98 11.59 -38.76
CA ALA B 276 13.67 11.60 -40.16
C ALA B 276 13.74 10.18 -40.61
N HIS B 277 12.69 9.75 -41.29
CA HIS B 277 12.59 8.44 -41.87
C HIS B 277 12.98 8.54 -43.34
N VAL B 278 13.98 7.78 -43.76
CA VAL B 278 14.54 7.91 -45.12
C VAL B 278 14.72 6.56 -45.78
N GLU B 279 14.72 6.58 -47.10
CA GLU B 279 15.11 5.44 -47.85
C GLU B 279 16.65 5.30 -47.77
N ALA B 280 17.10 4.07 -47.85
CA ALA B 280 18.44 3.78 -47.37
C ALA B 280 19.46 4.05 -48.46
N GLY B 281 19.04 4.35 -49.67
CA GLY B 281 19.99 4.70 -50.68
C GLY B 281 20.38 6.16 -50.76
N ILE B 282 19.81 7.01 -49.91
CA ILE B 282 20.17 8.42 -49.88
C ILE B 282 21.64 8.58 -49.42
N THR B 283 22.33 9.50 -50.08
CA THR B 283 23.66 9.80 -49.77
C THR B 283 23.72 10.73 -48.60
N GLY B 284 24.84 10.72 -47.90
CA GLY B 284 25.03 11.66 -46.85
C GLY B 284 24.88 13.09 -47.27
N GLN B 285 25.52 13.46 -48.39
CA GLN B 285 25.40 14.81 -48.91
C GLN B 285 23.98 15.24 -49.21
N GLU B 286 23.21 14.38 -49.86
CA GLU B 286 21.86 14.72 -50.18
C GLU B 286 20.98 14.75 -48.93
N LEU B 287 21.26 13.85 -48.03
CA LEU B 287 20.48 13.80 -46.83
C LEU B 287 20.65 15.11 -46.09
N GLU B 288 21.90 15.59 -45.93
CA GLU B 288 22.17 16.83 -45.18
C GLU B 288 21.67 18.05 -45.95
N ARG B 289 21.88 18.12 -47.28
CA ARG B 289 21.33 19.20 -48.09
C ARG B 289 19.83 19.41 -47.90
N GLN B 290 19.08 18.34 -47.98
CA GLN B 290 17.63 18.43 -47.85
C GLN B 290 17.16 18.80 -46.46
N LEU B 291 17.71 18.15 -45.42
CA LEU B 291 17.38 18.50 -44.05
C LEU B 291 17.72 19.99 -43.69
N LYS B 292 18.85 20.45 -44.19
CA LYS B 292 19.27 21.80 -43.94
C LYS B 292 18.21 22.80 -44.35
N GLU B 293 17.51 22.51 -45.46
CA GLU B 293 16.50 23.41 -45.97
C GLU B 293 15.38 23.59 -45.01
N SER B 294 15.15 22.62 -44.16
CA SER B 294 14.22 22.75 -43.06
C SER B 294 14.84 23.16 -41.77
N GLY B 295 16.11 23.50 -41.72
CA GLY B 295 16.75 23.87 -40.46
C GLY B 295 17.26 22.71 -39.62
N TYR B 296 17.44 21.54 -40.21
CA TYR B 296 17.94 20.33 -39.50
C TYR B 296 19.14 19.72 -40.16
N CYS B 297 19.84 18.90 -39.39
CA CYS B 297 20.97 18.09 -39.89
C CYS B 297 20.94 16.79 -39.10
N THR B 298 21.65 15.81 -39.63
CA THR B 298 21.95 14.56 -38.89
C THR B 298 23.30 14.71 -38.16
N GLY B 299 24.19 15.52 -38.76
CA GLY B 299 25.56 15.65 -38.31
C GLY B 299 26.49 14.46 -38.45
N HIS B 300 26.01 13.42 -39.15
CA HIS B 300 26.78 12.22 -39.42
C HIS B 300 27.63 12.53 -40.69
N GLU B 301 28.92 12.66 -40.51
CA GLU B 301 29.80 13.14 -41.62
C GLU B 301 30.97 12.24 -41.75
N PRO B 302 30.75 11.08 -42.38
CA PRO B 302 31.94 10.28 -42.73
C PRO B 302 32.64 10.94 -43.90
N ASP B 303 33.92 10.71 -44.07
CA ASP B 303 34.67 11.37 -45.14
C ASP B 303 34.16 10.93 -46.50
N SER B 304 33.52 9.76 -46.57
CA SER B 304 32.83 9.29 -47.77
C SER B 304 31.41 9.85 -48.05
N LEU B 305 30.94 10.86 -47.31
CA LEU B 305 29.49 11.25 -47.31
C LEU B 305 28.91 11.65 -48.66
N GLU B 306 29.76 12.12 -49.58
CA GLU B 306 29.25 12.53 -50.88
C GLU B 306 28.60 11.36 -51.57
N PHE B 307 29.10 10.14 -51.31
CA PHE B 307 28.63 8.92 -51.98
C PHE B 307 28.07 7.81 -51.04
N SER B 308 28.59 7.68 -49.81
CA SER B 308 28.10 6.63 -48.91
C SER B 308 26.66 6.95 -48.43
N THR B 309 25.91 5.88 -48.18
CA THR B 309 24.51 5.95 -47.97
C THR B 309 24.10 5.50 -46.59
N VAL B 310 22.89 5.86 -46.20
CA VAL B 310 22.33 5.40 -44.93
C VAL B 310 22.42 3.90 -44.71
N GLY B 311 21.96 3.16 -45.72
CA GLY B 311 22.07 1.72 -45.74
C GLY B 311 23.50 1.20 -45.59
N GLY B 312 24.43 1.77 -46.34
CA GLY B 312 25.85 1.46 -46.23
C GLY B 312 26.33 1.71 -44.80
N TRP B 313 25.93 2.86 -44.20
CA TRP B 313 26.43 3.19 -42.85
C TRP B 313 26.00 2.15 -41.82
N ILE B 314 24.77 1.70 -41.94
CA ILE B 314 24.22 0.78 -41.01
C ILE B 314 24.91 -0.59 -41.24
N SER B 315 25.14 -0.97 -42.49
CA SER B 315 25.76 -2.29 -42.79
C SER B 315 27.16 -2.38 -42.31
N THR B 316 27.90 -1.27 -42.34
CA THR B 316 29.32 -1.25 -41.93
C THR B 316 29.65 -0.65 -40.58
N ARG B 317 28.62 -0.30 -39.76
CA ARG B 317 28.90 0.43 -38.54
C ARG B 317 29.78 1.66 -38.76
N ALA B 318 29.37 2.51 -39.68
CA ALA B 318 30.09 3.73 -40.00
C ALA B 318 30.16 4.71 -38.85
N SER B 319 31.27 5.46 -38.88
CA SER B 319 31.60 6.43 -37.86
C SER B 319 31.85 7.76 -38.58
N GLY B 320 31.35 8.85 -37.96
CA GLY B 320 31.43 10.16 -38.50
C GLY B 320 32.33 11.09 -37.77
N MET B 321 32.75 12.15 -38.48
CA MET B 321 33.77 13.05 -37.94
C MET B 321 33.31 13.80 -36.68
N LYS B 322 32.00 14.01 -36.54
CA LYS B 322 31.39 14.72 -35.41
C LYS B 322 30.61 13.81 -34.48
N LYS B 323 31.05 12.55 -34.40
CA LYS B 323 30.36 11.64 -33.54
C LYS B 323 30.29 12.13 -32.12
N ASN B 324 31.24 12.95 -31.65
CA ASN B 324 31.21 13.46 -30.28
C ASN B 324 29.95 14.19 -29.92
N ILE B 325 29.31 14.83 -30.89
CA ILE B 325 28.05 15.53 -30.72
C ILE B 325 26.88 14.65 -31.13
N TYR B 326 26.96 14.00 -32.30
CA TYR B 326 25.79 13.42 -32.91
C TYR B 326 25.64 11.90 -32.67
N GLY B 327 26.71 11.28 -32.21
CA GLY B 327 26.88 9.82 -32.19
C GLY B 327 27.42 9.12 -33.44
N ASN B 328 27.81 7.86 -33.30
CA ASN B 328 28.06 7.03 -34.49
C ASN B 328 26.72 6.50 -34.99
N ILE B 329 26.78 5.65 -36.02
CA ILE B 329 25.54 5.20 -36.62
C ILE B 329 24.60 4.47 -35.61
N GLU B 330 25.16 3.65 -34.72
CA GLU B 330 24.36 2.88 -33.71
C GLU B 330 23.65 3.79 -32.67
N ASP B 331 24.12 5.01 -32.52
CA ASP B 331 23.49 6.00 -31.69
C ASP B 331 22.40 6.79 -32.50
N LEU B 332 22.53 6.84 -33.81
CA LEU B 332 21.69 7.67 -34.66
C LEU B 332 20.44 6.96 -35.16
N VAL B 333 20.52 5.65 -35.33
CA VAL B 333 19.42 4.90 -35.87
C VAL B 333 18.40 4.48 -34.82
N VAL B 334 17.18 4.89 -35.04
CA VAL B 334 16.06 4.63 -34.11
C VAL B 334 15.19 3.48 -34.62
N HIS B 335 15.22 3.28 -35.94
CA HIS B 335 14.37 2.31 -36.60
C HIS B 335 14.92 1.94 -37.95
N MET B 336 14.62 0.72 -38.37
CA MET B 336 15.02 0.29 -39.73
C MET B 336 14.08 -0.77 -40.22
N LYS B 337 14.07 -0.92 -41.53
CA LYS B 337 13.29 -1.93 -42.18
C LYS B 337 14.23 -2.69 -43.08
N VAL B 338 14.18 -4.02 -43.00
CA VAL B 338 15.13 -4.90 -43.68
C VAL B 338 14.43 -6.04 -44.42
N VAL B 339 14.80 -6.25 -45.68
CA VAL B 339 14.25 -7.30 -46.51
C VAL B 339 15.26 -8.41 -46.53
N THR B 340 14.87 -9.52 -45.90
CA THR B 340 15.61 -10.77 -45.95
C THR B 340 14.82 -11.79 -46.74
N PRO B 341 15.49 -12.90 -47.12
CA PRO B 341 14.76 -14.03 -47.80
C PRO B 341 13.71 -14.67 -46.92
N ARG B 342 13.90 -14.60 -45.63
CA ARG B 342 12.94 -15.09 -44.69
C ARG B 342 11.73 -14.17 -44.55
N GLY B 343 11.88 -12.88 -44.87
CA GLY B 343 10.85 -11.90 -44.73
C GLY B 343 11.40 -10.56 -44.21
N VAL B 344 10.48 -9.67 -43.87
CA VAL B 344 10.80 -8.28 -43.46
C VAL B 344 10.97 -8.14 -41.95
N ILE B 345 12.15 -7.66 -41.57
CA ILE B 345 12.43 -7.32 -40.20
C ILE B 345 12.03 -5.84 -39.97
N GLU B 346 11.16 -5.60 -38.99
CA GLU B 346 10.85 -4.25 -38.57
C GLU B 346 10.23 -4.29 -37.17
N LYS B 347 10.69 -3.45 -36.27
CA LYS B 347 10.05 -3.31 -34.94
C LYS B 347 8.72 -2.53 -35.10
N SER B 348 7.78 -2.75 -34.17
CA SER B 348 6.43 -2.17 -34.29
C SER B 348 6.35 -0.77 -33.69
N CYS B 349 7.41 -0.25 -33.09
CA CYS B 349 7.29 1.09 -32.51
C CYS B 349 8.61 1.86 -32.48
N GLN B 350 8.48 3.18 -32.32
CA GLN B 350 9.56 4.18 -32.44
C GLN B 350 9.98 4.73 -31.07
N GLY B 351 9.65 3.98 -29.99
CA GLY B 351 10.05 4.32 -28.62
C GLY B 351 11.59 4.48 -28.60
N PRO B 352 12.12 5.45 -27.85
CA PRO B 352 13.55 5.72 -27.97
C PRO B 352 14.47 4.62 -27.42
N ARG B 353 13.99 3.82 -26.45
CA ARG B 353 14.84 2.80 -25.85
C ARG B 353 13.94 1.75 -25.27
N MET B 354 14.31 0.49 -25.51
CA MET B 354 13.49 -0.67 -25.15
C MET B 354 14.29 -1.70 -24.40
N SER B 355 13.57 -2.51 -23.63
CA SER B 355 14.06 -3.82 -23.15
C SER B 355 13.08 -4.91 -23.63
N THR B 356 13.29 -5.39 -24.83
CA THR B 356 12.44 -6.46 -25.40
C THR B 356 13.30 -7.58 -25.93
N GLY B 357 14.25 -8.03 -25.11
CA GLY B 357 15.21 -9.00 -25.51
C GLY B 357 16.41 -8.36 -26.22
N PRO B 358 17.30 -9.17 -26.74
CA PRO B 358 18.46 -8.66 -27.44
C PRO B 358 18.05 -7.74 -28.56
N ASP B 359 18.75 -6.62 -28.68
CA ASP B 359 18.37 -5.64 -29.67
C ASP B 359 18.65 -6.13 -31.10
N ILE B 360 17.61 -6.52 -31.82
CA ILE B 360 17.74 -6.99 -33.20
C ILE B 360 18.29 -5.96 -34.19
N HIS B 361 18.19 -4.66 -33.89
CA HIS B 361 18.90 -3.70 -34.70
C HIS B 361 20.38 -4.02 -34.78
N HIS B 362 20.97 -4.52 -33.68
CA HIS B 362 22.39 -4.85 -33.68
C HIS B 362 22.78 -6.16 -34.35
N PHE B 363 21.80 -6.99 -34.62
CA PHE B 363 21.95 -8.14 -35.54
C PHE B 363 22.16 -7.67 -37.02
N ILE B 364 21.60 -6.53 -37.44
CA ILE B 364 21.67 -6.02 -38.81
C ILE B 364 22.80 -5.03 -38.94
N MET B 365 22.95 -4.11 -37.98
CA MET B 365 24.11 -3.24 -37.98
C MET B 365 25.42 -4.00 -37.94
N GLY B 366 26.28 -3.73 -38.91
CA GLY B 366 27.51 -4.46 -39.04
C GLY B 366 27.33 -5.72 -39.86
N SER B 367 26.17 -5.98 -40.46
CA SER B 367 25.98 -7.27 -41.16
C SER B 367 26.59 -7.26 -42.55
N GLU B 368 26.98 -6.10 -43.07
CA GLU B 368 27.86 -6.02 -44.30
C GLU B 368 27.25 -6.68 -45.56
N GLY B 369 25.96 -6.48 -45.74
CA GLY B 369 25.23 -7.02 -46.88
C GLY B 369 25.04 -8.54 -46.92
N THR B 370 25.29 -9.26 -45.80
CA THR B 370 25.19 -10.74 -45.74
C THR B 370 23.81 -11.25 -45.35
N LEU B 371 22.92 -10.39 -44.94
CA LEU B 371 21.64 -10.87 -44.48
C LEU B 371 20.40 -10.47 -45.27
N GLY B 372 20.45 -9.31 -45.90
CA GLY B 372 19.24 -8.75 -46.52
C GLY B 372 19.53 -7.32 -46.89
N VAL B 373 18.53 -6.62 -47.41
CA VAL B 373 18.71 -5.24 -47.82
C VAL B 373 18.03 -4.32 -46.84
N ILE B 374 18.80 -3.40 -46.25
CA ILE B 374 18.24 -2.31 -45.45
C ILE B 374 17.58 -1.37 -46.46
N THR B 375 16.24 -1.27 -46.37
CA THR B 375 15.49 -0.47 -47.31
C THR B 375 15.15 0.94 -46.81
N GLU B 376 14.81 1.06 -45.55
CA GLU B 376 14.42 2.32 -44.89
C GLU B 376 15.03 2.42 -43.50
N ALA B 377 15.31 3.63 -43.06
CA ALA B 377 15.71 3.84 -41.70
C ALA B 377 15.24 5.17 -41.16
N THR B 378 15.05 5.21 -39.85
CA THR B 378 14.72 6.43 -39.11
C THR B 378 15.96 6.83 -38.33
N ILE B 379 16.35 8.07 -38.51
CA ILE B 379 17.59 8.59 -38.00
C ILE B 379 17.29 9.84 -37.17
N LYS B 380 18.02 10.05 -36.08
CA LYS B 380 17.91 11.28 -35.29
C LYS B 380 18.41 12.46 -36.03
N ILE B 381 17.72 13.57 -35.84
CA ILE B 381 18.13 14.82 -36.45
C ILE B 381 18.23 15.88 -35.36
N ARG B 382 18.93 16.95 -35.71
CA ARG B 382 19.17 18.05 -34.78
C ARG B 382 18.96 19.35 -35.50
N PRO B 383 18.55 20.41 -34.81
CA PRO B 383 18.58 21.73 -35.46
C PRO B 383 19.99 22.06 -35.91
N THR B 384 20.16 22.65 -37.09
CA THR B 384 21.48 22.97 -37.60
C THR B 384 22.22 23.86 -36.59
N PRO B 385 23.46 23.51 -36.23
CA PRO B 385 24.23 24.35 -35.37
C PRO B 385 24.28 25.81 -35.85
N GLU B 386 24.27 26.73 -34.92
CA GLU B 386 24.41 28.15 -35.26
C GLU B 386 25.79 28.50 -35.80
N TYR B 387 26.83 27.94 -35.21
CA TYR B 387 28.13 28.45 -35.43
C TYR B 387 29.15 27.31 -35.39
N GLN B 388 30.21 27.51 -36.17
CA GLN B 388 31.29 26.55 -36.31
C GLN B 388 32.56 27.34 -36.17
N LYS B 389 33.51 26.84 -35.40
CA LYS B 389 34.83 27.45 -35.30
C LYS B 389 35.92 26.36 -35.40
N TYR B 390 37.02 26.66 -36.06
CA TYR B 390 38.14 25.75 -36.15
C TYR B 390 39.22 26.21 -35.22
N GLY B 391 40.18 25.32 -34.94
CA GLY B 391 41.28 25.60 -34.02
C GLY B 391 42.42 24.63 -34.24
N SER B 392 43.58 24.92 -33.65
CA SER B 392 44.67 23.95 -33.59
C SER B 392 45.55 24.20 -32.38
N VAL B 393 46.30 23.19 -32.04
CA VAL B 393 47.14 23.18 -30.85
C VAL B 393 48.43 22.43 -31.16
N ALA B 394 49.59 23.03 -30.86
CA ALA B 394 50.85 22.37 -31.06
C ALA B 394 51.28 21.81 -29.75
N PHE B 395 51.90 20.63 -29.75
CA PHE B 395 52.43 20.01 -28.56
C PHE B 395 53.89 19.72 -28.86
N PRO B 396 54.74 19.67 -27.84
CA PRO B 396 56.18 19.35 -28.02
C PRO B 396 56.49 18.02 -28.68
N ASN B 397 55.61 17.05 -28.45
CA ASN B 397 55.72 15.72 -29.01
C ASN B 397 54.33 15.04 -29.07
N PHE B 398 54.30 13.87 -29.70
CA PHE B 398 53.05 13.14 -29.93
C PHE B 398 52.43 12.68 -28.58
N GLU B 399 53.29 12.27 -27.67
CA GLU B 399 52.95 11.74 -26.37
C GLU B 399 52.18 12.70 -25.49
N GLN B 400 52.65 13.93 -25.47
CA GLN B 400 51.98 15.01 -24.74
C GLN B 400 50.61 15.29 -25.33
N GLY B 401 50.53 15.32 -26.66
CA GLY B 401 49.26 15.43 -27.38
C GLY B 401 48.27 14.35 -26.99
N VAL B 402 48.72 13.10 -26.93
CA VAL B 402 47.87 11.99 -26.54
C VAL B 402 47.30 12.15 -25.12
N ALA B 403 48.18 12.48 -24.19
CA ALA B 403 47.83 12.79 -22.84
C ALA B 403 46.82 13.93 -22.73
N CYS B 404 46.96 14.95 -23.56
CA CYS B 404 46.00 16.02 -23.58
C CYS B 404 44.61 15.51 -24.10
N LEU B 405 44.59 14.72 -25.19
CA LEU B 405 43.31 14.22 -25.71
C LEU B 405 42.64 13.35 -24.63
N ARG B 406 43.46 12.57 -23.93
CA ARG B 406 42.98 11.71 -22.87
C ARG B 406 42.26 12.50 -21.80
N GLU B 407 42.93 13.56 -21.36
CA GLU B 407 42.42 14.44 -20.34
C GLU B 407 41.12 15.09 -20.77
N ILE B 408 41.12 15.57 -21.99
CA ILE B 408 39.92 16.07 -22.62
C ILE B 408 38.84 15.00 -22.59
N ALA B 409 39.16 13.75 -22.91
CA ALA B 409 38.16 12.70 -22.85
C ALA B 409 37.69 12.45 -21.41
N LYS B 410 38.63 12.50 -20.46
CA LYS B 410 38.33 12.29 -19.05
C LYS B 410 37.40 13.36 -18.48
N GLN B 411 37.56 14.58 -18.94
CA GLN B 411 36.68 15.65 -18.54
C GLN B 411 35.35 15.66 -19.32
N ARG B 412 35.23 14.81 -20.34
CA ARG B 412 34.09 14.81 -21.25
C ARG B 412 33.83 16.16 -21.86
N CYS B 413 34.87 16.81 -22.37
CA CYS B 413 34.69 18.09 -23.03
C CYS B 413 35.34 18.11 -24.37
N ALA B 414 35.29 16.98 -25.07
CA ALA B 414 35.68 16.96 -26.44
C ALA B 414 34.79 17.93 -27.34
N PRO B 415 35.42 18.68 -28.24
CA PRO B 415 34.63 19.38 -29.21
C PRO B 415 34.00 18.41 -30.22
N ALA B 416 33.26 18.97 -31.17
CA ALA B 416 32.64 18.26 -32.24
C ALA B 416 33.70 17.31 -32.94
N SER B 417 34.88 17.84 -33.28
CA SER B 417 35.99 16.99 -33.73
C SER B 417 37.29 17.41 -33.08
N ILE B 418 38.10 16.42 -32.73
CA ILE B 418 39.44 16.66 -32.29
C ILE B 418 40.32 15.54 -32.81
N ARG B 419 41.35 15.95 -33.56
CA ARG B 419 42.30 15.01 -34.16
C ARG B 419 43.71 15.41 -33.80
N LEU B 420 44.53 14.43 -33.44
CA LEU B 420 45.91 14.66 -33.18
C LEU B 420 46.75 14.00 -34.22
N MET B 421 47.51 14.83 -34.94
CA MET B 421 48.46 14.42 -36.00
C MET B 421 49.90 14.30 -35.52
N ASP B 422 50.56 13.21 -35.91
CA ASP B 422 51.97 13.10 -35.64
C ASP B 422 52.71 14.07 -36.57
N ASN B 423 54.02 14.10 -36.40
CA ASN B 423 54.86 15.14 -37.00
C ASN B 423 54.78 15.16 -38.50
N GLN B 424 54.86 13.97 -39.09
CA GLN B 424 54.74 13.78 -40.56
C GLN B 424 53.42 14.33 -41.10
N GLN B 425 52.29 14.02 -40.43
CA GLN B 425 51.02 14.55 -40.92
C GLN B 425 50.97 16.07 -40.73
N PHE B 426 51.63 16.58 -39.70
CA PHE B 426 51.70 18.01 -39.53
C PHE B 426 52.48 18.67 -40.67
N GLN B 427 53.65 18.11 -41.04
CA GLN B 427 54.42 18.60 -42.19
C GLN B 427 53.60 18.58 -43.48
N PHE B 428 52.91 17.46 -43.67
CA PHE B 428 51.95 17.28 -44.74
C PHE B 428 50.90 18.41 -44.74
N GLY B 429 50.29 18.70 -43.59
CA GLY B 429 49.33 19.78 -43.52
C GLY B 429 49.96 21.11 -43.86
N HIS B 430 51.03 21.44 -43.18
CA HIS B 430 51.77 22.64 -43.48
C HIS B 430 52.11 22.79 -45.01
N ALA B 431 52.45 21.69 -45.66
CA ALA B 431 52.75 21.68 -47.10
C ALA B 431 51.55 21.96 -48.05
N LEU B 432 50.32 21.89 -47.53
CA LEU B 432 49.11 22.15 -48.31
C LEU B 432 48.46 23.55 -48.08
N LYS B 433 49.11 24.43 -47.32
CA LYS B 433 48.68 25.85 -47.28
C LYS B 433 48.75 26.56 -48.69
N PRO B 434 47.82 27.48 -48.98
CA PRO B 434 47.75 28.12 -50.32
C PRO B 434 48.95 29.00 -50.73
N GLY B 457 60.08 27.88 -29.79
CA GLY B 457 59.17 26.76 -30.03
C GLY B 457 59.60 25.48 -29.32
N PHE B 458 59.42 24.34 -30.01
CA PHE B 458 59.66 22.97 -29.48
C PHE B 458 60.74 22.20 -30.28
N ASP B 459 61.00 20.91 -29.97
CA ASP B 459 61.81 20.04 -30.89
C ASP B 459 60.96 19.82 -32.14
N PRO B 460 61.44 20.23 -33.33
CA PRO B 460 60.52 20.26 -34.46
C PRO B 460 60.38 18.93 -35.20
N ASN B 461 61.19 17.92 -34.86
CA ASN B 461 61.08 16.64 -35.54
C ASN B 461 60.01 15.80 -34.91
N GLN B 462 59.61 16.16 -33.70
CA GLN B 462 58.59 15.43 -33.00
C GLN B 462 57.37 16.26 -32.65
N LEU B 463 57.33 17.52 -33.06
CA LEU B 463 56.22 18.40 -32.75
C LEU B 463 54.92 17.77 -33.32
N SER B 464 53.85 17.68 -32.50
CA SER B 464 52.55 17.16 -32.95
C SER B 464 51.51 18.26 -32.97
N VAL B 465 50.39 18.03 -33.67
CA VAL B 465 49.36 19.06 -33.73
C VAL B 465 47.98 18.44 -33.72
N ALA B 466 47.11 19.02 -32.89
CA ALA B 466 45.70 18.69 -32.86
C ALA B 466 44.91 19.69 -33.67
N THR B 467 43.93 19.25 -34.44
CA THR B 467 43.02 20.15 -35.10
C THR B 467 41.68 20.00 -34.40
N LEU B 468 40.94 21.09 -34.35
CA LEU B 468 39.74 21.21 -33.54
C LEU B 468 38.63 21.78 -34.41
N LEU B 469 37.43 21.25 -34.22
CA LEU B 469 36.24 21.81 -34.78
C LEU B 469 35.21 21.86 -33.68
N PHE B 470 34.70 23.05 -33.42
CA PHE B 470 33.72 23.28 -32.41
C PHE B 470 32.45 23.66 -33.11
N GLU B 471 31.33 23.14 -32.69
CA GLU B 471 30.09 23.65 -33.32
C GLU B 471 28.92 23.61 -32.37
N GLY B 472 28.03 24.59 -32.53
CA GLY B 472 26.94 24.81 -31.54
C GLY B 472 26.54 26.24 -31.53
N ASP B 473 26.01 26.72 -30.40
CA ASP B 473 25.73 28.15 -30.22
C ASP B 473 27.08 28.88 -30.01
N ARG B 474 27.17 30.07 -30.58
CA ARG B 474 28.42 30.85 -30.61
C ARG B 474 28.98 31.05 -29.18
N GLU B 475 28.15 31.48 -28.26
CA GLU B 475 28.65 31.78 -26.91
C GLU B 475 29.16 30.54 -26.14
N LYS B 476 28.46 29.43 -26.29
CA LYS B 476 28.95 28.17 -25.75
C LYS B 476 30.22 27.70 -26.48
N VAL B 477 30.25 27.81 -27.80
CA VAL B 477 31.50 27.51 -28.57
C VAL B 477 32.70 28.28 -28.01
N LEU B 478 32.55 29.60 -27.85
CA LEU B 478 33.67 30.44 -27.38
C LEU B 478 34.15 29.99 -26.02
N GLN B 479 33.20 29.58 -25.19
CA GLN B 479 33.50 29.20 -23.83
C GLN B 479 34.16 27.82 -23.77
N HIS B 480 33.64 26.93 -24.62
CA HIS B 480 34.19 25.62 -24.80
C HIS B 480 35.65 25.70 -25.22
N GLU B 481 35.92 26.50 -26.23
CA GLU B 481 37.23 26.68 -26.80
C GLU B 481 38.29 27.06 -25.80
N LYS B 482 37.94 28.05 -24.98
CA LYS B 482 38.78 28.51 -23.87
C LYS B 482 39.11 27.35 -22.96
N GLN B 483 38.10 26.57 -22.59
CA GLN B 483 38.29 25.38 -21.74
C GLN B 483 39.30 24.41 -22.33
N VAL B 484 39.24 24.18 -23.63
CA VAL B 484 40.08 23.22 -24.28
C VAL B 484 41.55 23.70 -24.38
N TYR B 485 41.77 24.94 -24.77
CA TYR B 485 43.12 25.54 -24.72
C TYR B 485 43.68 25.52 -23.32
N ASP B 486 42.89 25.79 -22.29
CA ASP B 486 43.40 25.77 -20.91
C ASP B 486 43.90 24.35 -20.50
N ILE B 487 43.12 23.31 -20.85
CA ILE B 487 43.55 21.92 -20.66
C ILE B 487 44.82 21.65 -21.45
N ALA B 488 44.87 22.05 -22.70
CA ALA B 488 46.01 21.74 -23.62
C ALA B 488 47.32 22.34 -23.09
N ALA B 489 47.17 23.56 -22.57
CA ALA B 489 48.27 24.33 -21.99
C ALA B 489 48.99 23.55 -20.94
N LYS B 490 48.26 22.71 -20.16
CA LYS B 490 48.87 21.92 -19.09
C LYS B 490 49.75 20.78 -19.58
N PHE B 491 49.69 20.46 -20.87
CA PHE B 491 50.50 19.42 -21.54
C PHE B 491 51.47 20.06 -22.54
N GLY B 492 51.77 21.36 -22.36
CA GLY B 492 52.67 22.11 -23.26
C GLY B 492 52.03 22.57 -24.56
N GLY B 493 50.71 22.52 -24.65
CA GLY B 493 50.01 22.80 -25.88
C GLY B 493 49.91 24.30 -26.17
N LEU B 494 50.18 24.72 -27.40
CA LEU B 494 50.08 26.15 -27.71
C LEU B 494 49.14 26.38 -28.85
N ALA B 495 48.25 27.34 -28.71
CA ALA B 495 47.30 27.68 -29.78
C ALA B 495 48.07 27.89 -31.04
N ALA B 496 47.68 27.22 -32.10
CA ALA B 496 48.44 27.21 -33.33
C ALA B 496 47.66 27.83 -34.47
N GLY B 497 46.44 28.32 -34.23
CA GLY B 497 45.73 29.14 -35.23
C GLY B 497 44.48 28.49 -35.77
N GLU B 498 43.48 29.32 -36.10
CA GLU B 498 42.20 28.85 -36.64
C GLU B 498 42.35 28.41 -38.09
N ASP B 499 42.98 29.25 -38.90
CA ASP B 499 43.16 28.93 -40.31
C ASP B 499 43.86 27.58 -40.48
N ASN B 500 44.81 27.26 -39.62
CA ASN B 500 45.39 25.91 -39.60
C ASN B 500 44.42 24.77 -39.40
N GLY B 501 43.53 24.93 -38.43
CA GLY B 501 42.55 23.90 -38.12
C GLY B 501 41.64 23.75 -39.28
N GLN B 502 41.14 24.89 -39.73
CA GLN B 502 40.23 25.00 -40.85
C GLN B 502 40.76 24.38 -42.13
N ARG B 503 42.06 24.54 -42.38
CA ARG B 503 42.65 23.93 -43.58
C ARG B 503 42.67 22.41 -43.43
N GLY B 504 43.15 21.93 -42.29
CA GLY B 504 43.07 20.49 -41.95
C GLY B 504 41.71 19.86 -42.23
N TYR B 505 40.63 20.57 -41.94
CA TYR B 505 39.30 20.00 -42.14
C TYR B 505 38.84 20.11 -43.59
N LEU B 506 38.92 21.30 -44.21
CA LEU B 506 38.78 21.42 -45.70
C LEU B 506 39.63 20.44 -46.54
N LEU B 507 40.73 19.90 -46.02
CA LEU B 507 41.47 18.81 -46.69
C LEU B 507 40.71 17.49 -46.73
N THR B 508 39.91 17.24 -45.71
CA THR B 508 39.16 16.00 -45.50
C THR B 508 38.60 15.36 -46.77
N TYR B 509 37.97 16.16 -47.63
CA TYR B 509 37.31 15.56 -48.78
C TYR B 509 38.20 15.45 -50.05
N VAL B 510 39.43 15.97 -49.99
CA VAL B 510 40.36 15.86 -51.12
C VAL B 510 41.41 14.76 -51.03
N ILE B 511 41.72 14.23 -49.84
CA ILE B 511 42.80 13.24 -49.68
C ILE B 511 42.55 12.06 -50.61
N ALA B 512 41.28 11.73 -50.78
CA ALA B 512 40.84 10.62 -51.59
C ALA B 512 41.27 10.74 -53.04
N TYR B 513 41.28 11.97 -53.52
CA TYR B 513 41.78 12.30 -54.83
C TYR B 513 43.30 12.15 -54.98
N MET B 514 44.03 12.13 -53.87
CA MET B 514 45.50 12.05 -53.95
C MET B 514 46.02 10.68 -54.38
N ARG B 515 45.23 9.63 -54.26
CA ARG B 515 45.71 8.32 -54.77
C ARG B 515 46.00 8.30 -56.23
N ASP B 516 44.98 8.67 -57.00
CA ASP B 516 45.03 8.78 -58.45
C ASP B 516 46.25 9.58 -58.83
N LEU B 517 46.50 10.67 -58.12
CA LEU B 517 47.72 11.42 -58.34
C LEU B 517 48.91 10.50 -58.11
N GLY B 518 48.99 9.90 -56.93
CA GLY B 518 50.13 9.07 -56.54
C GLY B 518 50.44 7.95 -57.52
N LEU B 519 49.36 7.29 -57.96
CA LEU B 519 49.46 6.20 -58.90
C LEU B 519 50.15 6.62 -60.16
N GLU B 520 49.86 7.82 -60.66
CA GLU B 520 50.57 8.34 -61.84
C GLU B 520 52.09 8.38 -61.61
N TYR B 521 52.55 8.44 -60.37
CA TYR B 521 53.99 8.55 -60.09
C TYR B 521 54.58 7.39 -59.32
N TYR B 522 54.02 6.19 -59.50
CA TYR B 522 54.50 4.96 -58.81
C TYR B 522 54.50 5.06 -57.28
N ILE B 523 53.56 5.82 -56.75
CA ILE B 523 53.33 5.86 -55.31
C ILE B 523 52.02 5.12 -55.06
N ILE B 524 52.10 4.13 -54.16
CA ILE B 524 50.92 3.35 -53.72
C ILE B 524 50.71 3.51 -52.25
N GLY B 525 49.46 3.64 -51.90
CA GLY B 525 49.12 3.88 -50.51
C GLY B 525 47.73 3.48 -50.14
N GLU B 526 47.52 3.41 -48.84
CA GLU B 526 46.20 3.14 -48.30
C GLU B 526 46.26 3.61 -46.84
N SER B 527 45.10 3.94 -46.30
CA SER B 527 44.93 4.15 -44.83
C SER B 527 44.34 2.87 -44.17
N PHE B 528 44.55 2.70 -42.87
CA PHE B 528 43.89 1.63 -42.11
C PHE B 528 43.72 2.17 -40.66
N GLU B 529 42.85 1.53 -39.92
CA GLU B 529 42.47 2.07 -38.64
C GLU B 529 42.25 0.98 -37.63
N THR B 530 42.23 1.41 -36.38
CA THR B 530 41.95 0.54 -35.24
C THR B 530 41.39 1.39 -34.15
N SER B 531 40.88 0.74 -33.12
CA SER B 531 40.57 1.38 -31.86
C SER B 531 41.33 0.60 -30.77
N ALA B 532 41.76 1.31 -29.75
CA ALA B 532 42.63 0.78 -28.73
C ALA B 532 42.33 1.47 -27.42
N PRO B 533 42.57 0.77 -26.29
CA PRO B 533 42.49 1.45 -24.97
C PRO B 533 43.50 2.62 -24.88
N TRP B 534 43.15 3.68 -24.15
CA TRP B 534 44.05 4.83 -23.95
C TRP B 534 45.50 4.45 -23.57
N ASP B 535 45.64 3.44 -22.71
CA ASP B 535 46.97 3.00 -22.23
C ASP B 535 47.81 2.19 -23.23
N ARG B 536 47.23 1.90 -24.41
CA ARG B 536 47.95 1.31 -25.55
C ARG B 536 48.28 2.23 -26.71
N VAL B 537 47.65 3.41 -26.74
CA VAL B 537 47.73 4.28 -27.93
C VAL B 537 49.17 4.58 -28.35
N VAL B 538 49.93 5.20 -27.46
CA VAL B 538 51.32 5.64 -27.79
C VAL B 538 52.18 4.46 -28.27
N ASP B 539 52.25 3.39 -27.47
CA ASP B 539 53.01 2.20 -27.89
C ASP B 539 52.54 1.60 -29.23
N LEU B 540 51.22 1.49 -29.36
CA LEU B 540 50.67 0.94 -30.62
C LEU B 540 51.12 1.80 -31.81
N CYS B 541 50.98 3.12 -31.75
CA CYS B 541 51.39 3.99 -32.86
C CYS B 541 52.86 3.78 -33.21
N ARG B 542 53.73 3.82 -32.21
CA ARG B 542 55.17 3.64 -32.44
C ARG B 542 55.43 2.26 -33.02
N ASN B 543 54.86 1.23 -32.43
CA ASN B 543 55.18 -0.13 -32.83
C ASN B 543 54.69 -0.42 -34.24
N VAL B 544 53.47 0.03 -34.57
CA VAL B 544 52.94 -0.20 -35.93
C VAL B 544 53.76 0.59 -36.97
N LYS B 545 53.96 1.88 -36.71
CA LYS B 545 54.77 2.71 -37.58
C LYS B 545 56.16 2.09 -37.77
N GLU B 546 56.72 1.50 -36.73
CA GLU B 546 58.03 0.87 -36.86
C GLU B 546 57.96 -0.43 -37.64
N ARG B 547 56.93 -1.23 -37.39
CA ARG B 547 56.71 -2.48 -38.15
C ARG B 547 56.60 -2.28 -39.66
N ILE B 548 55.87 -1.25 -40.08
CA ILE B 548 55.79 -0.88 -41.49
C ILE B 548 57.17 -0.55 -42.10
N ARG B 549 57.98 0.22 -41.39
CA ARG B 549 59.34 0.54 -41.86
C ARG B 549 60.20 -0.70 -42.08
N ARG B 550 60.06 -1.64 -41.16
CA ARG B 550 60.86 -2.84 -41.10
C ARG B 550 60.50 -3.79 -42.20
N GLU B 551 59.20 -3.99 -42.41
CA GLU B 551 58.70 -4.87 -43.46
C GLU B 551 59.07 -4.35 -44.82
N CYS B 552 58.91 -3.06 -45.03
CA CYS B 552 59.29 -2.42 -46.28
C CYS B 552 60.78 -2.57 -46.66
N LYS B 553 61.66 -2.21 -45.74
CA LYS B 553 63.09 -2.42 -45.93
C LYS B 553 63.41 -3.89 -46.17
N GLU B 554 62.74 -4.79 -45.46
CA GLU B 554 62.99 -6.23 -45.64
C GLU B 554 62.43 -6.76 -46.95
N LYS B 555 61.45 -6.09 -47.55
CA LYS B 555 60.91 -6.52 -48.85
C LYS B 555 61.53 -5.75 -50.01
N GLY B 556 62.46 -4.84 -49.74
CA GLY B 556 63.20 -4.20 -50.86
C GLY B 556 62.70 -2.85 -51.34
N VAL B 557 61.92 -2.19 -50.49
CA VAL B 557 61.48 -0.84 -50.80
C VAL B 557 62.70 0.10 -50.63
N GLN B 558 62.99 0.89 -51.66
CA GLN B 558 64.24 1.66 -51.75
C GLN B 558 64.27 2.93 -50.92
N PHE B 559 63.11 3.40 -50.48
CA PHE B 559 63.02 4.64 -49.73
C PHE B 559 62.09 4.37 -48.59
N PRO B 560 62.46 4.81 -47.38
CA PRO B 560 61.59 4.49 -46.21
C PRO B 560 60.16 4.96 -46.48
N PRO B 561 59.15 4.13 -46.21
CA PRO B 561 57.80 4.51 -46.62
C PRO B 561 57.31 5.69 -45.83
N LEU B 562 56.26 6.37 -46.32
CA LEU B 562 55.50 7.23 -45.43
C LEU B 562 54.74 6.30 -44.46
N SER B 563 54.86 6.60 -43.18
CA SER B 563 54.26 5.76 -42.15
C SER B 563 53.82 6.68 -41.06
N THR B 564 52.55 7.05 -41.08
CA THR B 564 52.09 8.14 -40.25
C THR B 564 50.74 7.83 -39.55
N CYS B 565 50.53 8.43 -38.39
CA CYS B 565 49.26 8.29 -37.71
C CYS B 565 48.71 9.55 -37.19
N ARG B 566 47.40 9.43 -36.95
CA ARG B 566 46.66 10.41 -36.19
C ARG B 566 45.64 9.76 -35.30
N VAL B 567 45.39 10.35 -34.18
CA VAL B 567 44.27 9.96 -33.36
C VAL B 567 43.11 10.75 -33.91
N THR B 568 42.07 10.04 -34.32
CA THR B 568 40.96 10.60 -35.06
C THR B 568 39.61 10.71 -34.27
N GLN B 569 39.48 9.93 -33.21
CA GLN B 569 38.26 9.99 -32.34
C GLN B 569 38.68 9.54 -30.95
N THR B 570 38.03 10.12 -29.95
CA THR B 570 38.27 9.83 -28.55
C THR B 570 36.97 9.29 -27.97
N TYR B 571 37.13 8.41 -26.99
CA TYR B 571 36.02 7.79 -26.25
C TYR B 571 36.39 7.72 -24.80
N ASP B 572 35.41 7.48 -23.95
CA ASP B 572 35.74 7.18 -22.56
C ASP B 572 36.89 6.14 -22.40
N ALA B 573 36.75 5.01 -23.04
CA ALA B 573 37.71 3.90 -22.86
C ALA B 573 38.83 3.82 -23.87
N GLY B 574 38.96 4.79 -24.75
CA GLY B 574 40.04 4.74 -25.71
C GLY B 574 39.91 5.63 -26.93
N ALA B 575 40.59 5.22 -28.01
CA ALA B 575 40.70 6.04 -29.23
C ALA B 575 40.76 5.27 -30.52
N CYS B 576 40.30 5.96 -31.56
CA CYS B 576 40.49 5.49 -32.92
C CYS B 576 41.79 6.09 -33.41
N ILE B 577 42.64 5.21 -33.89
CA ILE B 577 43.88 5.57 -34.52
C ILE B 577 43.83 5.27 -36.00
N TYR B 578 44.22 6.25 -36.81
CA TYR B 578 44.12 6.17 -38.23
C TYR B 578 45.51 6.33 -38.81
N PHE B 579 45.92 5.37 -39.61
CA PHE B 579 47.27 5.33 -40.20
C PHE B 579 47.24 5.55 -41.70
N TYR B 580 48.28 6.18 -42.27
CA TYR B 580 48.53 6.15 -43.72
C TYR B 580 49.85 5.41 -43.96
N PHE B 581 49.88 4.59 -44.99
CA PHE B 581 51.10 3.90 -45.40
C PHE B 581 51.20 4.16 -46.87
N ALA B 582 52.37 4.57 -47.38
CA ALA B 582 52.58 4.72 -48.82
C ALA B 582 54.03 4.62 -49.22
N PHE B 583 54.27 4.14 -50.43
CA PHE B 583 55.66 4.10 -50.91
C PHE B 583 55.81 4.16 -52.38
N ASN B 584 56.95 4.73 -52.76
CA ASN B 584 57.48 4.72 -54.10
C ASN B 584 57.86 3.28 -54.41
N TYR B 585 57.18 2.65 -55.36
CA TYR B 585 57.50 1.26 -55.68
C TYR B 585 58.55 1.02 -56.83
N ARG B 586 59.43 2.02 -57.01
CA ARG B 586 60.65 1.95 -57.84
C ARG B 586 61.45 0.68 -57.58
N GLY B 587 61.64 -0.13 -58.62
CA GLY B 587 62.57 -1.26 -58.56
C GLY B 587 62.06 -2.42 -57.74
N ILE B 588 60.74 -2.52 -57.62
CA ILE B 588 60.11 -3.62 -56.91
C ILE B 588 59.36 -4.42 -57.93
N SER B 589 59.59 -5.72 -57.93
CA SER B 589 59.06 -6.53 -58.99
C SER B 589 57.59 -6.89 -58.80
N ASP B 590 57.12 -6.89 -57.55
CA ASP B 590 55.73 -7.21 -57.24
C ASP B 590 55.15 -6.24 -56.17
N PRO B 591 54.96 -4.96 -56.52
CA PRO B 591 54.53 -3.91 -55.59
C PRO B 591 53.24 -4.18 -54.81
N LEU B 592 52.22 -4.73 -55.46
CA LEU B 592 50.98 -5.09 -54.79
C LEU B 592 51.13 -6.20 -53.74
N ALA B 593 51.97 -7.20 -54.03
CA ALA B 593 52.25 -8.23 -53.07
C ALA B 593 52.90 -7.63 -51.86
N VAL B 594 53.94 -6.82 -52.11
CA VAL B 594 54.68 -6.16 -51.03
C VAL B 594 53.72 -5.35 -50.17
N PHE B 595 52.79 -4.67 -50.82
CA PHE B 595 51.84 -3.80 -50.16
C PHE B 595 50.87 -4.63 -49.28
N GLU B 596 50.24 -5.64 -49.88
CA GLU B 596 49.33 -6.60 -49.20
C GLU B 596 50.01 -7.12 -47.96
N GLN B 597 51.24 -7.61 -48.13
CA GLN B 597 51.89 -8.32 -47.04
C GLN B 597 52.24 -7.37 -45.91
N THR B 598 52.71 -6.18 -46.26
CA THR B 598 53.04 -5.19 -45.24
C THR B 598 51.76 -4.74 -44.48
N GLU B 599 50.65 -4.57 -45.19
CA GLU B 599 49.42 -4.17 -44.56
C GLU B 599 48.92 -5.28 -43.62
N ALA B 600 49.05 -6.55 -44.00
CA ALA B 600 48.72 -7.68 -43.11
C ALA B 600 49.63 -7.70 -41.91
N ALA B 601 50.92 -7.39 -42.09
CA ALA B 601 51.85 -7.32 -40.95
C ALA B 601 51.47 -6.18 -40.02
N ALA B 602 51.11 -5.03 -40.57
CA ALA B 602 50.66 -3.89 -39.78
C ALA B 602 49.48 -4.29 -38.86
N ARG B 603 48.53 -4.99 -39.46
CA ARG B 603 47.37 -5.48 -38.79
C ARG B 603 47.76 -6.42 -37.65
N GLU B 604 48.64 -7.36 -37.94
CA GLU B 604 49.16 -8.24 -36.93
C GLU B 604 49.76 -7.45 -35.79
N GLU B 605 50.55 -6.44 -36.11
CA GLU B 605 51.12 -5.59 -35.07
C GLU B 605 50.06 -4.85 -34.21
N ILE B 606 49.01 -4.35 -34.86
CA ILE B 606 47.97 -3.62 -34.20
C ILE B 606 47.35 -4.61 -33.19
N LEU B 607 47.03 -5.84 -33.62
CA LEU B 607 46.35 -6.79 -32.74
C LEU B 607 47.27 -7.19 -31.59
N ALA B 608 48.56 -7.34 -31.89
CA ALA B 608 49.60 -7.54 -30.85
C ALA B 608 49.71 -6.46 -29.80
N ASN B 609 49.39 -5.22 -30.17
CA ASN B 609 49.49 -4.10 -29.30
C ASN B 609 48.18 -3.68 -28.61
N GLY B 610 47.17 -4.51 -28.71
CA GLY B 610 45.92 -4.31 -28.00
C GLY B 610 44.87 -3.55 -28.77
N GLY B 611 45.13 -3.34 -30.05
CA GLY B 611 44.19 -2.71 -30.96
C GLY B 611 43.16 -3.69 -31.47
N SER B 612 42.04 -3.14 -31.92
CA SER B 612 40.94 -3.88 -32.46
C SER B 612 41.12 -4.19 -33.97
N LEU B 613 40.40 -5.20 -34.44
CA LEU B 613 40.39 -5.57 -35.86
C LEU B 613 39.96 -4.40 -36.72
N SER B 614 38.94 -3.67 -36.26
CA SER B 614 38.50 -2.44 -36.96
C SER B 614 37.71 -1.53 -36.05
N HIS B 615 37.95 -0.21 -36.17
CA HIS B 615 37.09 0.77 -35.55
C HIS B 615 35.80 1.01 -36.38
N HIS B 616 35.96 1.26 -37.67
CA HIS B 616 34.84 1.62 -38.51
C HIS B 616 34.82 1.05 -39.93
N HIS B 617 35.98 0.79 -40.55
CA HIS B 617 35.99 0.18 -41.87
C HIS B 617 35.26 -1.13 -42.02
N GLY B 618 35.17 -1.95 -40.98
CA GLY B 618 34.48 -3.24 -41.09
C GLY B 618 35.46 -4.35 -41.49
N VAL B 619 34.93 -5.52 -41.71
CA VAL B 619 35.73 -6.72 -41.95
C VAL B 619 35.76 -7.11 -43.38
N GLY B 620 34.57 -7.04 -44.00
CA GLY B 620 34.33 -7.46 -45.36
C GLY B 620 34.95 -8.84 -45.61
N LYS B 621 35.74 -8.91 -46.66
CA LYS B 621 36.61 -10.04 -46.97
C LYS B 621 38.08 -9.80 -46.70
N LEU B 622 38.42 -8.62 -46.26
CA LEU B 622 39.82 -8.28 -46.04
C LEU B 622 40.34 -8.78 -44.70
N ARG B 623 39.49 -8.86 -43.66
CA ARG B 623 39.92 -9.15 -42.27
C ARG B 623 39.20 -10.35 -41.70
N LYS B 624 38.56 -11.10 -42.61
CA LYS B 624 37.87 -12.32 -42.31
C LYS B 624 38.65 -13.31 -41.50
N GLN B 625 39.89 -13.52 -41.88
CA GLN B 625 40.73 -14.50 -41.18
C GLN B 625 40.94 -14.20 -39.70
N TRP B 626 40.76 -12.97 -39.24
CA TRP B 626 40.90 -12.64 -37.82
C TRP B 626 39.58 -12.54 -37.04
N LEU B 627 38.43 -12.67 -37.67
CA LEU B 627 37.15 -12.44 -36.99
C LEU B 627 36.89 -13.43 -35.85
N LYS B 628 37.18 -14.69 -36.08
CA LYS B 628 36.86 -15.68 -35.07
C LYS B 628 37.65 -15.42 -33.78
N GLU B 629 38.92 -15.10 -33.92
CA GLU B 629 39.74 -14.72 -32.75
C GLU B 629 39.25 -13.47 -32.00
N SER B 630 38.83 -12.47 -32.76
CA SER B 630 38.25 -11.24 -32.24
C SER B 630 36.97 -11.40 -31.43
N ILE B 631 36.04 -12.26 -31.90
CA ILE B 631 34.71 -12.28 -31.31
C ILE B 631 34.40 -13.61 -30.58
N SER B 632 35.37 -14.55 -30.64
CA SER B 632 35.32 -15.89 -30.03
C SER B 632 34.62 -16.92 -30.95
N ASP B 633 34.92 -18.19 -30.79
CA ASP B 633 34.26 -19.22 -31.64
C ASP B 633 32.74 -19.26 -31.46
N VAL B 634 32.26 -19.11 -30.23
CA VAL B 634 30.81 -19.11 -29.99
C VAL B 634 30.16 -17.82 -30.57
N GLY B 635 30.85 -16.68 -30.45
CA GLY B 635 30.41 -15.49 -31.18
C GLY B 635 30.21 -15.63 -32.69
N PHE B 636 31.21 -16.19 -33.35
CA PHE B 636 31.17 -16.51 -34.76
C PHE B 636 29.96 -17.43 -35.03
N GLY B 637 29.82 -18.46 -34.22
CA GLY B 637 28.70 -19.39 -34.41
C GLY B 637 27.34 -18.74 -34.23
N MET B 638 27.23 -17.77 -33.33
CA MET B 638 26.03 -16.96 -33.23
C MET B 638 25.72 -16.16 -34.50
N LEU B 639 26.72 -15.48 -35.07
CA LEU B 639 26.53 -14.79 -36.34
C LEU B 639 26.10 -15.80 -37.44
N LYS B 640 26.78 -16.92 -37.52
CA LYS B 640 26.42 -17.99 -38.48
C LYS B 640 24.99 -18.49 -38.33
N SER B 641 24.55 -18.63 -37.08
CA SER B 641 23.23 -19.13 -36.84
C SER B 641 22.16 -18.17 -37.35
N VAL B 642 22.39 -16.85 -37.30
CA VAL B 642 21.44 -15.85 -37.76
C VAL B 642 21.37 -15.84 -39.29
N LYS B 643 22.56 -15.85 -39.89
CA LYS B 643 22.76 -15.97 -41.34
C LYS B 643 22.02 -17.15 -41.88
N ASP B 644 22.22 -18.31 -41.30
CA ASP B 644 21.56 -19.53 -41.78
C ASP B 644 20.04 -19.52 -41.58
N TYR B 645 19.54 -18.80 -40.57
CA TYR B 645 18.07 -18.69 -40.38
C TYR B 645 17.44 -17.72 -41.39
N VAL B 646 18.04 -16.54 -41.48
CA VAL B 646 17.52 -15.47 -42.30
C VAL B 646 17.67 -15.70 -43.81
N ASP B 647 18.75 -16.38 -44.17
CA ASP B 647 19.18 -16.58 -45.54
C ASP B 647 19.78 -18.01 -45.70
N PRO B 648 18.98 -19.05 -45.49
CA PRO B 648 19.45 -20.45 -45.58
C PRO B 648 20.16 -20.87 -46.91
N THR B 649 19.84 -20.20 -48.02
CA THR B 649 20.41 -20.55 -49.27
C THR B 649 21.37 -19.49 -49.74
N ASN B 650 21.77 -18.57 -48.85
CA ASN B 650 22.85 -17.66 -49.15
C ASN B 650 22.64 -16.83 -50.40
N ILE B 651 21.45 -16.29 -50.56
CA ILE B 651 21.17 -15.31 -51.62
C ILE B 651 22.09 -14.14 -51.45
N PHE B 652 22.31 -13.73 -50.20
CA PHE B 652 23.22 -12.60 -49.92
C PHE B 652 24.63 -13.09 -49.76
N GLY B 653 25.21 -13.38 -50.92
CA GLY B 653 26.44 -14.11 -51.02
C GLY B 653 27.72 -13.37 -51.29
N ASN B 654 27.83 -12.14 -50.80
CA ASN B 654 29.13 -11.46 -50.90
C ASN B 654 30.26 -12.18 -50.09
N ARG B 655 29.92 -13.04 -49.12
CA ARG B 655 30.86 -13.77 -48.29
C ARG B 655 31.65 -12.91 -47.36
N ASN B 656 31.09 -11.77 -46.97
CA ASN B 656 31.77 -10.94 -46.03
C ASN B 656 31.64 -11.58 -44.65
N LEU B 657 32.53 -11.21 -43.73
CA LEU B 657 32.50 -11.60 -42.33
C LEU B 657 32.80 -13.06 -42.09
N LEU B 658 31.90 -13.94 -42.54
CA LEU B 658 31.91 -15.39 -42.33
C LEU B 658 32.23 -16.06 -43.68
N GLY C 81 6.38 -2.67 35.90
CA GLY C 81 4.91 -2.89 35.71
C GLY C 81 4.45 -4.27 35.17
N ILE C 82 5.28 -4.81 34.27
CA ILE C 82 5.12 -6.15 33.65
C ILE C 82 5.28 -7.29 34.67
N ILE C 83 4.30 -8.19 34.67
CA ILE C 83 4.36 -9.46 35.43
C ILE C 83 5.41 -10.33 34.74
N PRO C 84 6.49 -10.77 35.47
CA PRO C 84 7.54 -11.60 34.85
C PRO C 84 7.02 -12.99 34.60
N LYS C 85 7.67 -13.75 33.72
CA LYS C 85 7.30 -15.15 33.42
C LYS C 85 7.33 -16.03 34.62
N LYS C 86 8.41 -15.91 35.41
CA LYS C 86 8.56 -16.63 36.65
C LYS C 86 7.96 -15.80 37.74
N ARG C 87 6.64 -15.90 37.85
CA ARG C 87 5.88 -14.99 38.76
C ARG C 87 6.34 -15.02 40.17
N GLN C 88 6.57 -16.22 40.68
CA GLN C 88 7.02 -16.46 42.05
C GLN C 88 8.32 -15.78 42.43
N GLU C 89 9.14 -15.33 41.48
CA GLU C 89 10.24 -14.45 41.81
C GLU C 89 9.83 -13.08 42.36
N LEU C 90 8.69 -12.53 41.95
CA LEU C 90 8.13 -11.30 42.55
C LEU C 90 6.91 -11.47 43.43
N MET C 91 6.09 -12.48 43.10
CA MET C 91 4.76 -12.62 43.69
C MET C 91 4.72 -13.82 44.58
N LYS C 92 3.83 -13.76 45.56
CA LYS C 92 3.68 -14.88 46.45
C LYS C 92 3.09 -16.11 45.76
N TRP C 93 3.75 -17.27 45.93
CA TRP C 93 3.23 -18.52 45.39
C TRP C 93 2.00 -19.02 46.14
N ASN C 94 1.77 -18.57 47.37
CA ASN C 94 0.73 -19.14 48.17
C ASN C 94 -0.18 -18.12 48.79
N GLY C 95 -0.27 -16.94 48.20
CA GLY C 95 -1.14 -15.89 48.63
C GLY C 95 -1.11 -14.68 47.70
N TRP C 96 -1.70 -13.64 48.22
CA TRP C 96 -1.84 -12.40 47.49
C TRP C 96 -0.54 -11.62 47.38
N GLY C 97 -0.30 -11.12 46.20
CA GLY C 97 0.56 -9.97 46.06
C GLY C 97 2.04 -10.25 46.06
N TYR C 98 2.77 -9.24 46.50
CA TYR C 98 4.24 -9.23 46.34
C TYR C 98 4.92 -9.91 47.48
N ASN C 99 6.00 -10.64 47.17
CA ASN C 99 6.80 -11.31 48.21
C ASN C 99 7.28 -10.34 49.26
N ASP C 100 7.65 -9.14 48.86
CA ASP C 100 8.23 -8.17 49.81
C ASP C 100 7.22 -7.56 50.80
N SER C 101 5.95 -7.88 50.70
CA SER C 101 4.94 -7.22 51.46
C SER C 101 4.06 -8.24 52.20
N LYS C 102 4.21 -8.31 53.51
CA LYS C 102 3.37 -9.18 54.33
C LYS C 102 3.23 -8.62 55.76
N PHE C 103 2.12 -8.94 56.44
CA PHE C 103 1.94 -8.53 57.83
C PHE C 103 2.75 -9.44 58.73
N PHE C 104 3.47 -8.84 59.66
CA PHE C 104 4.21 -9.62 60.64
C PHE C 104 4.17 -8.89 61.98
N LEU C 105 4.43 -9.66 63.03
CA LEU C 105 4.55 -9.17 64.40
C LEU C 105 5.99 -8.70 64.53
N ASN C 106 6.14 -7.38 64.57
CA ASN C 106 7.28 -6.60 65.05
C ASN C 106 8.03 -7.03 66.28
N LYS C 107 9.27 -6.56 66.40
CA LYS C 107 10.07 -6.76 67.61
C LYS C 107 9.42 -6.17 68.85
N LYS C 108 8.63 -5.12 68.67
CA LYS C 108 7.81 -4.58 69.75
C LYS C 108 6.44 -5.24 69.92
N GLY C 109 6.21 -6.41 69.31
CA GLY C 109 4.94 -7.13 69.41
C GLY C 109 3.76 -6.39 68.79
N GLN C 110 4.03 -5.52 67.80
CA GLN C 110 2.97 -4.89 67.01
C GLN C 110 2.94 -5.39 65.57
N LEU C 111 1.73 -5.51 65.03
CA LEU C 111 1.56 -5.87 63.63
C LEU C 111 2.05 -4.76 62.72
N GLU C 112 2.69 -5.19 61.64
CA GLU C 112 3.28 -4.25 60.68
C GLU C 112 3.37 -4.89 59.34
N LEU C 113 3.29 -4.07 58.29
CA LEU C 113 3.54 -4.54 56.93
C LEU C 113 5.00 -4.33 56.53
N THR C 114 5.67 -5.37 56.07
CA THR C 114 7.06 -5.32 55.63
C THR C 114 7.21 -4.48 54.38
N GLY C 115 8.43 -4.04 54.14
CA GLY C 115 8.85 -3.44 52.89
C GLY C 115 8.45 -1.99 52.83
N LYS C 116 8.33 -1.47 51.61
CA LYS C 116 8.04 -0.07 51.42
C LYS C 116 7.21 0.22 50.18
N ARG C 117 6.36 -0.71 49.79
CA ARG C 117 5.60 -0.62 48.55
C ARG C 117 4.37 0.21 48.70
N TYR C 118 3.72 0.12 49.85
CA TYR C 118 2.48 0.85 50.09
C TYR C 118 2.71 1.93 51.12
N PRO C 119 1.79 2.90 51.21
CA PRO C 119 1.90 3.91 52.28
C PRO C 119 1.89 3.36 53.73
N LEU C 120 1.10 2.32 53.99
CA LEU C 120 1.15 1.65 55.27
C LEU C 120 2.38 0.75 55.49
N SER C 121 3.20 0.53 54.49
CA SER C 121 4.34 -0.39 54.61
C SER C 121 5.33 0.21 55.59
N GLY C 122 5.86 -0.57 56.52
CA GLY C 122 6.80 -0.02 57.53
C GLY C 122 6.21 0.78 58.71
N VAL C 123 4.88 0.83 58.84
CA VAL C 123 4.20 1.60 59.87
C VAL C 123 3.60 0.60 60.86
N ALA C 124 3.95 0.72 62.15
CA ALA C 124 3.40 -0.16 63.20
C ALA C 124 1.94 0.13 63.41
N LEU C 125 1.15 -0.89 63.64
CA LEU C 125 -0.26 -0.64 63.95
C LEU C 125 -0.44 -1.12 65.35
N PRO C 126 -0.27 -0.22 66.33
CA PRO C 126 -0.23 -0.69 67.72
C PRO C 126 -1.53 -1.33 68.22
N THR C 127 -2.67 -0.92 67.64
CA THR C 127 -4.00 -1.43 68.03
C THR C 127 -4.56 -2.55 67.17
N PHE C 128 -3.84 -2.94 66.12
CA PHE C 128 -4.32 -3.93 65.22
C PHE C 128 -4.41 -5.29 65.90
N LYS C 129 -3.37 -5.68 66.64
CA LYS C 129 -3.38 -6.95 67.38
C LYS C 129 -4.53 -7.11 68.35
N ASP C 130 -4.82 -6.03 69.08
CA ASP C 130 -5.95 -6.00 70.05
C ASP C 130 -7.29 -6.28 69.40
N TRP C 131 -7.52 -5.55 68.32
CA TRP C 131 -8.75 -5.70 67.54
C TRP C 131 -8.97 -7.16 67.08
N ILE C 132 -7.89 -7.76 66.57
CA ILE C 132 -7.92 -9.18 66.15
C ILE C 132 -8.35 -10.16 67.27
N GLN C 133 -7.80 -9.98 68.46
CA GLN C 133 -8.06 -10.88 69.59
C GLN C 133 -9.48 -10.76 70.09
N ASN C 134 -9.89 -9.53 70.32
CA ASN C 134 -11.26 -9.16 70.67
C ASN C 134 -12.30 -9.61 69.64
N THR C 135 -11.97 -9.46 68.36
CA THR C 135 -12.90 -9.85 67.30
C THR C 135 -12.99 -11.36 67.18
N PHE C 136 -11.87 -12.08 67.26
CA PHE C 136 -11.86 -13.51 66.86
C PHE C 136 -11.66 -14.48 68.04
N GLY C 137 -11.38 -13.96 69.22
CA GLY C 137 -11.17 -14.77 70.42
C GLY C 137 -9.91 -15.62 70.36
N ILE C 138 -8.81 -15.08 69.83
CA ILE C 138 -7.52 -15.79 69.71
C ILE C 138 -6.40 -14.83 70.12
N ASN C 139 -5.13 -15.26 70.18
CA ASN C 139 -4.06 -14.41 70.76
C ASN C 139 -2.83 -14.02 69.93
N LEU C 140 -2.58 -14.68 68.79
CA LEU C 140 -1.41 -14.40 67.92
C LEU C 140 -0.13 -15.01 68.47
N ASP C 141 -0.25 -16.09 69.20
CA ASP C 141 0.93 -16.82 69.68
C ASP C 141 1.11 -17.98 68.70
N HIS C 142 0.25 -19.01 68.78
CA HIS C 142 0.37 -20.15 67.84
C HIS C 142 0.15 -19.74 66.37
N LYS C 143 1.17 -19.92 65.58
CA LYS C 143 1.06 -19.85 64.14
C LYS C 143 0.57 -21.17 63.58
N THR C 144 -0.17 -21.06 62.50
CA THR C 144 -0.57 -22.23 61.76
C THR C 144 0.67 -22.64 60.96
N THR C 145 0.90 -23.92 60.71
CA THR C 145 2.07 -24.38 59.93
C THR C 145 1.52 -24.88 58.60
N SER C 146 1.98 -24.26 57.53
CA SER C 146 1.58 -24.55 56.15
C SER C 146 2.79 -25.01 55.37
N LYS C 147 2.59 -25.35 54.10
CA LYS C 147 3.67 -25.77 53.22
C LYS C 147 4.65 -24.65 52.95
N ALA C 148 5.93 -24.96 53.03
CA ALA C 148 7.00 -23.98 53.02
C ALA C 148 7.33 -23.50 51.62
N SER C 149 7.02 -24.33 50.64
CA SER C 149 7.30 -24.00 49.28
C SER C 149 6.47 -24.88 48.37
N LEU C 150 6.52 -24.51 47.09
CA LEU C 150 5.99 -25.34 46.01
C LEU C 150 6.85 -26.60 45.87
N ASN C 151 6.24 -27.75 46.16
CA ASN C 151 6.83 -29.04 45.94
C ASN C 151 6.38 -29.63 44.59
N PRO C 152 7.28 -29.68 43.55
CA PRO C 152 6.87 -30.26 42.24
C PRO C 152 6.36 -31.72 42.30
N SER C 153 6.84 -32.51 43.28
CA SER C 153 6.29 -33.85 43.44
C SER C 153 4.83 -33.90 43.89
N ASP C 154 4.25 -32.82 44.40
CA ASP C 154 2.82 -32.86 44.73
C ASP C 154 1.92 -32.80 43.50
N THR C 155 2.52 -32.47 42.33
CA THR C 155 1.77 -32.11 41.12
C THR C 155 1.72 -33.27 40.13
N PRO C 156 0.60 -33.40 39.37
CA PRO C 156 0.60 -34.44 38.33
C PRO C 156 1.73 -34.25 37.32
N PRO C 157 2.10 -35.30 36.56
CA PRO C 157 3.14 -35.04 35.56
C PRO C 157 2.56 -34.26 34.38
N SER C 158 3.47 -33.62 33.65
CA SER C 158 3.14 -32.83 32.49
C SER C 158 2.92 -33.75 31.26
N ILE C 159 1.63 -33.97 30.91
CA ILE C 159 1.17 -34.84 29.77
C ILE C 159 0.88 -33.98 28.50
N VAL C 160 1.85 -33.99 27.57
CA VAL C 160 1.81 -33.23 26.31
C VAL C 160 2.32 -34.05 25.08
N ASN C 161 1.50 -34.15 24.04
CA ASN C 161 1.85 -34.69 22.69
C ASN C 161 3.13 -34.12 22.06
N GLU C 162 3.99 -35.03 21.61
CA GLU C 162 5.34 -34.68 21.22
C GLU C 162 5.36 -33.98 19.86
N ASP C 163 4.41 -34.32 18.99
CA ASP C 163 4.24 -33.67 17.71
C ASP C 163 3.81 -32.23 17.91
N PHE C 164 2.84 -31.99 18.80
CA PHE C 164 2.48 -30.59 19.18
C PHE C 164 3.71 -29.82 19.69
N LEU C 165 4.46 -30.46 20.57
CA LEU C 165 5.64 -29.82 21.12
C LEU C 165 6.68 -29.46 20.09
N HIS C 166 6.91 -30.37 19.14
CA HIS C 166 7.86 -30.13 18.06
C HIS C 166 7.45 -28.91 17.25
N GLU C 167 6.19 -28.85 16.86
CA GLU C 167 5.61 -27.64 16.23
C GLU C 167 5.73 -26.40 17.10
N LEU C 168 5.48 -26.53 18.41
CA LEU C 168 5.60 -25.37 19.28
C LEU C 168 7.00 -24.81 19.26
N LYS C 169 8.01 -25.69 19.33
CA LYS C 169 9.41 -25.26 19.27
C LYS C 169 9.71 -24.42 18.06
N LYS C 170 9.11 -24.75 16.93
CA LYS C 170 9.43 -24.04 15.69
C LYS C 170 8.80 -22.64 15.62
N THR C 171 7.77 -22.38 16.45
CA THR C 171 7.20 -21.04 16.57
C THR C 171 8.06 -20.06 17.32
N ASN C 172 9.01 -20.54 18.10
CA ASN C 172 9.73 -19.72 19.04
C ASN C 172 8.89 -19.04 20.16
N ILE C 173 7.66 -19.47 20.37
CA ILE C 173 6.86 -18.97 21.53
C ILE C 173 7.38 -19.64 22.78
N SER C 174 7.75 -18.81 23.72
CA SER C 174 8.29 -19.29 24.98
C SER C 174 7.24 -20.15 25.77
N TYR C 175 7.70 -21.21 26.45
CA TYR C 175 6.79 -22.13 27.14
C TYR C 175 7.49 -22.77 28.30
N SER C 176 6.72 -23.44 29.12
CA SER C 176 7.23 -24.15 30.25
C SER C 176 6.28 -25.24 30.71
N GLN C 177 6.88 -26.39 31.07
CA GLN C 177 6.22 -27.51 31.67
C GLN C 177 6.63 -27.69 33.11
N GLU C 178 7.29 -26.67 33.68
CA GLU C 178 7.78 -26.78 35.07
C GLU C 178 6.63 -26.67 36.04
N ALA C 179 6.67 -27.45 37.12
CA ALA C 179 5.54 -27.57 38.03
C ALA C 179 5.20 -26.21 38.68
N ASP C 180 6.22 -25.43 39.04
CA ASP C 180 6.00 -24.14 39.71
C ASP C 180 5.24 -23.11 38.84
N ASP C 181 5.61 -22.96 37.55
CA ASP C 181 4.86 -22.17 36.57
C ASP C 181 3.41 -22.65 36.36
N ARG C 182 3.24 -23.96 36.27
CA ARG C 182 1.93 -24.60 36.11
C ARG C 182 1.02 -24.39 37.29
N VAL C 183 1.54 -24.58 38.48
CA VAL C 183 0.74 -24.45 39.70
C VAL C 183 0.44 -22.97 39.91
N PHE C 184 1.37 -22.07 39.60
CA PHE C 184 1.08 -20.63 39.81
C PHE C 184 -0.17 -20.18 39.05
N ARG C 185 -0.37 -20.76 37.88
CA ARG C 185 -1.50 -20.45 37.01
C ARG C 185 -2.66 -21.40 37.08
N ALA C 186 -2.69 -22.27 38.13
CA ALA C 186 -3.77 -23.23 38.35
C ALA C 186 -4.89 -22.66 39.20
N HIS C 187 -4.85 -21.38 39.59
CA HIS C 187 -5.79 -20.85 40.57
C HIS C 187 -5.86 -19.35 40.51
N GLY C 188 -6.90 -18.85 41.14
CA GLY C 188 -7.01 -17.45 41.52
C GLY C 188 -7.02 -17.28 43.00
N HIS C 189 -7.86 -16.37 43.49
CA HIS C 189 -7.70 -15.88 44.86
C HIS C 189 -8.92 -16.04 45.71
N CYS C 190 -9.66 -17.12 45.45
CA CYS C 190 -10.68 -17.54 46.37
C CYS C 190 -9.99 -18.25 47.54
N LEU C 191 -10.69 -18.23 48.67
CA LEU C 191 -10.23 -18.80 49.89
C LEU C 191 -9.84 -20.25 49.69
N HIS C 192 -10.74 -21.03 49.08
CA HIS C 192 -10.53 -22.43 48.88
C HIS C 192 -9.21 -22.75 48.11
N GLU C 193 -8.88 -21.90 47.16
CA GLU C 193 -7.69 -22.11 46.35
C GLU C 193 -6.41 -21.88 47.14
N ILE C 194 -6.45 -20.84 47.95
CA ILE C 194 -5.30 -20.40 48.81
C ILE C 194 -5.09 -21.46 49.94
N PHE C 195 -6.19 -21.95 50.49
CA PHE C 195 -6.15 -23.03 51.47
C PHE C 195 -5.41 -24.27 50.94
N LEU C 196 -5.80 -24.75 49.76
CA LEU C 196 -5.16 -25.87 49.10
C LEU C 196 -3.68 -25.65 48.74
N LEU C 197 -3.33 -24.47 48.29
CA LEU C 197 -1.94 -24.14 48.05
C LEU C 197 -1.12 -24.33 49.34
N ARG C 198 -1.70 -23.93 50.47
CA ARG C 198 -1.06 -23.96 51.76
C ARG C 198 -1.06 -25.35 52.41
N GLU C 199 -2.03 -26.19 52.09
CA GLU C 199 -2.29 -27.40 52.87
C GLU C 199 -2.28 -28.68 52.03
N GLY C 200 -2.45 -28.58 50.72
CA GLY C 200 -2.63 -29.76 49.86
C GLY C 200 -2.20 -29.46 48.43
N MET C 201 -3.04 -29.81 47.47
CA MET C 201 -2.72 -29.56 46.07
C MET C 201 -3.99 -29.60 45.26
N PHE C 202 -3.91 -28.96 44.11
CA PHE C 202 -5.02 -28.98 43.19
C PHE C 202 -5.15 -30.40 42.56
N GLU C 203 -6.39 -30.76 42.28
CA GLU C 203 -6.65 -32.00 41.59
C GLU C 203 -6.17 -31.96 40.15
N ARG C 204 -6.10 -30.78 39.58
CA ARG C 204 -5.73 -30.62 38.19
C ARG C 204 -5.07 -29.23 37.98
N ILE C 205 -3.96 -29.21 37.23
CA ILE C 205 -3.20 -28.01 36.93
C ILE C 205 -2.84 -28.05 35.47
N PRO C 206 -2.52 -26.89 34.88
CA PRO C 206 -2.15 -26.93 33.47
C PRO C 206 -0.95 -27.83 33.23
N ASP C 207 -0.93 -28.46 32.06
CA ASP C 207 0.18 -29.26 31.60
C ASP C 207 1.35 -28.43 31.02
N ILE C 208 1.06 -27.26 30.48
CA ILE C 208 2.09 -26.44 29.84
C ILE C 208 1.65 -24.98 29.85
N VAL C 209 2.60 -24.07 30.03
CA VAL C 209 2.37 -22.65 30.09
C VAL C 209 3.04 -22.07 28.82
N LEU C 210 2.31 -21.28 28.05
CA LEU C 210 2.81 -20.52 26.93
C LEU C 210 2.68 -19.02 27.16
N TRP C 211 3.68 -18.29 26.67
CA TRP C 211 3.72 -16.86 26.74
C TRP C 211 3.74 -16.19 25.36
N PRO C 212 2.59 -16.12 24.64
CA PRO C 212 2.57 -15.32 23.41
C PRO C 212 2.93 -13.87 23.67
N THR C 213 3.47 -13.20 22.67
CA THR C 213 3.81 -11.84 22.81
C THR C 213 2.98 -10.94 21.91
N CYS C 214 2.07 -11.46 21.10
CA CYS C 214 1.34 -10.62 20.15
C CYS C 214 0.18 -11.39 19.65
N HIS C 215 -0.73 -10.70 18.95
CA HIS C 215 -1.92 -11.33 18.39
C HIS C 215 -1.63 -12.59 17.53
N ASP C 216 -0.64 -12.43 16.67
CA ASP C 216 -0.26 -13.52 15.77
C ASP C 216 0.20 -14.78 16.46
N ASP C 217 0.96 -14.63 17.53
CA ASP C 217 1.33 -15.80 18.38
C ASP C 217 0.08 -16.53 18.90
N VAL C 218 -0.95 -15.77 19.25
CA VAL C 218 -2.17 -16.37 19.83
C VAL C 218 -2.93 -17.11 18.77
N VAL C 219 -2.97 -16.53 17.57
CA VAL C 219 -3.53 -17.26 16.42
C VAL C 219 -2.81 -18.63 16.20
N LYS C 220 -1.47 -18.64 16.14
CA LYS C 220 -0.71 -19.90 16.03
C LYS C 220 -1.09 -20.84 17.15
N ILE C 221 -1.12 -20.32 18.38
CA ILE C 221 -1.45 -21.22 19.50
C ILE C 221 -2.82 -21.83 19.35
N VAL C 222 -3.80 -21.01 18.99
CA VAL C 222 -5.17 -21.49 18.89
C VAL C 222 -5.32 -22.48 17.74
N ASN C 223 -4.66 -22.19 16.64
CA ASN C 223 -4.58 -23.17 15.53
C ASN C 223 -3.96 -24.51 15.97
N LEU C 224 -2.82 -24.48 16.67
CA LEU C 224 -2.27 -25.74 17.23
C LEU C 224 -3.20 -26.45 18.21
N ALA C 225 -3.96 -25.70 19.02
CA ALA C 225 -4.92 -26.32 19.94
C ALA C 225 -6.08 -27.02 19.25
N CYS C 226 -6.69 -26.40 18.25
CA CYS C 226 -7.68 -27.12 17.45
C CYS C 226 -7.09 -28.43 16.80
N LYS C 227 -5.92 -28.28 16.21
CA LYS C 227 -5.23 -29.39 15.52
C LYS C 227 -4.99 -30.59 16.44
N TYR C 228 -4.51 -30.34 17.67
CA TYR C 228 -4.11 -31.41 18.57
C TYR C 228 -5.05 -31.58 19.69
N ASN C 229 -6.19 -30.90 19.65
CA ASN C 229 -7.18 -31.09 20.65
C ASN C 229 -6.73 -30.83 22.05
N LEU C 230 -6.26 -29.62 22.22
CA LEU C 230 -5.73 -29.15 23.50
C LEU C 230 -6.70 -28.13 24.05
N CYS C 231 -6.88 -28.18 25.36
CA CYS C 231 -7.74 -27.30 26.12
C CYS C 231 -6.91 -26.05 26.54
N ILE C 232 -7.41 -24.86 26.19
CA ILE C 232 -6.84 -23.58 26.54
C ILE C 232 -7.66 -22.92 27.64
N ILE C 233 -6.96 -22.61 28.74
CA ILE C 233 -7.42 -21.66 29.78
C ILE C 233 -6.59 -20.39 29.74
N PRO C 234 -7.17 -19.27 29.25
CA PRO C 234 -6.42 -17.99 29.37
C PRO C 234 -6.16 -17.53 30.79
N ILE C 235 -5.05 -16.83 31.01
CA ILE C 235 -4.77 -16.22 32.31
C ILE C 235 -4.04 -14.89 32.10
N GLY C 236 -4.48 -13.89 32.85
CA GLY C 236 -3.82 -12.62 32.82
C GLY C 236 -3.20 -12.48 34.16
N GLY C 237 -3.83 -11.68 35.01
CA GLY C 237 -3.29 -11.47 36.34
C GLY C 237 -3.44 -12.60 37.32
N GLY C 238 -4.25 -13.58 37.01
CA GLY C 238 -4.51 -14.64 37.98
C GLY C 238 -5.31 -14.22 39.19
N THR C 239 -6.07 -13.12 39.09
CA THR C 239 -6.79 -12.51 40.21
C THR C 239 -8.26 -12.88 40.33
N SER C 240 -8.73 -13.78 39.51
CA SER C 240 -10.05 -14.34 39.58
C SER C 240 -10.48 -14.70 41.00
N VAL C 241 -11.67 -14.29 41.37
CA VAL C 241 -12.29 -14.75 42.61
C VAL C 241 -13.57 -15.55 42.33
N SER C 242 -13.60 -16.31 41.25
CA SER C 242 -14.84 -17.05 40.88
C SER C 242 -14.56 -18.50 40.51
N TYR C 243 -13.37 -18.99 40.87
CA TYR C 243 -12.87 -20.28 40.39
C TYR C 243 -12.80 -20.29 38.87
N GLY C 244 -12.54 -19.15 38.27
CA GLY C 244 -12.51 -19.04 36.82
C GLY C 244 -11.28 -19.62 36.11
N LEU C 245 -10.22 -19.82 36.87
CA LEU C 245 -8.93 -20.35 36.39
C LEU C 245 -8.76 -21.79 36.74
N MET C 246 -9.60 -22.32 37.62
CA MET C 246 -9.42 -23.69 38.10
C MET C 246 -9.60 -24.63 36.92
N CYS C 247 -8.65 -25.53 36.73
CA CYS C 247 -8.80 -26.58 35.72
C CYS C 247 -9.84 -27.69 36.18
N PRO C 248 -10.81 -28.05 35.33
CA PRO C 248 -11.71 -29.11 35.72
C PRO C 248 -10.98 -30.42 36.05
N ALA C 249 -11.31 -31.01 37.20
CA ALA C 249 -10.62 -32.22 37.65
C ALA C 249 -10.59 -33.41 36.66
N ASP C 250 -11.66 -33.61 35.88
CA ASP C 250 -11.77 -34.70 34.93
C ASP C 250 -11.39 -34.35 33.49
N GLU C 251 -10.92 -33.12 33.22
CA GLU C 251 -10.39 -32.81 31.90
C GLU C 251 -9.15 -33.69 31.62
N THR C 252 -9.25 -34.59 30.65
CA THR C 252 -8.19 -35.52 30.32
C THR C 252 -7.31 -35.02 29.19
N ARG C 253 -7.70 -33.97 28.47
CA ARG C 253 -6.79 -33.41 27.46
C ARG C 253 -5.69 -32.57 28.09
N THR C 254 -4.59 -32.40 27.36
CA THR C 254 -3.58 -31.46 27.68
C THR C 254 -4.22 -30.07 27.86
N ILE C 255 -3.85 -29.42 28.96
CA ILE C 255 -4.32 -28.05 29.26
C ILE C 255 -3.18 -27.10 29.06
N ILE C 256 -3.35 -26.19 28.12
CA ILE C 256 -2.48 -25.02 27.96
C ILE C 256 -2.94 -23.84 28.85
N SER C 257 -2.05 -23.34 29.71
CA SER C 257 -2.27 -22.08 30.33
C SER C 257 -1.74 -21.04 29.33
N LEU C 258 -2.64 -20.26 28.75
CA LEU C 258 -2.23 -19.21 27.81
C LEU C 258 -2.14 -17.94 28.62
N ASP C 259 -0.90 -17.60 28.98
CA ASP C 259 -0.55 -16.50 29.81
C ASP C 259 -0.35 -15.30 28.88
N THR C 260 -1.10 -14.21 29.18
CA THR C 260 -1.05 -13.02 28.30
C THR C 260 -0.07 -11.93 28.76
N SER C 261 0.66 -12.18 29.84
CA SER C 261 1.42 -11.15 30.53
C SER C 261 2.56 -10.52 29.71
N GLN C 262 3.07 -11.23 28.70
CA GLN C 262 4.15 -10.70 27.82
C GLN C 262 3.57 -10.10 26.55
N MET C 263 2.24 -10.07 26.46
CA MET C 263 1.50 -9.41 25.38
C MET C 263 0.87 -8.16 26.00
N ASN C 264 1.66 -7.13 26.17
CA ASN C 264 1.40 -6.09 27.17
C ASN C 264 1.64 -4.66 26.67
N ARG C 265 1.74 -4.47 25.35
CA ARG C 265 2.10 -3.13 24.85
C ARG C 265 0.88 -2.24 24.70
N ILE C 266 1.14 -0.96 24.90
CA ILE C 266 0.30 0.06 24.34
C ILE C 266 0.75 0.15 22.88
N LEU C 267 -0.14 -0.25 21.96
CA LEU C 267 0.16 -0.25 20.54
C LEU C 267 0.18 1.19 20.00
N TRP C 268 -0.82 1.95 20.39
CA TRP C 268 -0.83 3.38 20.14
C TRP C 268 -1.86 4.17 20.95
N VAL C 269 -1.57 5.46 21.08
CA VAL C 269 -2.49 6.42 21.66
C VAL C 269 -3.02 7.32 20.52
N ASP C 270 -4.34 7.39 20.43
CA ASP C 270 -5.04 8.24 19.50
C ASP C 270 -5.55 9.43 20.31
N GLU C 271 -4.77 10.50 20.26
CA GLU C 271 -5.11 11.72 20.98
C GLU C 271 -6.30 12.40 20.39
N ASN C 272 -6.53 12.29 19.10
CA ASN C 272 -7.72 12.93 18.51
C ASN C 272 -9.04 12.32 18.91
N ASN C 273 -9.06 11.01 19.17
CA ASN C 273 -10.28 10.33 19.48
C ASN C 273 -10.34 9.94 20.91
N LEU C 274 -9.28 10.24 21.66
CA LEU C 274 -9.21 9.91 23.10
C LEU C 274 -9.43 8.41 23.34
N THR C 275 -8.62 7.63 22.64
CA THR C 275 -8.58 6.19 22.88
C THR C 275 -7.15 5.69 22.80
N ALA C 276 -6.98 4.54 23.43
CA ALA C 276 -5.77 3.79 23.41
C ALA C 276 -6.01 2.37 22.95
N HIS C 277 -5.15 1.95 22.06
CA HIS C 277 -5.12 0.62 21.48
C HIS C 277 -4.08 -0.19 22.18
N VAL C 278 -4.51 -1.24 22.86
CA VAL C 278 -3.59 -1.96 23.83
C VAL C 278 -3.62 -3.42 23.65
N GLU C 279 -2.55 -4.11 24.03
CA GLU C 279 -2.60 -5.58 24.09
C GLU C 279 -3.25 -5.99 25.42
N ALA C 280 -3.88 -7.15 25.41
CA ALA C 280 -4.79 -7.49 26.47
C ALA C 280 -4.09 -7.89 27.75
N GLY C 281 -2.78 -8.08 27.71
CA GLY C 281 -2.08 -8.53 28.85
C GLY C 281 -1.49 -7.48 29.74
N ILE C 282 -1.67 -6.22 29.38
CA ILE C 282 -1.15 -5.12 30.14
C ILE C 282 -1.98 -5.03 31.42
N THR C 283 -1.28 -4.69 32.52
CA THR C 283 -1.86 -4.57 33.83
C THR C 283 -2.42 -3.19 33.96
N GLY C 284 -3.32 -3.01 34.91
CA GLY C 284 -3.86 -1.67 35.24
C GLY C 284 -2.78 -0.68 35.66
N GLN C 285 -1.88 -1.12 36.53
CA GLN C 285 -0.83 -0.30 37.03
C GLN C 285 0.06 0.16 35.89
N GLU C 286 0.47 -0.75 35.05
CA GLU C 286 1.35 -0.40 33.92
C GLU C 286 0.69 0.43 32.83
N LEU C 287 -0.57 0.15 32.56
CA LEU C 287 -1.34 0.97 31.64
C LEU C 287 -1.48 2.41 32.11
N GLU C 288 -1.91 2.60 33.36
CA GLU C 288 -2.00 3.93 33.96
C GLU C 288 -0.65 4.64 34.01
N ARG C 289 0.40 3.91 34.31
CA ARG C 289 1.73 4.52 34.41
C ARG C 289 2.22 5.01 33.04
N GLN C 290 2.07 4.17 32.03
CA GLN C 290 2.48 4.57 30.70
C GLN C 290 1.70 5.75 30.15
N LEU C 291 0.41 5.73 30.36
CA LEU C 291 -0.47 6.74 29.78
C LEU C 291 -0.24 8.05 30.44
N LYS C 292 0.04 7.99 31.72
CA LYS C 292 0.29 9.21 32.48
C LYS C 292 1.52 9.90 31.90
N GLU C 293 2.52 9.14 31.41
CA GLU C 293 3.71 9.76 30.82
C GLU C 293 3.32 10.69 29.67
N SER C 294 2.17 10.43 29.01
CA SER C 294 1.68 11.29 27.97
C SER C 294 0.60 12.29 28.40
N GLY C 295 0.26 12.39 29.69
CA GLY C 295 -0.83 13.26 30.09
C GLY C 295 -2.21 12.65 30.15
N TYR C 296 -2.31 11.31 30.06
CA TYR C 296 -3.63 10.62 29.98
C TYR C 296 -3.81 9.54 31.03
N CYS C 297 -5.03 9.10 31.20
CA CYS C 297 -5.32 7.95 32.07
C CYS C 297 -6.55 7.25 31.51
N THR C 298 -6.84 6.05 32.01
CA THR C 298 -8.13 5.44 31.74
C THR C 298 -9.09 5.69 32.89
N GLY C 299 -8.55 5.83 34.10
CA GLY C 299 -9.31 5.90 35.34
C GLY C 299 -9.99 4.63 35.79
N HIS C 300 -9.71 3.51 35.14
CA HIS C 300 -10.26 2.22 35.48
C HIS C 300 -9.38 1.61 36.55
N GLU C 301 -9.87 1.64 37.77
CA GLU C 301 -9.04 1.29 38.96
C GLU C 301 -9.69 0.23 39.83
N PRO C 302 -9.69 -1.03 39.37
CA PRO C 302 -10.16 -2.10 40.24
C PRO C 302 -9.13 -2.29 41.35
N ASP C 303 -9.51 -2.84 42.49
CA ASP C 303 -8.59 -3.03 43.56
C ASP C 303 -7.46 -3.98 43.23
N SER C 304 -7.63 -4.81 42.20
CA SER C 304 -6.64 -5.78 41.74
C SER C 304 -5.67 -5.17 40.71
N LEU C 305 -5.77 -3.88 40.45
CA LEU C 305 -5.10 -3.24 39.30
C LEU C 305 -3.56 -3.49 39.20
N GLU C 306 -2.90 -3.82 40.31
CA GLU C 306 -1.49 -4.18 40.25
C GLU C 306 -1.24 -5.34 39.33
N PHE C 307 -2.17 -6.30 39.31
CA PHE C 307 -2.05 -7.54 38.51
C PHE C 307 -3.13 -7.80 37.43
N SER C 308 -4.35 -7.32 37.61
CA SER C 308 -5.40 -7.60 36.67
C SER C 308 -5.13 -6.84 35.39
N THR C 309 -5.58 -7.43 34.29
CA THR C 309 -5.26 -7.01 32.94
C THR C 309 -6.49 -6.64 32.15
N VAL C 310 -6.26 -5.91 31.06
CA VAL C 310 -7.33 -5.50 30.17
C VAL C 310 -8.17 -6.68 29.69
N GLY C 311 -7.51 -7.78 29.28
CA GLY C 311 -8.17 -8.96 28.83
C GLY C 311 -9.03 -9.58 29.91
N GLY C 312 -8.50 -9.65 31.11
CA GLY C 312 -9.26 -10.05 32.31
C GLY C 312 -10.49 -9.18 32.57
N TRP C 313 -10.34 -7.84 32.60
CA TRP C 313 -11.44 -6.96 32.86
C TRP C 313 -12.63 -7.13 31.93
N ILE C 314 -12.32 -7.30 30.64
CA ILE C 314 -13.30 -7.56 29.59
C ILE C 314 -14.00 -8.91 29.85
N SER C 315 -13.20 -9.95 30.15
CA SER C 315 -13.72 -11.33 30.31
C SER C 315 -14.67 -11.44 31.51
N THR C 316 -14.46 -10.64 32.53
CA THR C 316 -15.18 -10.70 33.83
C THR C 316 -16.10 -9.54 34.13
N ARG C 317 -16.18 -8.60 33.21
CA ARG C 317 -17.01 -7.41 33.32
C ARG C 317 -16.60 -6.67 34.57
N ALA C 318 -15.31 -6.37 34.63
CA ALA C 318 -14.74 -5.67 35.81
C ALA C 318 -15.32 -4.22 36.00
N SER C 319 -15.36 -3.83 37.27
CA SER C 319 -15.80 -2.53 37.74
C SER C 319 -14.61 -1.90 38.55
N GLY C 320 -14.35 -0.62 38.37
CA GLY C 320 -13.32 0.06 39.12
C GLY C 320 -13.89 1.08 40.11
N MET C 321 -13.04 1.50 41.02
CA MET C 321 -13.38 2.44 42.05
C MET C 321 -13.97 3.78 41.51
N LYS C 322 -13.53 4.24 40.33
CA LYS C 322 -14.01 5.53 39.81
C LYS C 322 -14.92 5.41 38.60
N LYS C 323 -15.69 4.34 38.53
CA LYS C 323 -16.60 4.19 37.45
C LYS C 323 -17.61 5.35 37.31
N ASN C 324 -18.03 6.00 38.41
CA ASN C 324 -18.85 7.22 38.34
C ASN C 324 -18.45 8.20 37.30
N ILE C 325 -17.16 8.41 37.14
CA ILE C 325 -16.69 9.39 36.16
C ILE C 325 -16.04 8.73 34.95
N TYR C 326 -15.54 7.52 35.06
CA TYR C 326 -14.89 6.90 33.88
C TYR C 326 -15.68 5.81 33.20
N GLY C 327 -16.66 5.22 33.91
CA GLY C 327 -17.42 4.14 33.40
C GLY C 327 -16.83 2.81 33.92
N ASN C 328 -17.67 1.80 33.93
CA ASN C 328 -17.23 0.41 34.06
C ASN C 328 -16.65 -0.09 32.80
N ILE C 329 -16.18 -1.35 32.75
CA ILE C 329 -15.46 -1.82 31.57
C ILE C 329 -16.27 -1.74 30.27
N GLU C 330 -17.57 -2.02 30.35
CA GLU C 330 -18.51 -1.97 29.17
C GLU C 330 -18.70 -0.55 28.61
N ASP C 331 -18.47 0.47 29.44
CA ASP C 331 -18.43 1.88 29.01
C ASP C 331 -17.08 2.27 28.39
N LEU C 332 -16.00 1.58 28.74
CA LEU C 332 -14.62 1.99 28.42
C LEU C 332 -14.12 1.39 27.13
N VAL C 333 -14.50 0.13 26.87
CA VAL C 333 -14.07 -0.56 25.67
C VAL C 333 -14.84 -0.13 24.42
N VAL C 334 -14.11 0.36 23.44
CA VAL C 334 -14.63 0.81 22.16
C VAL C 334 -14.47 -0.30 21.09
N HIS C 335 -13.50 -1.17 21.26
CA HIS C 335 -13.20 -2.15 20.22
C HIS C 335 -12.42 -3.26 20.86
N MET C 336 -12.49 -4.44 20.27
CA MET C 336 -11.67 -5.55 20.72
C MET C 336 -11.40 -6.52 19.56
N LYS C 337 -10.37 -7.29 19.73
CA LYS C 337 -9.96 -8.33 18.81
C LYS C 337 -9.88 -9.62 19.58
N VAL C 338 -10.55 -10.66 19.10
CA VAL C 338 -10.67 -11.92 19.85
C VAL C 338 -10.33 -13.06 18.96
N VAL C 339 -9.45 -13.92 19.41
CA VAL C 339 -9.09 -15.10 18.64
C VAL C 339 -9.90 -16.24 19.14
N THR C 340 -10.70 -16.80 18.24
CA THR C 340 -11.52 -17.97 18.55
C THR C 340 -11.21 -19.18 17.68
N PRO C 341 -11.66 -20.37 18.09
CA PRO C 341 -11.46 -21.49 17.20
C PRO C 341 -12.09 -21.34 15.82
N ARG C 342 -13.06 -20.45 15.64
CA ARG C 342 -13.65 -20.22 14.31
C ARG C 342 -13.10 -19.09 13.54
N GLY C 343 -12.19 -18.34 14.16
CA GLY C 343 -11.47 -17.25 13.57
C GLY C 343 -11.51 -16.07 14.52
N VAL C 344 -11.17 -14.90 13.99
CA VAL C 344 -11.01 -13.71 14.72
C VAL C 344 -12.24 -12.79 14.65
N ILE C 345 -12.76 -12.38 15.81
CA ILE C 345 -13.95 -11.52 15.89
C ILE C 345 -13.39 -10.14 16.00
N GLU C 346 -13.87 -9.23 15.17
CA GLU C 346 -13.38 -7.83 15.22
C GLU C 346 -14.28 -7.00 14.35
N LYS C 347 -14.85 -5.91 14.88
CA LYS C 347 -15.67 -5.01 14.08
C LYS C 347 -14.77 -4.24 13.10
N SER C 348 -15.34 -3.80 11.99
CA SER C 348 -14.56 -3.15 10.92
C SER C 348 -14.26 -1.67 11.17
N CYS C 349 -15.10 -1.01 11.97
CA CYS C 349 -14.88 0.41 12.33
C CYS C 349 -14.90 0.78 13.83
N GLN C 350 -14.40 1.98 14.08
CA GLN C 350 -14.11 2.49 15.41
C GLN C 350 -15.11 3.57 15.82
N GLY C 351 -16.20 3.73 15.03
CA GLY C 351 -17.27 4.69 15.36
C GLY C 351 -17.70 4.62 16.81
N PRO C 352 -18.16 5.75 17.38
CA PRO C 352 -18.39 5.75 18.82
C PRO C 352 -19.58 4.97 19.28
N ARG C 353 -20.59 4.84 18.44
CA ARG C 353 -21.84 4.19 18.85
C ARG C 353 -22.52 3.76 17.55
N MET C 354 -23.02 2.52 17.54
CA MET C 354 -23.63 1.91 16.36
C MET C 354 -24.95 1.23 16.61
N SER C 355 -25.71 1.07 15.54
CA SER C 355 -26.86 0.17 15.56
C SER C 355 -26.69 -0.79 14.41
N THR C 356 -25.98 -1.90 14.64
CA THR C 356 -25.74 -2.87 13.62
C THR C 356 -26.05 -4.26 14.20
N GLY C 357 -27.20 -4.38 14.85
CA GLY C 357 -27.68 -5.66 15.38
C GLY C 357 -27.30 -5.77 16.82
N PRO C 358 -27.58 -6.92 17.45
CA PRO C 358 -27.10 -7.23 18.81
C PRO C 358 -25.56 -7.00 18.91
N ASP C 359 -25.14 -6.36 20.01
CA ASP C 359 -23.74 -5.90 20.13
C ASP C 359 -22.87 -7.07 20.48
N ILE C 360 -22.08 -7.53 19.50
CA ILE C 360 -21.28 -8.74 19.65
C ILE C 360 -20.09 -8.58 20.64
N HIS C 361 -19.70 -7.33 20.91
CA HIS C 361 -18.88 -7.00 22.09
C HIS C 361 -19.44 -7.52 23.40
N HIS C 362 -20.77 -7.50 23.53
CA HIS C 362 -21.41 -8.06 24.69
C HIS C 362 -21.54 -9.52 24.73
N PHE C 363 -21.33 -10.18 23.60
CA PHE C 363 -21.18 -11.66 23.57
C PHE C 363 -19.83 -12.10 24.23
N ILE C 364 -18.81 -11.24 24.13
CA ILE C 364 -17.46 -11.53 24.62
C ILE C 364 -17.21 -10.99 25.99
N MET C 365 -17.72 -9.78 26.26
CA MET C 365 -17.63 -9.25 27.62
C MET C 365 -18.43 -10.09 28.55
N GLY C 366 -17.80 -10.54 29.63
CA GLY C 366 -18.42 -11.49 30.51
C GLY C 366 -18.27 -12.94 30.08
N SER C 367 -17.51 -13.19 29.02
CA SER C 367 -17.32 -14.60 28.55
C SER C 367 -16.37 -15.46 29.35
N GLU C 368 -15.60 -14.82 30.24
CA GLU C 368 -14.84 -15.58 31.27
C GLU C 368 -13.98 -16.72 30.67
N GLY C 369 -13.30 -16.41 29.57
CA GLY C 369 -12.38 -17.36 28.95
C GLY C 369 -12.97 -18.60 28.25
N THR C 370 -14.26 -18.55 27.90
CA THR C 370 -14.97 -19.73 27.43
C THR C 370 -15.12 -19.75 25.93
N LEU C 371 -14.73 -18.68 25.25
CA LEU C 371 -14.92 -18.54 23.81
C LEU C 371 -13.67 -18.35 23.00
N GLY C 372 -12.68 -17.70 23.57
CA GLY C 372 -11.53 -17.28 22.80
C GLY C 372 -10.61 -16.44 23.69
N VAL C 373 -9.54 -15.93 23.07
CA VAL C 373 -8.58 -15.08 23.72
C VAL C 373 -8.73 -13.65 23.19
N ILE C 374 -9.04 -12.75 24.11
CA ILE C 374 -9.03 -11.34 23.80
C ILE C 374 -7.56 -10.93 23.67
N THR C 375 -7.17 -10.47 22.50
CA THR C 375 -5.75 -10.11 22.28
C THR C 375 -5.48 -8.62 22.39
N GLU C 376 -6.41 -7.83 21.89
CA GLU C 376 -6.25 -6.37 21.79
C GLU C 376 -7.55 -5.68 22.10
N ALA C 377 -7.47 -4.48 22.65
CA ALA C 377 -8.62 -3.67 22.89
C ALA C 377 -8.32 -2.23 22.69
N THR C 378 -9.35 -1.47 22.35
CA THR C 378 -9.29 -0.04 22.31
C THR C 378 -10.13 0.48 23.45
N ILE C 379 -9.52 1.26 24.33
CA ILE C 379 -10.13 1.71 25.54
C ILE C 379 -10.15 3.21 25.51
N LYS C 380 -11.25 3.79 25.94
CA LYS C 380 -11.33 5.26 26.10
C LYS C 380 -10.34 5.80 27.13
N ILE C 381 -9.70 6.93 26.83
CA ILE C 381 -8.78 7.57 27.74
C ILE C 381 -9.28 9.01 28.00
N ARG C 382 -8.74 9.60 29.04
CA ARG C 382 -9.10 10.96 29.44
C ARG C 382 -7.81 11.70 29.78
N PRO C 383 -7.79 13.05 29.67
CA PRO C 383 -6.62 13.75 30.21
C PRO C 383 -6.53 13.51 31.70
N THR C 384 -5.32 13.41 32.23
CA THR C 384 -5.09 13.27 33.65
C THR C 384 -5.95 14.33 34.39
N PRO C 385 -6.63 13.96 35.47
CA PRO C 385 -7.51 14.94 36.12
C PRO C 385 -6.72 16.09 36.70
N GLU C 386 -7.23 17.31 36.58
CA GLU C 386 -6.57 18.47 37.19
C GLU C 386 -6.30 18.36 38.68
N TYR C 387 -7.28 17.81 39.43
CA TYR C 387 -7.31 17.85 40.86
C TYR C 387 -7.99 16.61 41.46
N GLN C 388 -7.38 16.07 42.50
CA GLN C 388 -7.94 14.96 43.26
C GLN C 388 -7.99 15.37 44.72
N LYS C 389 -9.13 15.18 45.38
CA LYS C 389 -9.36 15.62 46.74
C LYS C 389 -10.19 14.58 47.49
N TYR C 390 -9.83 14.31 48.75
CA TYR C 390 -10.56 13.38 49.61
C TYR C 390 -11.56 14.09 50.52
N GLY C 391 -12.43 13.30 51.12
CA GLY C 391 -13.49 13.73 52.03
C GLY C 391 -14.02 12.55 52.82
N SER C 392 -14.77 12.84 53.87
CA SER C 392 -15.47 11.84 54.63
C SER C 392 -16.63 12.46 55.33
N VAL C 393 -17.61 11.63 55.63
CA VAL C 393 -18.82 12.08 56.28
C VAL C 393 -19.18 11.03 57.28
N ALA C 394 -19.53 11.45 58.50
CA ALA C 394 -20.09 10.52 59.48
C ALA C 394 -21.59 10.68 59.61
N PHE C 395 -22.32 9.58 59.68
CA PHE C 395 -23.78 9.58 59.80
C PHE C 395 -24.14 8.90 61.12
N PRO C 396 -25.33 9.21 61.70
CA PRO C 396 -25.71 8.57 62.97
C PRO C 396 -25.83 7.05 62.95
N ASN C 397 -26.23 6.51 61.80
CA ASN C 397 -26.27 5.09 61.59
C ASN C 397 -26.12 4.75 60.10
N PHE C 398 -26.10 3.46 59.80
CA PHE C 398 -25.90 2.96 58.44
C PHE C 398 -27.04 3.34 57.49
N GLU C 399 -28.26 3.31 58.03
CA GLU C 399 -29.48 3.52 57.28
C GLU C 399 -29.62 4.93 56.76
N GLN C 400 -29.21 5.90 57.59
CA GLN C 400 -29.13 7.30 57.18
C GLN C 400 -28.08 7.46 56.13
N GLY C 401 -26.95 6.78 56.29
CA GLY C 401 -25.93 6.81 55.23
C GLY C 401 -26.43 6.32 53.88
N VAL C 402 -27.19 5.23 53.90
CA VAL C 402 -27.72 4.62 52.67
C VAL C 402 -28.69 5.61 52.00
N ALA C 403 -29.61 6.17 52.81
CA ALA C 403 -30.51 7.18 52.33
C ALA C 403 -29.74 8.33 51.72
N CYS C 404 -28.66 8.77 52.35
CA CYS C 404 -27.92 9.87 51.81
C CYS C 404 -27.26 9.48 50.46
N LEU C 405 -26.73 8.26 50.35
CA LEU C 405 -26.13 7.80 49.08
C LEU C 405 -27.16 7.73 47.91
N ARG C 406 -28.36 7.26 48.23
CA ARG C 406 -29.48 7.26 47.28
C ARG C 406 -29.76 8.69 46.84
N GLU C 407 -29.81 9.63 47.76
CA GLU C 407 -30.10 11.02 47.33
C GLU C 407 -29.01 11.60 46.45
N ILE C 408 -27.73 11.37 46.81
CA ILE C 408 -26.59 11.78 45.97
C ILE C 408 -26.70 11.19 44.58
N ALA C 409 -27.10 9.93 44.47
CA ALA C 409 -27.28 9.26 43.16
C ALA C 409 -28.40 9.93 42.38
N LYS C 410 -29.54 10.06 43.03
CA LYS C 410 -30.68 10.74 42.48
C LYS C 410 -30.34 12.13 41.97
N GLN C 411 -29.53 12.87 42.71
CA GLN C 411 -29.07 14.18 42.29
C GLN C 411 -27.97 14.06 41.23
N ARG C 412 -27.56 12.85 40.89
CA ARG C 412 -26.53 12.58 39.92
C ARG C 412 -25.31 13.46 40.23
N CYS C 413 -24.98 13.63 41.51
CA CYS C 413 -23.82 14.41 41.94
C CYS C 413 -22.72 13.60 42.73
N ALA C 414 -22.58 12.30 42.45
CA ALA C 414 -21.65 11.44 43.22
C ALA C 414 -20.18 11.89 43.00
N PRO C 415 -19.34 11.93 44.04
CA PRO C 415 -17.94 12.04 43.76
C PRO C 415 -17.46 10.88 42.87
N ALA C 416 -16.26 11.04 42.32
CA ALA C 416 -15.57 10.00 41.57
C ALA C 416 -15.66 8.63 42.25
N SER C 417 -15.45 8.58 43.58
CA SER C 417 -15.78 7.44 44.40
C SER C 417 -16.49 7.84 45.72
N ILE C 418 -17.48 7.04 46.08
CA ILE C 418 -18.20 7.14 47.34
C ILE C 418 -18.52 5.74 47.94
N ARG C 419 -18.06 5.54 49.17
CA ARG C 419 -18.21 4.26 49.84
C ARG C 419 -18.81 4.54 51.19
N LEU C 420 -19.71 3.68 51.62
CA LEU C 420 -20.31 3.81 52.95
C LEU C 420 -20.00 2.54 53.72
N MET C 421 -19.26 2.70 54.81
CA MET C 421 -18.94 1.54 55.64
C MET C 421 -19.84 1.47 56.88
N ASP C 422 -20.11 0.26 57.33
CA ASP C 422 -20.94 0.04 58.51
C ASP C 422 -20.10 0.28 59.73
N ASN C 423 -20.72 0.18 60.90
CA ASN C 423 -20.04 0.57 62.11
C ASN C 423 -18.84 -0.27 62.43
N GLN C 424 -18.94 -1.59 62.22
CA GLN C 424 -17.78 -2.49 62.42
C GLN C 424 -16.59 -2.07 61.56
N GLN C 425 -16.84 -1.66 60.32
CA GLN C 425 -15.69 -1.23 59.51
C GLN C 425 -15.05 0.09 59.97
N PHE C 426 -15.90 0.98 60.47
CA PHE C 426 -15.45 2.22 61.11
C PHE C 426 -14.50 1.88 62.25
N GLN C 427 -14.96 1.04 63.17
CA GLN C 427 -14.16 0.63 64.32
C GLN C 427 -12.86 -0.02 63.90
N PHE C 428 -12.95 -0.87 62.90
CA PHE C 428 -11.75 -1.52 62.34
C PHE C 428 -10.77 -0.52 61.79
N GLY C 429 -11.26 0.41 60.96
CA GLY C 429 -10.44 1.50 60.41
C GLY C 429 -9.78 2.35 61.49
N HIS C 430 -10.46 2.46 62.64
CA HIS C 430 -9.94 3.13 63.83
C HIS C 430 -8.81 2.34 64.47
N ALA C 431 -9.08 1.07 64.80
CA ALA C 431 -8.02 0.15 65.28
C ALA C 431 -6.83 0.01 64.30
N LEU C 432 -7.04 0.34 63.03
CA LEU C 432 -5.99 0.42 62.00
C LEU C 432 -5.23 1.76 61.95
N LYS C 433 -5.24 2.51 63.06
CA LYS C 433 -4.60 3.81 63.10
C LYS C 433 -3.15 3.66 63.62
N PRO C 434 -2.15 4.22 62.89
CA PRO C 434 -0.80 4.39 63.49
C PRO C 434 -0.78 5.35 64.70
N GLN C 435 -0.31 4.89 65.86
CA GLN C 435 -0.50 5.63 67.12
C GLN C 435 0.37 5.12 68.29
N GLY C 457 -22.55 14.07 70.16
CA GLY C 457 -23.88 13.44 70.25
C GLY C 457 -24.02 12.12 69.49
N PHE C 458 -23.12 11.88 68.53
CA PHE C 458 -23.07 10.61 67.75
C PHE C 458 -22.66 9.39 68.57
N ASP C 459 -23.37 8.26 68.39
CA ASP C 459 -23.11 7.00 69.13
C ASP C 459 -22.04 6.14 68.43
N PRO C 460 -20.89 5.86 69.08
CA PRO C 460 -19.83 5.14 68.36
C PRO C 460 -20.04 3.65 68.06
N ASN C 461 -21.08 3.03 68.63
CA ASN C 461 -21.46 1.67 68.22
C ASN C 461 -22.47 1.64 67.09
N GLN C 462 -23.03 2.80 66.74
CA GLN C 462 -24.02 2.91 65.68
C GLN C 462 -23.54 3.63 64.42
N LEU C 463 -22.61 4.56 64.56
CA LEU C 463 -22.36 5.50 63.48
C LEU C 463 -21.72 4.79 62.27
N SER C 464 -21.95 5.36 61.09
CA SER C 464 -21.37 4.89 59.83
C SER C 464 -20.63 6.04 59.17
N VAL C 465 -19.63 5.72 58.36
CA VAL C 465 -18.81 6.73 57.72
C VAL C 465 -18.79 6.49 56.21
N ALA C 466 -18.92 7.55 55.45
CA ALA C 466 -18.72 7.47 54.00
C ALA C 466 -17.34 8.03 53.75
N THR C 467 -16.58 7.40 52.87
CA THR C 467 -15.38 8.03 52.38
C THR C 467 -15.60 8.48 50.97
N LEU C 468 -14.93 9.58 50.62
CA LEU C 468 -15.15 10.32 49.40
C LEU C 468 -13.83 10.61 48.66
N LEU C 469 -13.88 10.51 47.33
CA LEU C 469 -12.79 10.90 46.46
C LEU C 469 -13.43 11.71 45.34
N PHE C 470 -12.99 12.96 45.22
CA PHE C 470 -13.38 13.85 44.22
C PHE C 470 -12.21 13.98 43.25
N GLU C 471 -12.50 14.03 41.96
CA GLU C 471 -11.50 14.07 40.95
C GLU C 471 -12.03 14.77 39.70
N GLY C 472 -11.22 15.65 39.12
CA GLY C 472 -11.57 16.32 37.88
C GLY C 472 -11.07 17.75 37.84
N ASP C 473 -11.83 18.60 37.14
CA ASP C 473 -11.53 20.02 37.08
C ASP C 473 -11.80 20.59 38.42
N ARG C 474 -10.95 21.52 38.81
CA ARG C 474 -11.04 22.11 40.17
C ARG C 474 -12.42 22.69 40.49
N GLU C 475 -12.98 23.46 39.57
CA GLU C 475 -14.27 24.10 39.85
C GLU C 475 -15.35 23.04 40.07
N LYS C 476 -15.28 21.97 39.26
CA LYS C 476 -16.26 20.88 39.31
C LYS C 476 -16.13 20.11 40.59
N VAL C 477 -14.87 19.87 41.00
CA VAL C 477 -14.60 19.25 42.30
C VAL C 477 -15.29 20.08 43.42
N LEU C 478 -15.03 21.38 43.45
CA LEU C 478 -15.67 22.30 44.41
C LEU C 478 -17.18 22.33 44.33
N GLN C 479 -17.73 22.40 43.12
CA GLN C 479 -19.20 22.28 43.01
C GLN C 479 -19.70 20.98 43.55
N HIS C 480 -19.08 19.86 43.15
CA HIS C 480 -19.58 18.56 43.68
C HIS C 480 -19.50 18.42 45.17
N GLU C 481 -18.36 18.86 45.70
CA GLU C 481 -18.16 18.83 47.12
C GLU C 481 -19.20 19.64 47.89
N LYS C 482 -19.48 20.87 47.46
CA LYS C 482 -20.56 21.69 48.08
C LYS C 482 -21.90 20.95 48.11
N GLN C 483 -22.27 20.34 46.98
CA GLN C 483 -23.54 19.64 46.90
C GLN C 483 -23.62 18.39 47.75
N VAL C 484 -22.58 17.59 47.71
CA VAL C 484 -22.54 16.35 48.49
C VAL C 484 -22.70 16.60 49.99
N TYR C 485 -21.92 17.55 50.53
CA TYR C 485 -21.96 17.86 51.95
C TYR C 485 -23.31 18.44 52.38
N ASP C 486 -23.85 19.34 51.56
CA ASP C 486 -25.23 19.82 51.73
C ASP C 486 -26.27 18.72 51.77
N ILE C 487 -26.19 17.73 50.84
CA ILE C 487 -27.15 16.62 50.86
C ILE C 487 -26.97 15.76 52.14
N ALA C 488 -25.70 15.47 52.44
CA ALA C 488 -25.31 14.73 53.69
C ALA C 488 -25.86 15.34 55.00
N ALA C 489 -25.78 16.67 55.12
CA ALA C 489 -26.38 17.41 56.25
C ALA C 489 -27.85 17.14 56.50
N LYS C 490 -28.61 16.93 55.44
CA LYS C 490 -30.02 16.63 55.54
C LYS C 490 -30.28 15.22 56.10
N PHE C 491 -29.31 14.34 56.04
CA PHE C 491 -29.47 13.02 56.64
C PHE C 491 -28.73 12.92 57.99
N GLY C 492 -28.37 14.06 58.57
CA GLY C 492 -27.58 14.08 59.82
C GLY C 492 -26.08 13.84 59.60
N GLY C 493 -25.62 14.02 58.38
CA GLY C 493 -24.25 13.70 58.03
C GLY C 493 -23.37 14.87 58.38
N LEU C 494 -22.25 14.62 59.06
CA LEU C 494 -21.26 15.70 59.34
C LEU C 494 -19.91 15.41 58.68
N ALA C 495 -19.30 16.41 58.04
CA ALA C 495 -17.93 16.29 57.50
C ALA C 495 -16.96 15.79 58.57
N ALA C 496 -16.11 14.86 58.18
CA ALA C 496 -15.28 14.17 59.13
C ALA C 496 -13.82 14.24 58.78
N GLY C 497 -13.44 14.99 57.74
CA GLY C 497 -12.05 15.18 57.38
C GLY C 497 -11.55 14.64 56.04
N GLU C 498 -10.72 15.43 55.38
CA GLU C 498 -10.04 14.96 54.17
C GLU C 498 -9.07 13.79 54.44
N ASP C 499 -8.43 13.75 55.60
CA ASP C 499 -7.39 12.74 55.86
C ASP C 499 -8.00 11.42 56.23
N ASN C 500 -9.14 11.49 56.89
CA ASN C 500 -9.97 10.35 57.09
C ASN C 500 -10.31 9.63 55.77
N GLY C 501 -10.68 10.40 54.76
CA GLY C 501 -11.03 9.82 53.48
C GLY C 501 -9.82 9.26 52.77
N GLN C 502 -8.71 10.00 52.87
CA GLN C 502 -7.45 9.55 52.28
C GLN C 502 -6.98 8.24 52.92
N ARG C 503 -7.07 8.13 54.23
CA ARG C 503 -6.67 6.89 54.95
C ARG C 503 -7.48 5.72 54.41
N GLY C 504 -8.79 5.96 54.20
CA GLY C 504 -9.70 4.96 53.69
C GLY C 504 -9.25 4.46 52.34
N TYR C 505 -8.90 5.37 51.44
CA TYR C 505 -8.43 5.01 50.09
C TYR C 505 -7.11 4.25 50.01
N LEU C 506 -6.10 4.69 50.75
CA LEU C 506 -4.79 3.98 50.86
C LEU C 506 -4.93 2.52 51.36
N LEU C 507 -5.71 2.33 52.41
CA LEU C 507 -6.08 0.98 52.91
C LEU C 507 -6.56 -0.03 51.84
N THR C 508 -7.31 0.46 50.83
CA THR C 508 -7.79 -0.34 49.71
C THR C 508 -6.80 -1.44 49.25
N TYR C 509 -5.56 -1.07 48.96
CA TYR C 509 -4.59 -2.01 48.37
C TYR C 509 -3.88 -2.92 49.38
N VAL C 510 -4.05 -2.70 50.65
CA VAL C 510 -3.35 -3.58 51.62
C VAL C 510 -4.27 -4.57 52.29
N ILE C 511 -5.61 -4.38 52.20
CA ILE C 511 -6.56 -5.28 52.85
C ILE C 511 -6.41 -6.71 52.34
N ALA C 512 -6.09 -6.87 51.06
CA ALA C 512 -5.81 -8.19 50.50
C ALA C 512 -4.70 -8.98 51.23
N TYR C 513 -3.70 -8.26 51.73
CA TYR C 513 -2.61 -8.91 52.49
C TYR C 513 -3.09 -9.40 53.84
N MET C 514 -4.21 -8.87 54.33
CA MET C 514 -4.71 -9.25 55.64
C MET C 514 -5.22 -10.65 55.67
N ARG C 515 -5.61 -11.16 54.53
CA ARG C 515 -6.18 -12.47 54.48
C ARG C 515 -5.17 -13.52 54.81
N ASP C 516 -3.99 -13.37 54.26
CA ASP C 516 -2.83 -14.17 54.60
C ASP C 516 -2.48 -14.14 56.06
N LEU C 517 -2.50 -12.96 56.64
CA LEU C 517 -2.26 -12.82 58.07
C LEU C 517 -3.30 -13.63 58.85
N GLY C 518 -4.55 -13.53 58.47
CA GLY C 518 -5.57 -14.24 59.18
C GLY C 518 -5.31 -15.72 59.14
N LEU C 519 -4.85 -16.18 57.97
CA LEU C 519 -4.58 -17.60 57.75
C LEU C 519 -3.39 -18.11 58.60
N GLU C 520 -2.43 -17.25 58.92
CA GLU C 520 -1.36 -17.63 59.89
C GLU C 520 -1.89 -17.85 61.31
N TYR C 521 -3.13 -17.46 61.60
CA TYR C 521 -3.66 -17.43 62.97
C TYR C 521 -5.04 -17.98 63.11
N TYR C 522 -5.37 -18.97 62.32
CA TYR C 522 -6.65 -19.70 62.43
C TYR C 522 -7.91 -18.88 62.13
N ILE C 523 -7.74 -17.82 61.32
CA ILE C 523 -8.86 -17.00 60.83
C ILE C 523 -8.99 -17.15 59.32
N ILE C 524 -10.17 -17.64 58.90
CA ILE C 524 -10.52 -17.75 57.49
C ILE C 524 -11.57 -16.74 57.17
N GLY C 525 -11.39 -16.12 56.03
CA GLY C 525 -12.32 -15.12 55.61
C GLY C 525 -12.29 -14.85 54.12
N GLU C 526 -13.36 -14.22 53.66
CA GLU C 526 -13.52 -13.89 52.26
C GLU C 526 -14.37 -12.63 52.13
N SER C 527 -14.26 -11.97 50.99
CA SER C 527 -15.14 -10.90 50.64
C SER C 527 -16.08 -11.45 49.56
N PHE C 528 -17.25 -10.84 49.46
CA PHE C 528 -18.23 -11.18 48.42
C PHE C 528 -19.15 -9.98 48.20
N GLU C 529 -19.80 -9.94 47.04
CA GLU C 529 -20.54 -8.77 46.59
C GLU C 529 -21.82 -9.14 45.86
N THR C 530 -22.71 -8.15 45.83
CA THR C 530 -23.91 -8.19 45.05
C THR C 530 -24.23 -6.78 44.65
N SER C 531 -25.13 -6.64 43.69
CA SER C 531 -25.81 -5.39 43.49
C SER C 531 -27.31 -5.59 43.72
N ALA C 532 -27.98 -4.51 44.11
CA ALA C 532 -29.41 -4.57 44.50
C ALA C 532 -30.11 -3.22 44.36
N PRO C 533 -31.41 -3.25 44.06
CA PRO C 533 -32.18 -2.00 44.01
C PRO C 533 -32.09 -1.24 45.29
N TRP C 534 -32.13 0.08 45.22
CA TRP C 534 -32.06 0.92 46.44
C TRP C 534 -33.02 0.45 47.52
N ASP C 535 -34.24 0.04 47.19
CA ASP C 535 -35.20 -0.28 48.27
C ASP C 535 -34.96 -1.61 48.96
N ARG C 536 -34.06 -2.42 48.42
CA ARG C 536 -33.66 -3.65 49.06
C ARG C 536 -32.36 -3.59 49.85
N VAL C 537 -31.62 -2.49 49.78
CA VAL C 537 -30.23 -2.49 50.35
C VAL C 537 -30.14 -2.72 51.88
N VAL C 538 -30.93 -1.97 52.64
CA VAL C 538 -30.83 -2.07 54.11
C VAL C 538 -31.19 -3.50 54.58
N ASP C 539 -32.31 -4.04 54.07
CA ASP C 539 -32.82 -5.36 54.50
C ASP C 539 -31.83 -6.44 54.12
N LEU C 540 -31.29 -6.35 52.91
CA LEU C 540 -30.30 -7.32 52.43
C LEU C 540 -29.07 -7.32 53.33
N CYS C 541 -28.51 -6.15 53.59
CA CYS C 541 -27.33 -6.10 54.45
C CYS C 541 -27.62 -6.81 55.77
N ARG C 542 -28.72 -6.42 56.42
CA ARG C 542 -29.07 -6.97 57.76
C ARG C 542 -29.32 -8.45 57.66
N ASN C 543 -30.09 -8.90 56.66
CA ASN C 543 -30.46 -10.33 56.57
C ASN C 543 -29.29 -11.21 56.19
N VAL C 544 -28.39 -10.69 55.35
CA VAL C 544 -27.19 -11.47 54.99
C VAL C 544 -26.27 -11.57 56.20
N LYS C 545 -26.10 -10.49 56.98
CA LYS C 545 -25.28 -10.60 58.17
C LYS C 545 -25.87 -11.60 59.17
N GLU C 546 -27.18 -11.51 59.39
CA GLU C 546 -27.91 -12.50 60.24
C GLU C 546 -27.66 -13.94 59.81
N ARG C 547 -27.81 -14.17 58.52
CA ARG C 547 -27.74 -15.52 57.98
C ARG C 547 -26.38 -16.12 58.24
N ILE C 548 -25.38 -15.29 58.06
CA ILE C 548 -24.03 -15.76 58.25
C ILE C 548 -23.80 -16.18 59.72
N ARG C 549 -24.25 -15.33 60.65
CA ARG C 549 -24.10 -15.59 62.10
C ARG C 549 -24.83 -16.86 62.49
N ARG C 550 -26.03 -17.02 61.96
CA ARG C 550 -26.87 -18.16 62.24
C ARG C 550 -26.31 -19.44 61.64
N GLU C 551 -25.78 -19.37 60.42
CA GLU C 551 -25.18 -20.56 59.81
C GLU C 551 -23.95 -20.99 60.57
N CYS C 552 -23.07 -20.05 60.92
CA CYS C 552 -21.88 -20.37 61.67
C CYS C 552 -22.21 -21.02 63.03
N LYS C 553 -23.14 -20.44 63.78
CA LYS C 553 -23.59 -21.01 65.05
C LYS C 553 -24.02 -22.46 64.87
N GLU C 554 -24.94 -22.71 63.93
CA GLU C 554 -25.39 -24.06 63.58
C GLU C 554 -24.32 -25.09 63.12
N LYS C 555 -23.21 -24.63 62.55
CA LYS C 555 -22.13 -25.52 62.13
C LYS C 555 -21.05 -25.61 63.19
N GLY C 556 -21.19 -24.86 64.28
CA GLY C 556 -20.37 -25.04 65.48
C GLY C 556 -19.14 -24.16 65.65
N VAL C 557 -19.16 -22.98 65.05
CA VAL C 557 -18.06 -22.00 65.24
C VAL C 557 -18.22 -21.39 66.62
N GLN C 558 -17.10 -21.19 67.31
CA GLN C 558 -17.14 -20.79 68.72
C GLN C 558 -17.56 -19.36 68.91
N PHE C 559 -16.72 -18.43 68.46
CA PHE C 559 -17.03 -17.01 68.56
C PHE C 559 -17.95 -16.63 67.37
N PRO C 560 -18.88 -15.65 67.55
CA PRO C 560 -19.64 -15.13 66.40
C PRO C 560 -18.68 -14.58 65.32
N PRO C 561 -18.97 -14.80 64.02
CA PRO C 561 -18.03 -14.36 62.98
C PRO C 561 -17.95 -12.85 62.83
N LEU C 562 -16.93 -12.40 62.15
CA LEU C 562 -16.97 -11.09 61.55
C LEU C 562 -17.90 -11.18 60.33
N SER C 563 -18.80 -10.21 60.25
CA SER C 563 -19.80 -10.12 59.20
C SER C 563 -20.09 -8.64 59.06
N THR C 564 -19.52 -8.01 58.04
CA THR C 564 -19.60 -6.55 57.86
C THR C 564 -19.84 -6.19 56.40
N CYS C 565 -20.34 -4.98 56.14
CA CYS C 565 -20.57 -4.59 54.79
C CYS C 565 -20.29 -3.16 54.55
N ARG C 566 -20.12 -2.85 53.27
CA ARG C 566 -19.96 -1.49 52.82
C ARG C 566 -20.62 -1.37 51.47
N VAL C 567 -21.17 -0.21 51.18
CA VAL C 567 -21.75 0.12 49.89
C VAL C 567 -20.61 0.77 49.12
N THR C 568 -20.29 0.18 48.00
CA THR C 568 -19.09 0.55 47.24
C THR C 568 -19.33 1.33 45.96
N GLN C 569 -20.53 1.22 45.42
CA GLN C 569 -20.87 1.89 44.15
C GLN C 569 -22.33 2.20 44.23
N THR C 570 -22.67 3.34 43.66
CA THR C 570 -24.04 3.81 43.57
C THR C 570 -24.38 3.98 42.09
N TYR C 571 -25.64 3.69 41.81
CA TYR C 571 -26.28 3.88 40.51
C TYR C 571 -27.67 4.53 40.70
N ASP C 572 -28.23 4.98 39.59
CA ASP C 572 -29.65 5.42 39.51
C ASP C 572 -30.56 4.38 40.16
N ALA C 573 -30.42 3.14 39.68
CA ALA C 573 -31.28 2.01 40.05
C ALA C 573 -30.84 1.19 41.23
N GLY C 574 -29.76 1.52 41.92
CA GLY C 574 -29.40 0.80 43.14
C GLY C 574 -27.92 0.88 43.46
N ALA C 575 -27.41 -0.10 44.20
CA ALA C 575 -26.03 -0.05 44.73
C ALA C 575 -25.35 -1.41 44.65
N CYS C 576 -24.00 -1.35 44.66
CA CYS C 576 -23.13 -2.52 44.95
C CYS C 576 -22.83 -2.60 46.40
N ILE C 577 -23.16 -3.73 47.00
CA ILE C 577 -22.83 -4.01 48.40
C ILE C 577 -21.72 -5.05 48.47
N TYR C 578 -20.75 -4.78 49.33
CA TYR C 578 -19.60 -5.58 49.46
C TYR C 578 -19.52 -6.00 50.93
N PHE C 579 -19.40 -7.30 51.13
CA PHE C 579 -19.33 -7.91 52.42
C PHE C 579 -17.99 -8.55 52.67
N TYR C 580 -17.59 -8.56 53.94
CA TYR C 580 -16.53 -9.42 54.44
C TYR C 580 -17.13 -10.31 55.51
N PHE C 581 -16.63 -11.53 55.55
CA PHE C 581 -17.05 -12.58 56.43
C PHE C 581 -15.75 -13.25 56.89
N ALA C 582 -15.54 -13.44 58.20
CA ALA C 582 -14.41 -14.24 58.68
C ALA C 582 -14.70 -14.83 60.06
N PHE C 583 -14.02 -15.92 60.35
CA PHE C 583 -14.11 -16.58 61.64
C PHE C 583 -12.86 -17.36 62.02
N ASN C 584 -12.79 -17.58 63.32
CA ASN C 584 -11.81 -18.43 63.96
C ASN C 584 -12.25 -19.87 63.79
N TYR C 585 -11.42 -20.65 63.10
CA TYR C 585 -11.78 -22.02 62.78
C TYR C 585 -11.12 -23.09 63.66
N ARG C 586 -10.33 -22.71 64.66
CA ARG C 586 -9.84 -23.66 65.70
C ARG C 586 -10.95 -24.56 66.21
N GLY C 587 -10.77 -25.87 66.01
CA GLY C 587 -11.64 -26.90 66.55
C GLY C 587 -12.90 -27.25 65.78
N ILE C 588 -12.88 -27.00 64.47
CA ILE C 588 -13.95 -27.43 63.55
C ILE C 588 -13.27 -28.52 62.71
N SER C 589 -13.98 -29.62 62.47
CA SER C 589 -13.42 -30.78 61.74
C SER C 589 -13.09 -30.46 60.28
N ASP C 590 -14.03 -29.81 59.57
CA ASP C 590 -13.85 -29.50 58.13
C ASP C 590 -14.04 -27.99 57.97
N PRO C 591 -13.03 -27.18 58.38
CA PRO C 591 -13.30 -25.72 58.35
C PRO C 591 -13.55 -25.13 56.96
N LEU C 592 -12.95 -25.68 55.92
CA LEU C 592 -13.28 -25.25 54.55
C LEU C 592 -14.72 -25.55 54.11
N ALA C 593 -15.24 -26.70 54.54
CA ALA C 593 -16.64 -27.06 54.24
C ALA C 593 -17.60 -26.15 54.97
N VAL C 594 -17.26 -25.79 56.19
CA VAL C 594 -18.06 -24.87 56.96
C VAL C 594 -17.98 -23.50 56.28
N PHE C 595 -16.79 -23.10 55.85
CA PHE C 595 -16.64 -21.85 55.09
C PHE C 595 -17.52 -21.86 53.86
N GLU C 596 -17.37 -22.89 53.04
CA GLU C 596 -18.06 -22.96 51.75
C GLU C 596 -19.56 -23.01 51.86
N GLN C 597 -20.05 -23.73 52.86
CA GLN C 597 -21.50 -23.82 53.04
C GLN C 597 -22.02 -22.50 53.49
N THR C 598 -21.30 -21.82 54.37
CA THR C 598 -21.79 -20.52 54.84
C THR C 598 -21.83 -19.44 53.74
N GLU C 599 -20.83 -19.46 52.86
CA GLU C 599 -20.74 -18.55 51.69
C GLU C 599 -21.86 -18.84 50.72
N ALA C 600 -22.15 -20.12 50.48
CA ALA C 600 -23.29 -20.50 49.62
C ALA C 600 -24.61 -20.07 50.24
N ALA C 601 -24.74 -20.28 51.54
CA ALA C 601 -25.92 -19.85 52.25
C ALA C 601 -26.08 -18.32 52.15
N ALA C 602 -25.02 -17.56 52.37
CA ALA C 602 -25.07 -16.09 52.15
C ALA C 602 -25.49 -15.69 50.75
N ARG C 603 -25.01 -16.42 49.76
CA ARG C 603 -25.44 -16.16 48.37
C ARG C 603 -26.94 -16.40 48.22
N GLU C 604 -27.41 -17.52 48.72
CA GLU C 604 -28.88 -17.75 48.75
C GLU C 604 -29.64 -16.62 49.38
N GLU C 605 -29.17 -16.17 50.51
CA GLU C 605 -29.78 -15.05 51.21
C GLU C 605 -29.77 -13.82 50.34
N ILE C 606 -28.62 -13.51 49.69
CA ILE C 606 -28.53 -12.34 48.84
C ILE C 606 -29.59 -12.40 47.77
N LEU C 607 -29.74 -13.56 47.12
CA LEU C 607 -30.73 -13.66 46.07
C LEU C 607 -32.16 -13.57 46.61
N ALA C 608 -32.42 -14.06 47.82
CA ALA C 608 -33.79 -13.99 48.41
C ALA C 608 -34.19 -12.55 48.79
N ASN C 609 -33.20 -11.68 48.97
CA ASN C 609 -33.38 -10.28 49.37
C ASN C 609 -33.23 -9.26 48.25
N GLY C 610 -33.28 -9.74 47.02
CA GLY C 610 -33.34 -8.92 45.85
C GLY C 610 -31.97 -8.63 45.26
N GLY C 611 -30.91 -9.24 45.81
CA GLY C 611 -29.56 -9.05 45.28
C GLY C 611 -29.25 -9.84 44.03
N SER C 612 -28.29 -9.33 43.27
CA SER C 612 -27.80 -10.02 42.10
C SER C 612 -26.81 -11.12 42.43
N LEU C 613 -26.65 -12.01 41.47
CA LEU C 613 -25.69 -13.10 41.58
C LEU C 613 -24.25 -12.55 41.73
N SER C 614 -23.95 -11.50 40.97
CA SER C 614 -22.73 -10.74 41.14
C SER C 614 -22.86 -9.39 40.46
N HIS C 615 -22.27 -8.39 41.10
CA HIS C 615 -22.05 -7.06 40.52
C HIS C 615 -20.83 -7.00 39.55
N HIS C 616 -19.71 -7.57 39.99
CA HIS C 616 -18.47 -7.48 39.26
C HIS C 616 -17.59 -8.71 39.30
N HIS C 617 -17.64 -9.50 40.38
CA HIS C 617 -16.79 -10.68 40.44
C HIS C 617 -17.02 -11.73 39.36
N GLY C 618 -18.26 -11.88 38.90
CA GLY C 618 -18.52 -12.85 37.86
C GLY C 618 -18.97 -14.14 38.44
N VAL C 619 -19.10 -15.10 37.58
CA VAL C 619 -19.72 -16.38 37.91
C VAL C 619 -18.71 -17.50 38.07
N GLY C 620 -17.81 -17.59 37.10
CA GLY C 620 -16.83 -18.65 36.94
C GLY C 620 -17.44 -20.03 37.09
N LYS C 621 -16.85 -20.81 38.03
CA LYS C 621 -17.42 -22.07 38.47
C LYS C 621 -18.03 -21.93 39.87
N LEU C 622 -17.79 -20.84 40.56
CA LEU C 622 -18.33 -20.73 41.90
C LEU C 622 -19.84 -20.50 41.94
N ARG C 623 -20.39 -19.80 40.96
CA ARG C 623 -21.79 -19.46 40.93
C ARG C 623 -22.61 -20.07 39.83
N LYS C 624 -22.03 -21.00 39.10
CA LYS C 624 -22.70 -21.67 37.97
C LYS C 624 -24.08 -22.16 38.31
N GLN C 625 -24.25 -22.69 39.50
CA GLN C 625 -25.52 -23.34 39.80
C GLN C 625 -26.69 -22.34 39.96
N TRP C 626 -26.42 -21.04 40.02
CA TRP C 626 -27.48 -20.06 40.03
C TRP C 626 -27.75 -19.40 38.69
N LEU C 627 -26.90 -19.63 37.68
CA LEU C 627 -26.95 -18.82 36.48
C LEU C 627 -28.25 -18.97 35.72
N LYS C 628 -28.70 -20.20 35.55
CA LYS C 628 -29.92 -20.45 34.74
C LYS C 628 -31.13 -19.69 35.30
N GLU C 629 -31.33 -19.74 36.60
CA GLU C 629 -32.34 -18.92 37.20
C GLU C 629 -32.11 -17.43 37.00
N SER C 630 -30.90 -16.97 37.25
CA SER C 630 -30.60 -15.58 37.08
C SER C 630 -30.90 -15.05 35.67
N ILE C 631 -30.58 -15.82 34.61
CA ILE C 631 -30.74 -15.31 33.27
C ILE C 631 -31.87 -15.89 32.42
N SER C 632 -32.65 -16.77 33.04
CA SER C 632 -33.66 -17.65 32.38
C SER C 632 -33.06 -18.79 31.55
N ASP C 633 -33.84 -19.85 31.39
CA ASP C 633 -33.43 -21.02 30.61
C ASP C 633 -33.12 -20.69 29.18
N VAL C 634 -33.96 -19.82 28.58
CA VAL C 634 -33.72 -19.41 27.20
C VAL C 634 -32.41 -18.60 27.11
N GLY C 635 -32.26 -17.63 28.01
CA GLY C 635 -31.00 -16.92 28.26
C GLY C 635 -29.77 -17.77 28.23
N PHE C 636 -29.81 -18.79 29.07
CA PHE C 636 -28.75 -19.79 29.21
C PHE C 636 -28.50 -20.57 27.93
N GLY C 637 -29.62 -20.95 27.29
CA GLY C 637 -29.58 -21.59 26.00
C GLY C 637 -28.95 -20.77 24.93
N MET C 638 -29.19 -19.46 24.94
CA MET C 638 -28.51 -18.59 24.01
C MET C 638 -27.00 -18.55 24.20
N LEU C 639 -26.56 -18.44 25.45
CA LEU C 639 -25.15 -18.47 25.80
C LEU C 639 -24.56 -19.79 25.31
N LYS C 640 -25.24 -20.91 25.57
CA LYS C 640 -24.81 -22.25 25.06
C LYS C 640 -24.72 -22.40 23.50
N SER C 641 -25.66 -21.81 22.78
CA SER C 641 -25.64 -21.83 21.31
CA SER C 641 -25.59 -21.88 21.32
C SER C 641 -24.44 -21.07 20.79
N VAL C 642 -24.10 -19.97 21.44
CA VAL C 642 -22.89 -19.20 21.03
C VAL C 642 -21.60 -20.00 21.24
N LYS C 643 -21.48 -20.57 22.41
CA LYS C 643 -20.38 -21.47 22.74
C LYS C 643 -20.25 -22.60 21.71
N ASP C 644 -21.37 -23.29 21.43
CA ASP C 644 -21.35 -24.47 20.55
C ASP C 644 -20.97 -24.10 19.13
N TYR C 645 -21.30 -22.88 18.71
CA TYR C 645 -20.89 -22.40 17.39
C TYR C 645 -19.42 -22.00 17.35
N VAL C 646 -19.03 -21.16 18.32
CA VAL C 646 -17.64 -20.58 18.33
C VAL C 646 -16.55 -21.63 18.61
N ASP C 647 -16.92 -22.58 19.46
CA ASP C 647 -15.96 -23.50 20.01
C ASP C 647 -16.57 -24.89 20.09
N PRO C 648 -16.90 -25.46 18.94
CA PRO C 648 -17.60 -26.79 18.90
C PRO C 648 -16.78 -27.97 19.47
N THR C 649 -15.47 -27.78 19.60
CA THR C 649 -14.57 -28.80 20.17
C THR C 649 -14.13 -28.49 21.57
N ASN C 650 -14.73 -27.44 22.14
CA ASN C 650 -14.52 -27.02 23.46
C ASN C 650 -13.04 -26.90 23.77
N ILE C 651 -12.33 -26.20 22.90
CA ILE C 651 -10.96 -25.86 23.18
C ILE C 651 -10.83 -24.96 24.43
N PHE C 652 -11.82 -24.11 24.65
CA PHE C 652 -11.76 -23.16 25.73
C PHE C 652 -12.53 -23.78 26.83
N GLY C 653 -11.87 -24.78 27.47
CA GLY C 653 -12.55 -25.72 28.35
C GLY C 653 -12.53 -25.42 29.83
N ASN C 654 -12.36 -24.16 30.27
CA ASN C 654 -12.36 -23.87 31.72
C ASN C 654 -13.70 -24.20 32.36
N ARG C 655 -14.75 -24.37 31.54
CA ARG C 655 -16.13 -24.68 31.98
C ARG C 655 -16.77 -23.66 32.83
N ASN C 656 -16.30 -22.41 32.72
CA ASN C 656 -16.97 -21.33 33.43
C ASN C 656 -18.37 -21.13 32.84
N LEU C 657 -19.27 -20.73 33.71
CA LEU C 657 -20.63 -20.20 33.37
C LEU C 657 -21.67 -21.32 33.13
N LEU C 658 -21.35 -22.20 32.19
CA LEU C 658 -22.25 -23.24 31.71
C LEU C 658 -21.62 -24.59 32.04
N GLY D 81 -52.65 9.87 22.45
CA GLY D 81 -51.25 9.27 22.34
C GLY D 81 -51.10 7.79 21.94
N ILE D 82 -52.12 6.97 22.27
CA ILE D 82 -52.20 5.56 21.88
C ILE D 82 -52.49 5.46 20.37
N ILE D 83 -51.77 4.57 19.68
CA ILE D 83 -52.00 4.31 18.24
C ILE D 83 -53.28 3.47 18.16
N PRO D 84 -54.36 3.96 17.44
CA PRO D 84 -55.62 3.17 17.40
C PRO D 84 -55.45 2.02 16.44
N LYS D 85 -56.31 1.02 16.53
CA LYS D 85 -56.26 -0.13 15.65
C LYS D 85 -56.42 0.19 14.17
N LYS D 86 -57.34 1.08 13.84
CA LYS D 86 -57.50 1.51 12.47
C LYS D 86 -56.67 2.73 12.32
N ARG D 87 -55.41 2.50 11.98
CA ARG D 87 -54.42 3.58 11.94
C ARG D 87 -54.73 4.66 10.93
N GLN D 88 -55.28 4.24 9.80
CA GLN D 88 -55.62 5.12 8.64
C GLN D 88 -56.68 6.17 8.97
N GLU D 89 -57.41 5.99 10.07
CA GLU D 89 -58.32 7.01 10.57
C GLU D 89 -57.63 8.23 11.17
N LEU D 90 -56.45 8.08 11.77
CA LEU D 90 -55.69 9.17 12.29
C LEU D 90 -54.38 9.48 11.51
N MET D 91 -53.75 8.45 10.91
CA MET D 91 -52.40 8.54 10.33
C MET D 91 -52.42 8.30 8.82
N LYS D 92 -51.47 8.86 8.12
CA LYS D 92 -51.43 8.72 6.64
C LYS D 92 -51.00 7.32 6.23
N TRP D 93 -51.79 6.70 5.35
CA TRP D 93 -51.50 5.36 4.88
C TRP D 93 -50.38 5.41 3.83
N ASN D 94 -50.12 6.56 3.24
CA ASN D 94 -49.17 6.73 2.16
C ASN D 94 -48.21 7.86 2.38
N GLY D 95 -48.01 8.25 3.63
CA GLY D 95 -46.97 9.23 3.96
C GLY D 95 -46.72 9.30 5.45
N TRP D 96 -46.03 10.33 5.88
CA TRP D 96 -45.68 10.48 7.29
C TRP D 96 -46.76 11.10 8.11
N GLY D 97 -47.02 10.51 9.28
CA GLY D 97 -47.64 11.26 10.35
C GLY D 97 -49.16 11.41 10.28
N TYR D 98 -49.66 12.52 10.80
CA TYR D 98 -51.09 12.68 11.06
C TYR D 98 -51.81 13.13 9.79
N ASN D 99 -52.98 12.54 9.54
CA ASN D 99 -53.86 12.96 8.42
C ASN D 99 -54.12 14.47 8.49
N ASP D 100 -54.27 15.05 9.68
CA ASP D 100 -54.52 16.55 9.81
C ASP D 100 -53.35 17.50 9.51
N SER D 101 -52.17 16.95 9.20
CA SER D 101 -50.99 17.80 9.02
C SER D 101 -50.30 17.55 7.70
N LYS D 102 -50.39 18.51 6.80
CA LYS D 102 -49.60 18.43 5.61
C LYS D 102 -49.43 19.79 5.03
N PHE D 103 -48.41 19.88 4.18
CA PHE D 103 -48.05 21.12 3.53
C PHE D 103 -48.86 21.29 2.27
N PHE D 104 -49.38 22.49 2.08
CA PHE D 104 -50.15 22.87 0.89
C PHE D 104 -49.87 24.34 0.45
N LEU D 105 -50.39 24.72 -0.71
CA LEU D 105 -50.23 26.05 -1.26
C LEU D 105 -51.43 26.89 -0.79
N ASN D 106 -51.15 28.09 -0.34
CA ASN D 106 -52.11 28.96 0.38
C ASN D 106 -53.07 29.62 -0.62
N LYS D 107 -53.95 30.49 -0.12
CA LYS D 107 -54.80 31.36 -0.96
C LYS D 107 -53.90 32.39 -1.66
N LYS D 108 -52.78 32.70 -1.03
CA LYS D 108 -51.81 33.65 -1.54
C LYS D 108 -50.60 33.00 -2.20
N GLY D 109 -50.68 31.71 -2.55
CA GLY D 109 -49.56 31.00 -3.20
C GLY D 109 -48.34 30.72 -2.33
N GLN D 110 -48.55 30.64 -1.03
CA GLN D 110 -47.49 30.30 -0.06
C GLN D 110 -47.67 28.90 0.55
N LEU D 111 -46.55 28.26 0.82
CA LEU D 111 -46.58 26.99 1.50
C LEU D 111 -46.97 27.20 2.96
N GLU D 112 -47.79 26.29 3.45
CA GLU D 112 -48.40 26.38 4.77
C GLU D 112 -48.75 24.96 5.17
N LEU D 113 -48.76 24.68 6.48
CA LEU D 113 -49.07 23.38 7.02
C LEU D 113 -50.48 23.40 7.61
N THR D 114 -51.32 22.45 7.20
CA THR D 114 -52.68 22.38 7.68
C THR D 114 -52.67 22.09 9.17
N GLY D 115 -53.83 22.27 9.76
CA GLY D 115 -54.10 21.77 11.09
C GLY D 115 -53.55 22.68 12.16
N LYS D 116 -53.52 22.16 13.37
CA LYS D 116 -53.12 22.96 14.52
C LYS D 116 -52.08 22.25 15.41
N ARG D 117 -51.36 21.27 14.88
CA ARG D 117 -50.66 20.32 15.76
C ARG D 117 -49.28 20.78 16.20
N TYR D 118 -48.63 21.59 15.38
CA TYR D 118 -47.22 21.95 15.57
C TYR D 118 -47.09 23.46 15.63
N PRO D 119 -45.94 23.97 16.11
CA PRO D 119 -45.81 25.41 16.19
C PRO D 119 -45.92 26.04 14.83
N LEU D 120 -45.39 25.37 13.80
CA LEU D 120 -45.60 25.85 12.46
C LEU D 120 -46.96 25.58 11.84
N SER D 121 -47.89 24.91 12.52
CA SER D 121 -49.22 24.69 11.90
C SER D 121 -49.99 26.03 11.68
N GLY D 122 -50.50 26.18 10.45
CA GLY D 122 -51.22 27.36 10.05
C GLY D 122 -50.37 28.61 9.94
N VAL D 123 -49.05 28.50 9.89
CA VAL D 123 -48.16 29.63 9.74
C VAL D 123 -47.76 29.59 8.26
N ALA D 124 -48.09 30.64 7.53
CA ALA D 124 -47.74 30.74 6.12
C ALA D 124 -46.23 30.99 6.04
N LEU D 125 -45.56 30.43 5.03
CA LEU D 125 -44.09 30.45 4.93
C LEU D 125 -43.67 31.12 3.64
N PRO D 126 -43.59 32.47 3.65
CA PRO D 126 -43.58 33.21 2.38
C PRO D 126 -42.36 32.94 1.50
N THR D 127 -41.24 32.54 2.09
CA THR D 127 -40.06 32.28 1.26
C THR D 127 -39.78 30.81 0.96
N PHE D 128 -40.50 29.91 1.64
CA PHE D 128 -40.27 28.48 1.45
C PHE D 128 -40.29 28.15 -0.04
N LYS D 129 -41.30 28.67 -0.75
CA LYS D 129 -41.49 28.37 -2.15
C LYS D 129 -40.26 28.73 -3.01
N ASP D 130 -39.65 29.88 -2.72
CA ASP D 130 -38.51 30.33 -3.52
C ASP D 130 -37.28 29.52 -3.27
N TRP D 131 -37.14 29.11 -2.01
CA TRP D 131 -36.11 28.14 -1.64
C TRP D 131 -36.21 26.85 -2.49
N ILE D 132 -37.41 26.29 -2.57
CA ILE D 132 -37.62 25.10 -3.39
C ILE D 132 -37.26 25.32 -4.88
N GLN D 133 -37.63 26.46 -5.40
CA GLN D 133 -37.40 26.74 -6.81
C GLN D 133 -35.90 26.88 -7.08
N ASN D 134 -35.24 27.72 -6.29
CA ASN D 134 -33.82 27.93 -6.49
C ASN D 134 -33.04 26.68 -6.22
N THR D 135 -33.47 25.88 -5.26
CA THR D 135 -32.74 24.65 -4.89
C THR D 135 -32.85 23.51 -5.88
N PHE D 136 -34.05 23.28 -6.39
CA PHE D 136 -34.32 22.17 -7.27
C PHE D 136 -34.59 22.56 -8.71
N GLY D 137 -34.71 23.87 -9.00
CA GLY D 137 -35.00 24.31 -10.35
C GLY D 137 -36.37 23.82 -10.80
N ILE D 138 -37.41 24.10 -10.01
CA ILE D 138 -38.81 23.83 -10.38
C ILE D 138 -39.62 25.10 -10.15
N ASN D 139 -40.92 25.09 -10.45
CA ASN D 139 -41.83 26.24 -10.15
C ASN D 139 -43.03 25.93 -9.22
N LEU D 140 -43.33 24.65 -9.00
CA LEU D 140 -44.53 24.16 -8.31
C LEU D 140 -45.83 24.16 -9.16
N ASP D 141 -45.71 24.09 -10.48
CA ASP D 141 -46.90 23.87 -11.35
C ASP D 141 -47.17 22.37 -11.60
N HIS D 142 -46.13 21.57 -11.78
CA HIS D 142 -46.28 20.15 -12.09
C HIS D 142 -46.41 19.43 -10.75
N LYS D 143 -47.65 19.26 -10.30
CA LYS D 143 -47.97 18.32 -9.25
C LYS D 143 -47.87 16.90 -9.78
N THR D 144 -47.28 16.04 -8.97
CA THR D 144 -47.41 14.61 -9.05
C THR D 144 -48.87 14.31 -8.74
N THR D 145 -49.37 13.21 -9.29
CA THR D 145 -50.68 12.64 -8.97
C THR D 145 -50.40 11.23 -8.39
N SER D 146 -50.88 11.01 -7.17
CA SER D 146 -50.60 9.80 -6.41
C SER D 146 -51.86 9.15 -5.98
N LYS D 147 -51.74 7.89 -5.57
CA LYS D 147 -52.84 7.20 -4.95
C LYS D 147 -53.31 7.94 -3.70
N ALA D 148 -54.60 8.25 -3.60
CA ALA D 148 -55.14 8.96 -2.40
C ALA D 148 -55.61 7.95 -1.38
N SER D 149 -55.89 6.75 -1.82
CA SER D 149 -56.37 5.73 -0.97
C SER D 149 -55.86 4.41 -1.50
N LEU D 150 -55.81 3.41 -0.65
CA LEU D 150 -55.38 2.07 -1.01
C LEU D 150 -56.45 1.50 -1.93
N ASN D 151 -56.08 1.02 -3.09
CA ASN D 151 -57.01 0.22 -3.89
C ASN D 151 -57.01 -1.25 -3.57
N PRO D 152 -58.14 -1.79 -3.02
CA PRO D 152 -58.07 -3.19 -2.61
C PRO D 152 -57.92 -4.16 -3.73
N SER D 153 -58.11 -3.72 -4.97
CA SER D 153 -57.80 -4.55 -6.13
C SER D 153 -56.31 -4.83 -6.28
N ASP D 154 -55.46 -3.98 -5.73
CA ASP D 154 -53.99 -4.09 -5.92
C ASP D 154 -53.37 -4.99 -4.90
N THR D 155 -54.13 -5.37 -3.87
CA THR D 155 -53.52 -6.00 -2.73
C THR D 155 -53.68 -7.48 -2.79
N PRO D 156 -52.58 -8.24 -2.50
CA PRO D 156 -52.63 -9.70 -2.41
C PRO D 156 -53.81 -10.13 -1.58
N PRO D 157 -54.44 -11.28 -1.90
CA PRO D 157 -55.46 -11.81 -0.98
C PRO D 157 -54.83 -12.32 0.35
N SER D 158 -55.64 -12.39 1.39
CA SER D 158 -55.24 -12.87 2.71
C SER D 158 -55.35 -14.41 2.74
N ILE D 159 -54.23 -15.14 2.81
CA ILE D 159 -54.26 -16.65 2.86
C ILE D 159 -54.03 -17.11 4.31
N VAL D 160 -55.05 -17.74 4.93
CA VAL D 160 -55.04 -18.10 6.38
C VAL D 160 -55.78 -19.42 6.69
N ASN D 161 -55.14 -20.31 7.46
CA ASN D 161 -55.69 -21.62 7.88
C ASN D 161 -56.88 -21.43 8.78
N GLU D 162 -57.92 -22.19 8.52
CA GLU D 162 -59.20 -22.00 9.23
C GLU D 162 -59.22 -22.61 10.63
N ASP D 163 -58.42 -23.65 10.85
CA ASP D 163 -58.32 -24.26 12.20
C ASP D 163 -57.62 -23.27 13.14
N PHE D 164 -56.49 -22.76 12.66
CA PHE D 164 -55.79 -21.63 13.30
C PHE D 164 -56.73 -20.50 13.62
N LEU D 165 -57.46 -20.06 12.60
CA LEU D 165 -58.36 -18.91 12.74
C LEU D 165 -59.45 -19.19 13.76
N HIS D 166 -59.92 -20.43 13.72
CA HIS D 166 -60.87 -20.94 14.68
C HIS D 166 -60.28 -20.91 16.11
N GLU D 167 -59.05 -21.39 16.27
CA GLU D 167 -58.38 -21.31 17.60
C GLU D 167 -58.18 -19.86 18.06
N LEU D 168 -57.83 -19.01 17.09
CA LEU D 168 -57.62 -17.57 17.37
C LEU D 168 -58.88 -16.92 17.88
N LYS D 169 -60.01 -17.30 17.30
CA LYS D 169 -61.29 -16.80 17.77
C LYS D 169 -61.52 -17.10 19.26
N LYS D 170 -61.08 -18.25 19.69
CA LYS D 170 -61.31 -18.66 21.05
C LYS D 170 -60.46 -17.86 22.05
N THR D 171 -59.38 -17.23 21.55
CA THR D 171 -58.50 -16.49 22.42
C THR D 171 -59.10 -15.15 22.74
N ASN D 172 -60.07 -14.67 21.95
CA ASN D 172 -60.61 -13.35 22.17
C ASN D 172 -59.61 -12.24 21.76
N ILE D 173 -58.54 -12.59 21.05
CA ILE D 173 -57.53 -11.61 20.62
C ILE D 173 -58.08 -10.94 19.40
N SER D 174 -58.21 -9.62 19.45
CA SER D 174 -58.67 -8.88 18.29
C SER D 174 -57.78 -9.14 17.03
N TYR D 175 -58.40 -9.28 15.86
CA TYR D 175 -57.67 -9.45 14.58
C TYR D 175 -58.34 -8.86 13.36
N SER D 176 -57.61 -8.82 12.24
CA SER D 176 -58.15 -8.31 10.98
C SER D 176 -57.52 -8.97 9.76
N GLN D 177 -58.36 -9.25 8.76
CA GLN D 177 -57.92 -9.61 7.46
C GLN D 177 -58.09 -8.52 6.42
N GLU D 178 -58.50 -7.34 6.82
CA GLU D 178 -58.78 -6.27 5.85
C GLU D 178 -57.51 -5.75 5.24
N ALA D 179 -57.68 -5.30 4.01
CA ALA D 179 -56.62 -4.82 3.18
C ALA D 179 -55.91 -3.61 3.81
N ASP D 180 -56.68 -2.63 4.27
CA ASP D 180 -56.16 -1.42 4.89
C ASP D 180 -55.20 -1.73 6.04
N ASP D 181 -55.64 -2.64 6.90
CA ASP D 181 -54.90 -2.96 8.12
C ASP D 181 -53.62 -3.68 7.78
N ARG D 182 -53.69 -4.60 6.80
CA ARG D 182 -52.55 -5.37 6.36
C ARG D 182 -51.52 -4.54 5.64
N VAL D 183 -51.97 -3.62 4.79
CA VAL D 183 -51.07 -2.83 4.01
C VAL D 183 -50.41 -1.77 4.93
N PHE D 184 -51.15 -1.26 5.92
CA PHE D 184 -50.60 -0.21 6.80
C PHE D 184 -49.34 -0.74 7.54
N ARG D 185 -49.35 -2.04 7.83
CA ARG D 185 -48.32 -2.70 8.60
C ARG D 185 -47.32 -3.45 7.75
N ALA D 186 -47.27 -3.16 6.44
CA ALA D 186 -46.38 -3.92 5.54
C ALA D 186 -45.13 -3.17 5.26
N HIS D 187 -44.97 -1.98 5.89
CA HIS D 187 -43.89 -1.07 5.52
C HIS D 187 -43.60 -0.17 6.71
N GLY D 188 -42.42 0.41 6.66
CA GLY D 188 -42.08 1.58 7.42
C GLY D 188 -42.00 2.86 6.56
N HIS D 189 -40.98 3.70 6.82
CA HIS D 189 -40.90 4.99 6.21
C HIS D 189 -39.66 5.25 5.41
N CYS D 190 -39.17 4.25 4.74
CA CYS D 190 -38.14 4.47 3.74
C CYS D 190 -38.84 5.05 2.49
N LEU D 191 -38.06 5.75 1.67
CA LEU D 191 -38.55 6.40 0.48
C LEU D 191 -39.13 5.35 -0.43
N HIS D 192 -38.42 4.25 -0.57
CA HIS D 192 -38.86 3.22 -1.47
C HIS D 192 -40.31 2.80 -1.11
N GLU D 193 -40.57 2.60 0.16
CA GLU D 193 -41.86 2.13 0.60
C GLU D 193 -42.95 3.19 0.34
N ILE D 194 -42.65 4.46 0.63
CA ILE D 194 -43.64 5.56 0.43
C ILE D 194 -44.01 5.71 -1.07
N PHE D 195 -42.98 5.64 -1.89
CA PHE D 195 -43.11 5.72 -3.32
C PHE D 195 -43.98 4.59 -3.84
N LEU D 196 -43.75 3.39 -3.34
CA LEU D 196 -44.64 2.26 -3.63
C LEU D 196 -46.09 2.43 -3.15
N LEU D 197 -46.29 2.99 -1.97
CA LEU D 197 -47.66 3.20 -1.49
C LEU D 197 -48.42 4.17 -2.42
N ARG D 198 -47.68 5.16 -2.91
CA ARG D 198 -48.21 6.22 -3.76
C ARG D 198 -48.46 5.82 -5.23
N GLU D 199 -47.68 4.88 -5.73
CA GLU D 199 -47.56 4.57 -7.16
C GLU D 199 -47.75 3.10 -7.52
N GLY D 200 -47.60 2.15 -6.60
CA GLY D 200 -47.66 0.72 -6.94
C GLY D 200 -48.14 -0.13 -5.79
N MET D 201 -47.50 -1.28 -5.56
CA MET D 201 -47.86 -2.11 -4.38
C MET D 201 -46.72 -2.99 -4.00
N PHE D 202 -46.76 -3.46 -2.77
CA PHE D 202 -45.73 -4.34 -2.29
C PHE D 202 -45.99 -5.73 -2.89
N GLU D 203 -44.95 -6.53 -2.96
CA GLU D 203 -45.07 -7.90 -3.42
C GLU D 203 -45.65 -8.81 -2.37
N ARG D 204 -45.53 -8.45 -1.11
CA ARG D 204 -46.06 -9.29 -0.05
C ARG D 204 -46.46 -8.38 1.08
N ILE D 205 -47.56 -8.70 1.73
CA ILE D 205 -48.06 -7.93 2.85
C ILE D 205 -48.55 -8.99 3.85
N PRO D 206 -48.63 -8.64 5.14
CA PRO D 206 -49.20 -9.52 6.15
C PRO D 206 -50.53 -10.08 5.73
N ASP D 207 -50.76 -11.34 6.07
CA ASP D 207 -52.02 -12.05 5.80
C ASP D 207 -53.10 -11.73 6.82
N ILE D 208 -52.66 -11.45 8.03
CA ILE D 208 -53.53 -11.15 9.12
C ILE D 208 -52.81 -10.28 10.15
N VAL D 209 -53.60 -9.43 10.83
CA VAL D 209 -53.14 -8.50 11.79
C VAL D 209 -53.79 -8.90 13.09
N LEU D 210 -52.95 -9.05 14.12
CA LEU D 210 -53.35 -9.31 15.51
C LEU D 210 -52.98 -8.18 16.52
N TRP D 211 -53.85 -7.97 17.51
CA TRP D 211 -53.64 -6.94 18.51
C TRP D 211 -53.64 -7.52 19.94
N PRO D 212 -52.52 -8.15 20.35
CA PRO D 212 -52.45 -8.56 21.76
C PRO D 212 -52.49 -7.38 22.69
N THR D 213 -53.10 -7.58 23.85
CA THR D 213 -53.22 -6.55 24.85
C THR D 213 -52.32 -6.81 26.05
N CYS D 214 -51.65 -7.96 26.12
CA CYS D 214 -50.79 -8.22 27.23
C CYS D 214 -49.83 -9.26 26.86
N HIS D 215 -48.87 -9.45 27.76
CA HIS D 215 -47.84 -10.49 27.64
C HIS D 215 -48.38 -11.88 27.29
N ASP D 216 -49.37 -12.32 28.07
CA ASP D 216 -49.98 -13.65 27.90
C ASP D 216 -50.63 -13.88 26.53
N ASP D 217 -51.23 -12.83 25.95
CA ASP D 217 -51.76 -12.86 24.59
C ASP D 217 -50.68 -13.19 23.61
N VAL D 218 -49.51 -12.56 23.81
CA VAL D 218 -48.38 -12.78 22.96
C VAL D 218 -47.89 -14.22 23.07
N VAL D 219 -47.91 -14.79 24.28
CA VAL D 219 -47.46 -16.17 24.43
C VAL D 219 -48.41 -17.07 23.59
N LYS D 220 -49.70 -16.84 23.70
CA LYS D 220 -50.67 -17.64 22.92
C LYS D 220 -50.46 -17.57 21.41
N ILE D 221 -50.14 -16.36 20.92
CA ILE D 221 -49.93 -16.17 19.48
C ILE D 221 -48.73 -16.92 19.02
N VAL D 222 -47.67 -16.82 19.83
CA VAL D 222 -46.41 -17.43 19.44
C VAL D 222 -46.55 -18.95 19.48
N ASN D 223 -47.28 -19.44 20.47
CA ASN D 223 -47.61 -20.89 20.53
C ASN D 223 -48.44 -21.37 19.34
N LEU D 224 -49.39 -20.57 18.94
CA LEU D 224 -50.15 -20.79 17.71
C LEU D 224 -49.32 -20.76 16.44
N ALA D 225 -48.38 -19.82 16.36
CA ALA D 225 -47.46 -19.82 15.24
C ALA D 225 -46.63 -21.10 15.22
N CYS D 226 -46.23 -21.61 16.39
CA CYS D 226 -45.55 -22.90 16.48
C CYS D 226 -46.44 -24.08 16.01
N LYS D 227 -47.69 -24.07 16.39
CA LYS D 227 -48.63 -25.13 16.03
C LYS D 227 -48.94 -25.19 14.52
N TYR D 228 -49.11 -24.02 13.88
CA TYR D 228 -49.56 -23.92 12.49
C TYR D 228 -48.55 -23.48 11.49
N ASN D 229 -47.28 -23.41 11.86
CA ASN D 229 -46.23 -22.94 10.97
C ASN D 229 -46.53 -21.57 10.33
N LEU D 230 -46.79 -20.58 11.18
CA LEU D 230 -47.03 -19.20 10.80
C LEU D 230 -45.73 -18.36 10.93
N CYS D 231 -45.67 -17.26 10.22
CA CYS D 231 -44.52 -16.36 10.29
C CYS D 231 -45.03 -15.16 11.07
N ILE D 232 -44.24 -14.63 11.98
CA ILE D 232 -44.60 -13.40 12.71
C ILE D 232 -43.59 -12.28 12.41
N ILE D 233 -44.13 -11.09 12.14
CA ILE D 233 -43.38 -9.85 12.04
C ILE D 233 -44.04 -8.89 13.05
N PRO D 234 -43.35 -8.60 14.18
CA PRO D 234 -43.81 -7.61 15.11
C PRO D 234 -43.83 -6.23 14.48
N ILE D 235 -44.78 -5.40 14.89
CA ILE D 235 -44.75 -4.02 14.46
C ILE D 235 -45.19 -3.21 15.66
N GLY D 236 -44.48 -2.10 15.92
CA GLY D 236 -44.93 -1.13 16.91
C GLY D 236 -45.43 0.13 16.20
N GLY D 237 -44.62 1.18 16.25
CA GLY D 237 -44.94 2.43 15.59
C GLY D 237 -44.96 2.39 14.07
N GLY D 238 -44.34 1.36 13.50
CA GLY D 238 -44.15 1.28 12.07
C GLY D 238 -43.25 2.38 11.48
N THR D 239 -42.33 2.89 12.27
CA THR D 239 -41.47 3.98 11.81
C THR D 239 -40.12 3.54 11.32
N SER D 240 -39.90 2.25 11.06
CA SER D 240 -38.60 1.73 10.60
C SER D 240 -38.15 2.48 9.33
N VAL D 241 -36.86 2.78 9.29
CA VAL D 241 -36.23 3.31 8.10
C VAL D 241 -35.15 2.37 7.61
N SER D 242 -35.38 1.07 7.75
CA SER D 242 -34.42 0.04 7.34
C SER D 242 -35.00 -1.14 6.52
N TYR D 243 -36.24 -1.00 6.05
CA TYR D 243 -37.03 -2.12 5.45
C TYR D 243 -37.25 -3.23 6.49
N GLY D 244 -37.31 -2.85 7.75
CA GLY D 244 -37.37 -3.84 8.80
C GLY D 244 -38.73 -4.50 8.95
N LEU D 245 -39.77 -3.95 8.32
CA LEU D 245 -41.09 -4.52 8.43
C LEU D 245 -41.55 -5.13 7.13
N MET D 246 -40.81 -4.89 6.06
CA MET D 246 -41.11 -5.40 4.75
C MET D 246 -41.18 -6.92 4.82
N CYS D 247 -42.25 -7.45 4.24
CA CYS D 247 -42.46 -8.88 4.13
C CYS D 247 -41.61 -9.48 2.98
N PRO D 248 -40.82 -10.52 3.27
CA PRO D 248 -40.10 -11.18 2.16
C PRO D 248 -41.05 -11.76 1.09
N ALA D 249 -40.74 -11.50 -0.17
CA ALA D 249 -41.65 -11.80 -1.29
C ALA D 249 -41.94 -13.28 -1.45
N ASP D 250 -40.94 -14.14 -1.24
CA ASP D 250 -41.13 -15.62 -1.29
C ASP D 250 -41.52 -16.28 0.00
N GLU D 251 -41.81 -15.51 1.04
CA GLU D 251 -42.34 -16.14 2.22
C GLU D 251 -43.68 -16.79 1.89
N THR D 252 -43.76 -18.11 1.96
CA THR D 252 -45.01 -18.84 1.61
C THR D 252 -45.93 -19.07 2.78
N ARG D 253 -45.47 -18.91 4.02
CA ARG D 253 -46.35 -19.14 5.16
C ARG D 253 -47.25 -17.96 5.33
N THR D 254 -48.34 -18.16 6.09
CA THR D 254 -49.16 -17.09 6.59
C THR D 254 -48.31 -16.18 7.50
N ILE D 255 -48.34 -14.87 7.19
CA ILE D 255 -47.66 -13.86 7.98
C ILE D 255 -48.63 -13.08 8.82
N ILE D 256 -48.40 -13.19 10.13
CA ILE D 256 -49.03 -12.38 11.15
C ILE D 256 -48.27 -11.07 11.37
N SER D 257 -48.91 -9.94 11.11
CA SER D 257 -48.45 -8.66 11.71
C SER D 257 -48.88 -8.67 13.16
N LEU D 258 -47.93 -8.89 14.07
CA LEU D 258 -48.22 -8.86 15.48
C LEU D 258 -47.96 -7.43 15.97
N ASP D 259 -49.06 -6.71 16.12
CA ASP D 259 -49.08 -5.32 16.41
C ASP D 259 -49.14 -5.17 17.93
N THR D 260 -48.17 -4.38 18.50
CA THR D 260 -48.09 -4.16 19.93
C THR D 260 -48.79 -2.90 20.44
N SER D 261 -49.41 -2.15 19.57
CA SER D 261 -49.94 -0.84 19.95
C SER D 261 -51.04 -0.86 21.00
N GLN D 262 -51.76 -1.97 21.18
CA GLN D 262 -52.79 -2.06 22.25
C GLN D 262 -52.22 -2.69 23.50
N MET D 263 -50.88 -2.85 23.57
CA MET D 263 -50.19 -3.44 24.75
C MET D 263 -49.28 -2.33 25.22
N ASN D 264 -49.89 -1.38 25.88
CA ASN D 264 -49.35 -0.03 25.98
C ASN D 264 -49.43 0.64 27.34
N ARG D 265 -49.66 -0.14 28.40
CA ARG D 265 -49.73 0.44 29.74
C ARG D 265 -48.37 0.72 30.37
N ILE D 266 -48.35 1.76 31.18
CA ILE D 266 -47.37 1.83 32.30
C ILE D 266 -47.87 0.89 33.40
N LEU D 267 -47.19 -0.22 33.62
CA LEU D 267 -47.60 -1.14 34.65
C LEU D 267 -47.32 -0.53 36.01
N TRP D 268 -46.10 -0.08 36.24
CA TRP D 268 -45.84 0.72 37.44
C TRP D 268 -44.65 1.67 37.35
N VAL D 269 -44.70 2.69 38.19
CA VAL D 269 -43.54 3.53 38.41
C VAL D 269 -42.95 3.18 39.77
N ASP D 270 -41.69 2.77 39.77
CA ASP D 270 -40.88 2.68 41.01
C ASP D 270 -40.16 4.01 41.36
N GLU D 271 -40.80 4.81 42.19
CA GLU D 271 -40.24 6.08 42.60
C GLU D 271 -38.95 5.91 43.44
N ASN D 272 -38.79 4.79 44.15
CA ASN D 272 -37.57 4.56 44.93
C ASN D 272 -36.37 4.26 44.08
N ASN D 273 -36.57 3.51 43.01
CA ASN D 273 -35.42 3.15 42.14
C ASN D 273 -35.32 3.96 40.90
N LEU D 274 -36.28 4.86 40.71
CA LEU D 274 -36.41 5.66 39.50
C LEU D 274 -36.42 4.82 38.23
N THR D 275 -37.37 3.90 38.20
CA THR D 275 -37.62 3.09 37.04
C THR D 275 -39.11 3.04 36.75
N ALA D 276 -39.42 2.87 35.48
CA ALA D 276 -40.78 2.59 35.02
C ALA D 276 -40.87 1.22 34.33
N HIS D 277 -41.80 0.37 34.77
CA HIS D 277 -42.06 -0.91 34.15
C HIS D 277 -43.27 -0.75 33.15
N VAL D 278 -42.99 -0.92 31.86
CA VAL D 278 -43.96 -0.55 30.80
C VAL D 278 -44.18 -1.72 29.85
N GLU D 279 -45.30 -1.68 29.10
CA GLU D 279 -45.56 -2.64 28.03
C GLU D 279 -44.91 -2.07 26.78
N ALA D 280 -44.43 -2.96 25.94
CA ALA D 280 -43.57 -2.56 24.84
C ALA D 280 -44.26 -1.71 23.78
N GLY D 281 -45.59 -1.74 23.74
CA GLY D 281 -46.31 -1.01 22.74
C GLY D 281 -46.60 0.45 23.03
N ILE D 282 -46.16 0.98 24.18
CA ILE D 282 -46.36 2.41 24.48
C ILE D 282 -45.46 3.25 23.62
N THR D 283 -46.02 4.34 23.09
CA THR D 283 -45.35 5.24 22.22
C THR D 283 -44.58 6.22 23.09
N GLY D 284 -43.60 6.86 22.52
CA GLY D 284 -42.81 7.88 23.19
C GLY D 284 -43.60 9.07 23.74
N GLN D 285 -44.55 9.59 22.96
CA GLN D 285 -45.33 10.73 23.38
C GLN D 285 -46.20 10.37 24.52
N GLU D 286 -46.82 9.20 24.49
CA GLU D 286 -47.66 8.74 25.60
C GLU D 286 -46.90 8.30 26.88
N LEU D 287 -45.69 7.75 26.72
CA LEU D 287 -44.85 7.47 27.87
C LEU D 287 -44.50 8.76 28.64
N GLU D 288 -44.02 9.77 27.92
CA GLU D 288 -43.62 11.03 28.52
C GLU D 288 -44.79 11.84 29.03
N ARG D 289 -45.93 11.79 28.34
CA ARG D 289 -47.11 12.52 28.82
C ARG D 289 -47.58 12.00 30.19
N GLN D 290 -47.73 10.69 30.29
CA GLN D 290 -48.20 10.06 31.49
C GLN D 290 -47.17 10.19 32.63
N LEU D 291 -45.88 10.05 32.33
CA LEU D 291 -44.84 10.16 33.36
C LEU D 291 -44.76 11.56 33.93
N LYS D 292 -44.93 12.56 33.05
CA LYS D 292 -44.91 13.95 33.44
C LYS D 292 -46.00 14.27 34.47
N GLU D 293 -47.16 13.62 34.35
CA GLU D 293 -48.24 13.80 35.31
C GLU D 293 -47.80 13.43 36.73
N SER D 294 -46.92 12.45 36.84
CA SER D 294 -46.24 12.16 38.11
C SER D 294 -44.99 12.94 38.44
N GLY D 295 -44.50 13.85 37.58
CA GLY D 295 -43.22 14.57 37.86
C GLY D 295 -41.95 13.89 37.34
N TYR D 296 -42.11 12.97 36.38
CA TYR D 296 -40.96 12.22 35.83
C TYR D 296 -40.92 12.24 34.31
N CYS D 297 -39.79 11.83 33.77
CA CYS D 297 -39.65 11.67 32.32
C CYS D 297 -38.65 10.57 32.07
N THR D 298 -38.66 9.96 30.89
CA THR D 298 -37.44 9.19 30.48
C THR D 298 -36.35 10.06 29.87
N GLY D 299 -36.75 11.17 29.22
CA GLY D 299 -35.89 12.01 28.39
C GLY D 299 -35.43 11.41 27.06
N HIS D 300 -35.99 10.27 26.68
CA HIS D 300 -35.62 9.56 25.44
C HIS D 300 -36.52 10.14 24.36
N GLU D 301 -35.96 10.89 23.43
CA GLU D 301 -36.77 11.71 22.51
C GLU D 301 -36.27 11.51 21.10
N PRO D 302 -36.55 10.33 20.52
CA PRO D 302 -36.30 10.16 19.11
C PRO D 302 -37.28 11.02 18.34
N ASP D 303 -36.89 11.44 17.15
CA ASP D 303 -37.74 12.35 16.36
C ASP D 303 -39.06 11.68 15.93
N SER D 304 -39.11 10.34 15.98
CA SER D 304 -40.29 9.56 15.71
C SER D 304 -41.21 9.32 16.93
N LEU D 305 -40.96 10.01 18.03
CA LEU D 305 -41.59 9.70 19.32
C LEU D 305 -43.16 9.74 19.34
N GLU D 306 -43.78 10.45 18.37
CA GLU D 306 -45.23 10.49 18.32
C GLU D 306 -45.75 9.08 18.13
N PHE D 307 -44.99 8.24 17.39
CA PHE D 307 -45.39 6.84 17.08
C PHE D 307 -44.46 5.74 17.52
N SER D 308 -43.14 5.99 17.54
CA SER D 308 -42.25 4.89 17.87
C SER D 308 -42.46 4.43 19.32
N THR D 309 -42.22 3.14 19.55
CA THR D 309 -42.56 2.49 20.80
C THR D 309 -41.31 1.93 21.53
N VAL D 310 -41.48 1.62 22.81
CA VAL D 310 -40.42 1.01 23.68
C VAL D 310 -39.82 -0.25 23.04
N GLY D 311 -40.71 -1.15 22.55
CA GLY D 311 -40.23 -2.41 21.97
C GLY D 311 -39.48 -2.13 20.71
N GLY D 312 -39.97 -1.15 19.93
CA GLY D 312 -39.28 -0.56 18.76
C GLY D 312 -37.86 -0.06 19.05
N TRP D 313 -37.76 0.68 20.11
CA TRP D 313 -36.49 1.33 20.47
C TRP D 313 -35.44 0.25 20.84
N ILE D 314 -35.84 -0.70 21.64
CA ILE D 314 -34.99 -1.86 22.02
C ILE D 314 -34.55 -2.65 20.78
N SER D 315 -35.50 -2.95 19.89
CA SER D 315 -35.22 -3.73 18.69
C SER D 315 -34.23 -3.11 17.76
N THR D 316 -34.28 -1.79 17.62
CA THR D 316 -33.47 -1.07 16.64
C THR D 316 -32.28 -0.28 17.27
N ARG D 317 -32.10 -0.41 18.59
CA ARG D 317 -31.06 0.34 19.34
C ARG D 317 -31.25 1.87 19.12
N ALA D 318 -32.47 2.36 19.43
CA ALA D 318 -32.77 3.78 19.15
C ALA D 318 -31.93 4.77 20.00
N SER D 319 -31.70 5.93 19.42
CA SER D 319 -30.99 7.06 19.99
C SER D 319 -31.96 8.30 20.01
N GLY D 320 -31.94 9.07 21.06
CA GLY D 320 -32.81 10.22 21.13
C GLY D 320 -32.01 11.48 21.24
N MET D 321 -32.71 12.60 21.01
CA MET D 321 -32.12 13.92 20.96
C MET D 321 -31.33 14.37 22.23
N LYS D 322 -31.77 13.89 23.39
CA LYS D 322 -31.15 14.23 24.67
C LYS D 322 -30.31 13.14 25.31
N LYS D 323 -29.76 12.24 24.49
CA LYS D 323 -28.96 11.15 25.08
C LYS D 323 -27.77 11.66 25.95
N ASN D 324 -27.28 12.87 25.64
CA ASN D 324 -26.14 13.42 26.44
C ASN D 324 -26.48 13.38 27.92
N ILE D 325 -27.75 13.57 28.28
CA ILE D 325 -28.21 13.56 29.67
C ILE D 325 -28.84 12.27 30.07
N TYR D 326 -29.59 11.62 29.18
CA TYR D 326 -30.40 10.49 29.64
C TYR D 326 -29.86 9.18 29.20
N GLY D 327 -29.00 9.17 28.20
CA GLY D 327 -28.52 7.91 27.68
C GLY D 327 -29.29 7.60 26.39
N ASN D 328 -28.71 6.70 25.63
CA ASN D 328 -29.38 6.05 24.55
C ASN D 328 -30.11 4.86 25.14
N ILE D 329 -30.83 4.13 24.29
CA ILE D 329 -31.67 3.08 24.78
C ILE D 329 -30.93 2.06 25.59
N GLU D 330 -29.73 1.66 25.14
CA GLU D 330 -28.86 0.71 25.88
C GLU D 330 -28.44 1.22 27.27
N ASP D 331 -28.48 2.53 27.47
CA ASP D 331 -28.22 3.13 28.78
C ASP D 331 -29.51 3.23 29.64
N LEU D 332 -30.68 3.18 29.02
CA LEU D 332 -31.92 3.34 29.69
C LEU D 332 -32.60 2.08 30.11
N VAL D 333 -32.45 0.99 29.36
CA VAL D 333 -33.20 -0.22 29.67
C VAL D 333 -32.49 -1.06 30.72
N VAL D 334 -33.17 -1.26 31.83
CA VAL D 334 -32.72 -2.04 33.02
C VAL D 334 -33.13 -3.53 32.95
N HIS D 335 -34.24 -3.78 32.26
CA HIS D 335 -34.86 -5.07 32.29
C HIS D 335 -35.88 -5.20 31.14
N MET D 336 -36.05 -6.42 30.68
CA MET D 336 -37.06 -6.71 29.63
C MET D 336 -37.53 -8.15 29.73
N LYS D 337 -38.66 -8.39 29.05
CA LYS D 337 -39.27 -9.65 28.90
C LYS D 337 -39.59 -9.90 27.44
N VAL D 338 -39.15 -11.05 26.96
CA VAL D 338 -39.19 -11.36 25.57
C VAL D 338 -39.85 -12.73 25.39
N VAL D 339 -40.86 -12.81 24.53
CA VAL D 339 -41.42 -14.13 24.15
C VAL D 339 -40.76 -14.61 22.88
N THR D 340 -40.08 -15.75 22.95
CA THR D 340 -39.56 -16.40 21.77
C THR D 340 -40.27 -17.73 21.58
N PRO D 341 -40.02 -18.37 20.43
CA PRO D 341 -40.47 -19.78 20.19
C PRO D 341 -39.98 -20.80 21.22
N ARG D 342 -38.81 -20.53 21.81
CA ARG D 342 -38.26 -21.35 22.88
C ARG D 342 -38.82 -21.11 24.22
N GLY D 343 -39.46 -19.97 24.45
CA GLY D 343 -39.98 -19.64 25.76
C GLY D 343 -39.57 -18.21 26.09
N VAL D 344 -39.75 -17.84 27.35
CA VAL D 344 -39.71 -16.41 27.72
C VAL D 344 -38.30 -16.03 28.25
N ILE D 345 -37.72 -14.94 27.76
CA ILE D 345 -36.43 -14.49 28.28
C ILE D 345 -36.73 -13.42 29.29
N GLU D 346 -36.12 -13.54 30.47
CA GLU D 346 -36.30 -12.56 31.53
C GLU D 346 -35.29 -12.84 32.62
N LYS D 347 -34.49 -11.85 33.01
CA LYS D 347 -33.57 -12.01 34.14
C LYS D 347 -34.38 -11.95 35.44
N SER D 348 -33.83 -12.55 36.48
CA SER D 348 -34.54 -12.77 37.76
C SER D 348 -34.55 -11.56 38.68
N CYS D 349 -33.68 -10.59 38.44
CA CYS D 349 -33.68 -9.41 39.28
C CYS D 349 -33.31 -8.12 38.53
N GLN D 350 -33.63 -6.99 39.14
CA GLN D 350 -33.39 -5.67 38.53
C GLN D 350 -32.29 -4.85 39.22
N GLY D 351 -31.26 -5.56 39.72
CA GLY D 351 -30.01 -4.94 40.20
C GLY D 351 -29.51 -3.94 39.16
N PRO D 352 -28.88 -2.84 39.60
CA PRO D 352 -28.49 -1.84 38.66
C PRO D 352 -27.39 -2.28 37.63
N ARG D 353 -26.56 -3.27 37.98
CA ARG D 353 -25.40 -3.65 37.11
C ARG D 353 -24.90 -4.99 37.60
N MET D 354 -24.73 -5.94 36.67
CA MET D 354 -24.34 -7.31 36.99
CA MET D 354 -24.30 -7.30 37.01
C MET D 354 -23.10 -7.75 36.22
N SER D 355 -22.46 -8.80 36.73
CA SER D 355 -21.49 -9.58 36.00
C SER D 355 -21.95 -10.98 36.12
N THR D 356 -22.86 -11.40 35.22
CA THR D 356 -23.34 -12.78 35.20
C THR D 356 -23.29 -13.30 33.80
N GLY D 357 -22.11 -13.20 33.21
CA GLY D 357 -21.88 -13.63 31.88
C GLY D 357 -22.10 -12.54 30.86
N PRO D 358 -22.01 -12.90 29.58
CA PRO D 358 -22.39 -12.03 28.45
C PRO D 358 -23.80 -11.50 28.67
N ASP D 359 -23.98 -10.21 28.47
CA ASP D 359 -25.23 -9.56 28.87
C ASP D 359 -26.32 -9.92 27.82
N ILE D 360 -27.22 -10.85 28.17
CA ILE D 360 -28.31 -11.26 27.22
C ILE D 360 -29.23 -10.12 26.77
N HIS D 361 -29.28 -9.03 27.50
CA HIS D 361 -30.03 -7.86 27.07
C HIS D 361 -29.53 -7.37 25.71
N HIS D 362 -28.22 -7.49 25.50
CA HIS D 362 -27.61 -7.11 24.20
C HIS D 362 -27.74 -8.08 23.10
N PHE D 363 -28.20 -9.30 23.39
CA PHE D 363 -28.58 -10.24 22.40
C PHE D 363 -29.90 -9.83 21.78
N ILE D 364 -30.71 -9.13 22.56
CA ILE D 364 -32.05 -8.72 22.15
C ILE D 364 -32.11 -7.32 21.64
N MET D 365 -31.38 -6.40 22.29
CA MET D 365 -31.30 -5.05 21.76
C MET D 365 -30.61 -5.04 20.45
N GLY D 366 -31.28 -4.48 19.45
CA GLY D 366 -30.79 -4.57 18.09
C GLY D 366 -31.18 -5.81 17.30
N SER D 367 -32.03 -6.67 17.85
CA SER D 367 -32.40 -7.92 17.19
C SER D 367 -33.44 -7.69 16.08
N GLU D 368 -34.07 -6.53 16.03
CA GLU D 368 -34.90 -6.09 14.86
C GLU D 368 -35.96 -7.08 14.43
N GLY D 369 -36.73 -7.52 15.42
CA GLY D 369 -37.84 -8.42 15.29
C GLY D 369 -37.57 -9.86 14.86
N THR D 370 -36.32 -10.28 14.94
CA THR D 370 -35.87 -11.58 14.42
C THR D 370 -35.89 -12.71 15.40
N LEU D 371 -36.07 -12.37 16.67
CA LEU D 371 -35.93 -13.37 17.74
C LEU D 371 -37.20 -13.68 18.49
N GLY D 372 -38.10 -12.74 18.60
CA GLY D 372 -39.19 -12.84 19.56
C GLY D 372 -39.84 -11.47 19.69
N VAL D 373 -40.82 -11.39 20.58
CA VAL D 373 -41.56 -10.16 20.82
C VAL D 373 -41.13 -9.67 22.19
N ILE D 374 -40.56 -8.49 22.27
CA ILE D 374 -40.37 -7.81 23.55
C ILE D 374 -41.75 -7.33 24.04
N THR D 375 -42.22 -7.85 25.16
CA THR D 375 -43.54 -7.51 25.68
C THR D 375 -43.50 -6.41 26.73
N GLU D 376 -42.43 -6.38 27.53
CA GLU D 376 -42.34 -5.49 28.67
C GLU D 376 -40.91 -5.04 28.84
N ALA D 377 -40.72 -3.88 29.45
CA ALA D 377 -39.37 -3.38 29.73
C ALA D 377 -39.41 -2.47 30.93
N THR D 378 -38.27 -2.39 31.62
CA THR D 378 -38.10 -1.48 32.71
C THR D 378 -37.08 -0.48 32.24
N ILE D 379 -37.45 0.80 32.34
CA ILE D 379 -36.67 1.93 31.79
C ILE D 379 -36.41 2.91 32.91
N LYS D 380 -35.22 3.46 32.92
CA LYS D 380 -34.87 4.46 33.90
C LYS D 380 -35.63 5.73 33.66
N ILE D 381 -36.05 6.35 34.76
CA ILE D 381 -36.68 7.64 34.73
C ILE D 381 -35.93 8.67 35.58
N ARG D 382 -36.31 9.93 35.39
CA ARG D 382 -35.69 11.05 36.06
C ARG D 382 -36.80 12.05 36.40
N PRO D 383 -36.61 12.80 37.50
CA PRO D 383 -37.48 13.95 37.75
C PRO D 383 -37.52 14.85 36.55
N THR D 384 -38.69 15.36 36.24
CA THR D 384 -38.81 16.38 35.20
C THR D 384 -37.77 17.47 35.50
N PRO D 385 -37.02 17.92 34.48
CA PRO D 385 -36.01 18.98 34.79
C PRO D 385 -36.66 20.29 35.19
N GLU D 386 -35.97 21.05 36.02
CA GLU D 386 -36.49 22.35 36.44
C GLU D 386 -36.59 23.31 35.33
N TYR D 387 -35.62 23.26 34.42
CA TYR D 387 -35.43 24.39 33.53
C TYR D 387 -34.85 23.92 32.23
N GLN D 388 -35.26 24.57 31.12
CA GLN D 388 -34.66 24.32 29.83
C GLN D 388 -34.40 25.62 29.25
N LYS D 389 -33.38 25.71 28.42
CA LYS D 389 -32.96 26.94 27.85
C LYS D 389 -32.27 26.66 26.54
N TYR D 390 -32.66 27.40 25.51
CA TYR D 390 -32.17 27.18 24.16
C TYR D 390 -31.00 28.07 23.89
N GLY D 391 -30.29 27.81 22.81
CA GLY D 391 -29.16 28.60 22.42
C GLY D 391 -28.67 28.33 21.03
N SER D 392 -27.83 29.21 20.54
CA SER D 392 -27.27 28.98 19.22
C SER D 392 -25.94 29.64 19.12
N VAL D 393 -25.13 29.21 18.14
CA VAL D 393 -23.82 29.76 17.88
C VAL D 393 -23.57 29.71 16.36
N ALA D 394 -23.07 30.80 15.82
CA ALA D 394 -22.60 30.78 14.45
C ALA D 394 -21.10 30.64 14.41
N PHE D 395 -20.59 29.90 13.43
CA PHE D 395 -19.17 29.69 13.24
C PHE D 395 -18.81 30.12 11.85
N PRO D 396 -17.54 30.53 11.63
CA PRO D 396 -17.07 30.99 10.29
C PRO D 396 -17.25 29.95 9.19
N ASN D 397 -16.98 28.70 9.56
CA ASN D 397 -17.28 27.63 8.67
C ASN D 397 -17.72 26.33 9.45
N PHE D 398 -18.08 25.29 8.71
CA PHE D 398 -18.51 24.01 9.27
C PHE D 398 -17.36 23.38 10.03
N GLU D 399 -16.16 23.48 9.47
CA GLU D 399 -14.97 22.89 10.08
C GLU D 399 -14.62 23.44 11.47
N GLN D 400 -14.76 24.74 11.64
CA GLN D 400 -14.55 25.32 12.96
C GLN D 400 -15.59 24.86 13.97
N GLY D 401 -16.84 24.74 13.50
CA GLY D 401 -17.93 24.22 14.26
C GLY D 401 -17.67 22.81 14.71
N VAL D 402 -17.16 21.97 13.81
CA VAL D 402 -16.88 20.56 14.20
C VAL D 402 -15.77 20.54 15.27
N ALA D 403 -14.74 21.36 15.07
CA ALA D 403 -13.67 21.43 16.07
C ALA D 403 -14.21 21.82 17.47
N CYS D 404 -15.07 22.83 17.51
CA CYS D 404 -15.72 23.25 18.74
C CYS D 404 -16.56 22.13 19.38
N LEU D 405 -17.28 21.37 18.57
CA LEU D 405 -18.08 20.25 19.07
C LEU D 405 -17.19 19.17 19.74
N ARG D 406 -16.04 18.89 19.13
CA ARG D 406 -15.03 17.99 19.67
C ARG D 406 -14.50 18.50 20.98
N GLU D 407 -14.21 19.78 21.06
CA GLU D 407 -13.71 20.36 22.34
C GLU D 407 -14.76 20.26 23.44
N ILE D 408 -16.01 20.56 23.09
CA ILE D 408 -17.10 20.43 24.02
C ILE D 408 -17.18 19.01 24.57
N ALA D 409 -17.06 18.05 23.68
CA ALA D 409 -17.10 16.64 24.07
C ALA D 409 -15.88 16.22 24.87
N LYS D 410 -14.73 16.75 24.52
CA LYS D 410 -13.55 16.48 25.28
C LYS D 410 -13.62 16.99 26.71
N GLN D 411 -14.17 18.19 26.88
CA GLN D 411 -14.35 18.77 28.20
C GLN D 411 -15.56 18.17 28.91
N ARG D 412 -16.19 17.14 28.34
CA ARG D 412 -17.35 16.46 28.88
C ARG D 412 -18.34 17.46 29.42
N CYS D 413 -18.63 18.46 28.60
CA CYS D 413 -19.62 19.50 28.95
C CYS D 413 -20.72 19.74 27.87
N ALA D 414 -21.09 18.72 27.12
CA ALA D 414 -22.08 18.93 26.07
C ALA D 414 -23.45 19.17 26.74
N PRO D 415 -24.24 20.15 26.23
CA PRO D 415 -25.63 20.42 26.64
C PRO D 415 -26.51 19.20 26.39
N ALA D 416 -27.76 19.25 26.84
CA ALA D 416 -28.72 18.19 26.59
C ALA D 416 -28.75 17.80 25.14
N SER D 417 -28.77 18.81 24.28
CA SER D 417 -28.68 18.60 22.83
C SER D 417 -27.83 19.68 22.22
N ILE D 418 -26.99 19.26 21.29
CA ILE D 418 -26.16 20.15 20.51
C ILE D 418 -26.08 19.53 19.08
N ARG D 419 -26.43 20.32 18.07
CA ARG D 419 -26.34 19.97 16.68
C ARG D 419 -25.69 21.08 15.87
N LEU D 420 -24.86 20.68 14.91
CA LEU D 420 -24.14 21.59 14.03
C LEU D 420 -24.61 21.38 12.61
N MET D 421 -25.12 22.42 11.96
CA MET D 421 -25.66 22.32 10.62
C MET D 421 -24.71 23.04 9.67
N ASP D 422 -24.60 22.52 8.45
CA ASP D 422 -23.82 23.16 7.41
C ASP D 422 -24.61 24.35 6.82
N ASN D 423 -23.96 25.08 5.93
CA ASN D 423 -24.49 26.34 5.43
C ASN D 423 -25.82 26.18 4.69
N GLN D 424 -25.96 25.10 3.93
CA GLN D 424 -27.23 24.79 3.26
C GLN D 424 -28.42 24.69 4.24
N GLN D 425 -28.21 24.13 5.44
CA GLN D 425 -29.29 24.06 6.43
C GLN D 425 -29.49 25.36 7.08
N PHE D 426 -28.44 26.13 7.22
CA PHE D 426 -28.60 27.47 7.72
C PHE D 426 -29.49 28.30 6.75
N GLN D 427 -29.18 28.30 5.47
CA GLN D 427 -29.98 29.03 4.51
C GLN D 427 -31.39 28.51 4.42
N PHE D 428 -31.55 27.20 4.52
CA PHE D 428 -32.86 26.59 4.48
C PHE D 428 -33.72 27.00 5.67
N GLY D 429 -33.13 26.98 6.87
CA GLY D 429 -33.84 27.36 8.06
C GLY D 429 -34.22 28.81 8.00
N HIS D 430 -33.44 29.61 7.28
CA HIS D 430 -33.73 31.01 7.06
C HIS D 430 -35.01 31.20 6.28
N ALA D 431 -35.09 30.54 5.11
CA ALA D 431 -36.29 30.52 4.26
C ALA D 431 -37.59 29.93 4.88
N LEU D 432 -37.55 29.45 6.12
CA LEU D 432 -38.76 29.25 6.94
C LEU D 432 -38.99 30.33 8.01
N ASN D 461 -22.05 32.74 3.90
CA ASN D 461 -21.99 31.75 2.84
C ASN D 461 -21.26 30.39 3.06
N GLN D 462 -20.14 30.38 3.79
CA GLN D 462 -19.57 29.14 4.39
C GLN D 462 -20.06 28.93 5.81
N LEU D 463 -20.69 29.96 6.37
CA LEU D 463 -21.11 30.06 7.76
C LEU D 463 -21.90 28.82 8.24
N SER D 464 -21.64 28.37 9.47
CA SER D 464 -22.37 27.23 10.03
C SER D 464 -22.96 27.54 11.40
N VAL D 465 -24.04 26.87 11.75
CA VAL D 465 -24.78 27.20 12.98
C VAL D 465 -24.97 25.97 13.82
N ALA D 466 -24.61 26.06 15.12
CA ALA D 466 -25.02 25.05 16.13
C ALA D 466 -26.27 25.52 16.87
N THR D 467 -27.22 24.65 17.05
CA THR D 467 -28.30 24.92 17.97
C THR D 467 -28.09 24.11 19.23
N LEU D 468 -28.55 24.68 20.33
CA LEU D 468 -28.27 24.16 21.64
C LEU D 468 -29.51 24.08 22.47
N LEU D 469 -29.64 23.01 23.23
CA LEU D 469 -30.67 22.95 24.24
C LEU D 469 -30.03 22.50 25.55
N PHE D 470 -30.22 23.30 26.60
CA PHE D 470 -29.72 23.03 27.98
C PHE D 470 -30.90 22.62 28.83
N GLU D 471 -30.74 21.60 29.68
CA GLU D 471 -31.82 21.26 30.57
C GLU D 471 -31.35 20.53 31.81
N GLY D 472 -31.96 20.88 32.93
CA GLY D 472 -31.53 20.44 34.22
C GLY D 472 -31.94 21.45 35.26
N ASP D 473 -31.15 21.51 36.33
CA ASP D 473 -31.36 22.47 37.39
C ASP D 473 -31.02 23.86 36.87
N ARG D 474 -31.73 24.86 37.37
CA ARG D 474 -31.58 26.23 36.87
C ARG D 474 -30.11 26.67 36.90
N GLU D 475 -29.46 26.52 38.06
CA GLU D 475 -28.09 27.06 38.25
C GLU D 475 -27.10 26.29 37.44
N LYS D 476 -27.33 24.99 37.27
CA LYS D 476 -26.43 24.13 36.48
C LYS D 476 -26.53 24.42 34.99
N VAL D 477 -27.74 24.65 34.51
CA VAL D 477 -27.98 25.16 33.15
C VAL D 477 -27.19 26.44 32.87
N LEU D 478 -27.31 27.41 33.78
CA LEU D 478 -26.62 28.70 33.60
C LEU D 478 -25.11 28.53 33.65
N GLN D 479 -24.62 27.56 34.43
CA GLN D 479 -23.18 27.26 34.53
C GLN D 479 -22.67 26.66 33.24
N HIS D 480 -23.37 25.63 32.82
CA HIS D 480 -23.08 24.93 31.59
C HIS D 480 -23.10 25.85 30.35
N GLU D 481 -24.07 26.73 30.31
CA GLU D 481 -24.22 27.68 29.21
C GLU D 481 -22.95 28.54 29.08
N LYS D 482 -22.48 29.01 30.21
CA LYS D 482 -21.34 29.92 30.21
C LYS D 482 -20.09 29.19 29.71
N GLN D 483 -19.91 27.92 30.14
CA GLN D 483 -18.75 27.13 29.65
C GLN D 483 -18.78 26.88 28.13
N VAL D 484 -19.96 26.52 27.62
CA VAL D 484 -20.08 26.22 26.20
C VAL D 484 -19.76 27.40 25.29
N TYR D 485 -20.31 28.58 25.61
CA TYR D 485 -20.05 29.81 24.82
C TYR D 485 -18.59 30.23 24.92
N ASP D 486 -18.01 30.13 26.11
CA ASP D 486 -16.58 30.38 26.24
C ASP D 486 -15.77 29.47 25.32
N ILE D 487 -16.05 28.17 25.34
CA ILE D 487 -15.35 27.26 24.41
C ILE D 487 -15.58 27.60 22.96
N ALA D 488 -16.85 27.82 22.59
CA ALA D 488 -17.15 28.18 21.18
C ALA D 488 -16.36 29.38 20.71
N ALA D 489 -16.24 30.34 21.61
CA ALA D 489 -15.48 31.59 21.32
C ALA D 489 -14.05 31.33 20.82
N LYS D 490 -13.42 30.26 21.31
CA LYS D 490 -12.09 29.88 20.85
C LYS D 490 -12.02 29.42 19.40
N PHE D 491 -13.16 29.07 18.81
CA PHE D 491 -13.20 28.56 17.44
C PHE D 491 -13.86 29.59 16.52
N GLY D 492 -13.96 30.84 16.96
CA GLY D 492 -14.67 31.88 16.21
C GLY D 492 -16.16 31.81 16.37
N GLY D 493 -16.65 31.05 17.34
CA GLY D 493 -18.07 30.88 17.56
C GLY D 493 -18.64 32.12 18.18
N LEU D 494 -19.63 32.74 17.54
CA LEU D 494 -20.38 33.86 18.20
C LEU D 494 -21.80 33.45 18.52
N ALA D 495 -22.24 33.79 19.72
CA ALA D 495 -23.61 33.59 20.12
C ALA D 495 -24.59 34.25 19.13
N ALA D 496 -25.61 33.51 18.68
CA ALA D 496 -26.60 33.96 17.73
C ALA D 496 -28.04 33.94 18.30
N GLY D 497 -28.24 33.64 19.57
CA GLY D 497 -29.52 33.90 20.22
C GLY D 497 -30.23 32.71 20.78
N GLU D 498 -30.95 32.97 21.85
CA GLU D 498 -31.65 31.95 22.61
C GLU D 498 -32.90 31.52 21.85
N ASP D 499 -33.68 32.51 21.44
CA ASP D 499 -34.95 32.26 20.78
C ASP D 499 -34.67 31.67 19.40
N ASN D 500 -33.56 32.08 18.79
CA ASN D 500 -33.20 31.52 17.52
C ASN D 500 -32.82 30.08 17.67
N GLY D 501 -32.21 29.69 18.80
CA GLY D 501 -31.98 28.26 19.03
C GLY D 501 -33.29 27.49 19.11
N GLN D 502 -34.26 28.07 19.83
CA GLN D 502 -35.55 27.43 20.01
C GLN D 502 -36.25 27.24 18.66
N ARG D 503 -36.22 28.27 17.80
CA ARG D 503 -36.76 28.16 16.44
C ARG D 503 -36.29 26.90 15.71
N GLY D 504 -35.00 26.55 15.80
CA GLY D 504 -34.48 25.26 15.30
C GLY D 504 -35.08 23.99 15.93
N TYR D 505 -35.33 24.01 17.21
CA TYR D 505 -35.91 22.88 17.87
C TYR D 505 -37.43 22.75 17.63
N LEU D 506 -38.17 23.84 17.56
CA LEU D 506 -39.59 23.77 17.13
C LEU D 506 -39.83 23.26 15.66
N LEU D 507 -38.79 23.18 14.85
CA LEU D 507 -38.82 22.57 13.49
C LEU D 507 -38.68 21.05 13.44
N THR D 508 -38.20 20.45 14.51
CA THR D 508 -37.79 19.04 14.48
C THR D 508 -38.87 18.02 14.07
N TYR D 509 -40.11 18.21 14.52
CA TYR D 509 -41.24 17.28 14.23
C TYR D 509 -42.03 17.60 12.95
N VAL D 510 -41.66 18.67 12.24
CA VAL D 510 -42.35 19.03 11.01
C VAL D 510 -41.53 18.71 9.78
N ILE D 511 -40.19 18.61 9.90
CA ILE D 511 -39.34 18.20 8.75
C ILE D 511 -39.80 16.92 8.05
N ALA D 512 -40.35 15.96 8.79
CA ALA D 512 -40.75 14.67 8.19
C ALA D 512 -41.88 14.87 7.17
N TYR D 513 -42.72 15.89 7.42
CA TYR D 513 -43.86 16.21 6.54
C TYR D 513 -43.42 16.84 5.24
N MET D 514 -42.19 17.36 5.21
CA MET D 514 -41.65 18.02 4.06
C MET D 514 -41.19 17.04 3.00
N ARG D 515 -40.90 15.78 3.36
CA ARG D 515 -40.59 14.78 2.33
C ARG D 515 -41.82 14.42 1.48
N ASP D 516 -42.99 14.38 2.10
CA ASP D 516 -44.24 14.17 1.37
C ASP D 516 -44.54 15.33 0.44
N LEU D 517 -44.40 16.56 0.93
CA LEU D 517 -44.43 17.76 0.08
C LEU D 517 -43.48 17.69 -1.13
N GLY D 518 -42.22 17.29 -0.90
CA GLY D 518 -41.26 16.97 -1.96
C GLY D 518 -41.86 16.05 -3.03
N LEU D 519 -42.45 14.97 -2.59
CA LEU D 519 -42.99 13.99 -3.54
C LEU D 519 -44.14 14.54 -4.40
N GLU D 520 -44.94 15.46 -3.84
CA GLU D 520 -46.03 16.06 -4.57
C GLU D 520 -45.51 16.95 -5.72
N TYR D 521 -44.21 17.31 -5.72
CA TYR D 521 -43.59 18.16 -6.75
C TYR D 521 -42.36 17.58 -7.38
N TYR D 522 -42.33 16.27 -7.61
CA TYR D 522 -41.22 15.57 -8.30
C TYR D 522 -39.86 15.68 -7.63
N ILE D 523 -39.83 15.79 -6.30
CA ILE D 523 -38.56 15.73 -5.57
C ILE D 523 -38.63 14.50 -4.72
N ILE D 524 -37.70 13.58 -4.95
CA ILE D 524 -37.54 12.45 -4.05
C ILE D 524 -36.38 12.78 -3.10
N GLY D 525 -36.62 12.59 -1.81
CA GLY D 525 -35.59 12.74 -0.83
C GLY D 525 -35.66 11.76 0.32
N GLU D 526 -34.57 11.73 1.07
CA GLU D 526 -34.34 10.83 2.14
C GLU D 526 -33.19 11.36 2.99
N SER D 527 -33.23 11.01 4.27
CA SER D 527 -32.15 11.31 5.19
C SER D 527 -31.45 10.03 5.51
N PHE D 528 -30.21 10.12 5.94
CA PHE D 528 -29.51 8.93 6.36
C PHE D 528 -28.38 9.35 7.27
N GLU D 529 -27.79 8.36 7.94
CA GLU D 529 -26.90 8.68 9.07
C GLU D 529 -25.74 7.73 9.20
N THR D 530 -24.73 8.16 9.95
CA THR D 530 -23.66 7.32 10.32
C THR D 530 -23.02 7.86 11.61
N SER D 531 -22.16 7.06 12.24
CA SER D 531 -21.25 7.59 13.24
C SER D 531 -19.82 7.42 12.76
N ALA D 532 -18.95 8.30 13.19
CA ALA D 532 -17.54 8.23 12.76
C ALA D 532 -16.60 8.80 13.79
N PRO D 533 -15.34 8.33 13.80
CA PRO D 533 -14.37 8.98 14.69
C PRO D 533 -14.18 10.44 14.33
N TRP D 534 -13.78 11.22 15.31
CA TRP D 534 -13.62 12.67 15.16
C TRP D 534 -12.70 13.03 14.04
N ASP D 535 -11.65 12.23 13.88
CA ASP D 535 -10.72 12.49 12.80
C ASP D 535 -11.17 12.10 11.41
N ARG D 536 -12.35 11.51 11.29
CA ARG D 536 -12.93 11.28 9.98
C ARG D 536 -14.06 12.22 9.60
N VAL D 537 -14.58 13.00 10.57
CA VAL D 537 -15.85 13.69 10.30
C VAL D 537 -15.85 14.60 9.08
N VAL D 538 -14.82 15.45 8.98
CA VAL D 538 -14.82 16.50 8.00
C VAL D 538 -14.67 15.89 6.64
N ASP D 539 -13.69 15.01 6.47
CA ASP D 539 -13.50 14.33 5.17
C ASP D 539 -14.72 13.55 4.73
N LEU D 540 -15.34 12.84 5.68
CA LEU D 540 -16.51 12.04 5.39
C LEU D 540 -17.64 12.93 4.83
N CYS D 541 -17.93 14.06 5.47
CA CYS D 541 -19.02 14.91 5.03
C CYS D 541 -18.81 15.39 3.61
N ARG D 542 -17.59 15.78 3.30
CA ARG D 542 -17.29 16.33 1.98
C ARG D 542 -17.33 15.26 0.90
N ASN D 543 -16.71 14.12 1.17
CA ASN D 543 -16.66 13.05 0.18
C ASN D 543 -17.97 12.37 -0.05
N VAL D 544 -18.83 12.31 0.97
CA VAL D 544 -20.17 11.76 0.78
C VAL D 544 -21.00 12.72 -0.07
N LYS D 545 -20.99 14.00 0.27
CA LYS D 545 -21.69 15.00 -0.49
C LYS D 545 -21.16 15.03 -1.91
N GLU D 546 -19.84 14.98 -2.08
CA GLU D 546 -19.32 14.88 -3.47
C GLU D 546 -19.66 13.56 -4.24
N ARG D 547 -19.74 12.41 -3.57
CA ARG D 547 -20.23 11.19 -4.22
C ARG D 547 -21.68 11.27 -4.71
N ILE D 548 -22.55 11.92 -3.94
CA ILE D 548 -23.97 11.99 -4.30
C ILE D 548 -24.12 12.81 -5.62
N ARG D 549 -23.41 13.93 -5.70
CA ARG D 549 -23.44 14.83 -6.89
C ARG D 549 -22.89 14.13 -8.09
N ARG D 550 -21.72 13.53 -7.95
CA ARG D 550 -21.16 12.70 -9.02
C ARG D 550 -22.14 11.60 -9.50
N GLU D 551 -22.72 10.81 -8.59
CA GLU D 551 -23.67 9.76 -8.99
C GLU D 551 -24.90 10.33 -9.65
N CYS D 552 -25.40 11.45 -9.12
CA CYS D 552 -26.62 12.08 -9.68
C CYS D 552 -26.39 12.65 -11.08
N LYS D 553 -25.28 13.38 -11.26
CA LYS D 553 -24.82 13.78 -12.60
C LYS D 553 -24.77 12.54 -13.48
N GLU D 554 -23.98 11.56 -13.06
CA GLU D 554 -23.76 10.33 -13.83
C GLU D 554 -25.02 9.52 -14.11
N LYS D 555 -26.12 9.74 -13.37
CA LYS D 555 -27.44 9.11 -13.66
C LYS D 555 -28.38 9.92 -14.55
N GLY D 556 -27.93 11.10 -15.00
CA GLY D 556 -28.72 11.96 -15.89
C GLY D 556 -29.68 12.90 -15.17
N VAL D 557 -29.44 13.19 -13.89
CA VAL D 557 -30.28 14.11 -13.09
C VAL D 557 -29.82 15.51 -13.42
N GLN D 558 -30.78 16.41 -13.67
CA GLN D 558 -30.46 17.66 -14.36
C GLN D 558 -29.77 18.65 -13.46
N PHE D 559 -30.50 19.16 -12.47
CA PHE D 559 -29.94 20.11 -11.52
C PHE D 559 -29.09 19.26 -10.54
N PRO D 560 -27.97 19.82 -10.03
CA PRO D 560 -27.28 19.13 -8.95
C PRO D 560 -28.20 18.95 -7.72
N PRO D 561 -28.14 17.78 -7.08
CA PRO D 561 -29.08 17.43 -6.04
C PRO D 561 -28.82 18.16 -4.76
N LEU D 562 -29.81 18.23 -3.89
CA LEU D 562 -29.57 18.75 -2.55
C LEU D 562 -28.83 17.64 -1.80
N SER D 563 -27.78 18.05 -1.09
CA SER D 563 -26.98 17.14 -0.27
C SER D 563 -26.32 17.94 0.89
N THR D 564 -26.80 17.69 2.11
CA THR D 564 -26.58 18.55 3.25
C THR D 564 -26.42 17.68 4.50
N CYS D 565 -25.64 18.15 5.45
CA CYS D 565 -25.30 17.35 6.60
C CYS D 565 -25.32 18.20 7.83
N ARG D 566 -25.48 17.51 8.93
CA ARG D 566 -25.42 18.09 10.22
C ARG D 566 -24.84 17.06 11.19
N VAL D 567 -24.08 17.53 12.16
CA VAL D 567 -23.65 16.69 13.26
C VAL D 567 -24.74 16.73 14.38
N THR D 568 -25.22 15.57 14.78
CA THR D 568 -26.40 15.52 15.67
C THR D 568 -26.19 14.98 17.06
N GLN D 569 -25.12 14.22 17.27
CA GLN D 569 -24.71 13.73 18.57
C GLN D 569 -23.18 13.72 18.62
N THR D 570 -22.65 14.02 19.82
CA THR D 570 -21.23 13.96 20.10
C THR D 570 -20.98 12.92 21.19
N TYR D 571 -19.83 12.31 21.08
CA TYR D 571 -19.34 11.31 22.00
C TYR D 571 -17.85 11.61 22.22
N ASP D 572 -17.30 11.00 23.26
CA ASP D 572 -15.85 10.87 23.52
C ASP D 572 -15.08 10.58 22.20
N ALA D 573 -15.42 9.44 21.59
CA ALA D 573 -14.71 8.89 20.41
C ALA D 573 -15.26 9.27 19.03
N GLY D 574 -16.22 10.21 18.92
CA GLY D 574 -16.63 10.68 17.61
C GLY D 574 -18.04 11.24 17.60
N ALA D 575 -18.68 11.21 16.42
CA ALA D 575 -19.92 11.91 16.24
C ALA D 575 -20.92 11.16 15.40
N CYS D 576 -22.19 11.49 15.57
CA CYS D 576 -23.22 11.10 14.61
C CYS D 576 -23.39 12.20 13.56
N ILE D 577 -23.32 11.79 12.32
CA ILE D 577 -23.53 12.68 11.22
C ILE D 577 -24.83 12.27 10.51
N TYR D 578 -25.62 13.28 10.16
CA TYR D 578 -26.94 13.04 9.56
C TYR D 578 -26.99 13.79 8.25
N PHE D 579 -27.35 13.11 7.18
CA PHE D 579 -27.49 13.68 5.84
C PHE D 579 -28.95 13.71 5.36
N TYR D 580 -29.25 14.71 4.52
CA TYR D 580 -30.43 14.73 3.67
C TYR D 580 -29.95 14.81 2.24
N PHE D 581 -30.67 14.12 1.39
CA PHE D 581 -30.32 14.04 0.01
C PHE D 581 -31.64 14.12 -0.72
N ALA D 582 -31.75 15.06 -1.68
CA ALA D 582 -32.97 15.19 -2.48
C ALA D 582 -32.64 15.59 -3.90
N PHE D 583 -33.45 15.16 -4.86
CA PHE D 583 -33.35 15.68 -6.23
C PHE D 583 -34.68 15.77 -6.98
N ASN D 584 -34.75 16.72 -7.92
CA ASN D 584 -35.84 16.79 -8.91
C ASN D 584 -35.64 15.63 -9.88
N TYR D 585 -36.63 14.75 -10.01
CA TYR D 585 -36.51 13.61 -10.92
C TYR D 585 -37.36 13.68 -12.22
N ARG D 586 -37.98 14.83 -12.49
CA ARG D 586 -38.80 14.96 -13.72
C ARG D 586 -37.98 14.56 -14.96
N GLY D 587 -38.53 13.63 -15.74
CA GLY D 587 -37.83 13.08 -16.91
C GLY D 587 -36.64 12.16 -16.66
N ILE D 588 -36.64 11.43 -15.54
CA ILE D 588 -35.78 10.24 -15.36
C ILE D 588 -36.70 9.05 -15.59
N SER D 589 -36.20 8.00 -16.26
CA SER D 589 -37.02 6.86 -16.64
C SER D 589 -37.46 6.01 -15.48
N ASP D 590 -36.49 5.67 -14.63
CA ASP D 590 -36.74 4.81 -13.48
C ASP D 590 -36.22 5.57 -12.24
N PRO D 591 -37.02 6.51 -11.74
CA PRO D 591 -36.51 7.41 -10.70
C PRO D 591 -36.24 6.69 -9.39
N LEU D 592 -37.03 5.67 -9.05
CA LEU D 592 -36.70 4.80 -7.91
C LEU D 592 -35.37 4.11 -7.97
N ALA D 593 -34.96 3.69 -9.17
CA ALA D 593 -33.70 2.99 -9.33
C ALA D 593 -32.56 3.94 -9.11
N VAL D 594 -32.69 5.14 -9.63
CA VAL D 594 -31.67 6.16 -9.49
C VAL D 594 -31.47 6.59 -8.03
N PHE D 595 -32.58 6.79 -7.32
CA PHE D 595 -32.52 7.09 -5.88
C PHE D 595 -31.84 5.97 -5.09
N GLU D 596 -32.33 4.74 -5.30
CA GLU D 596 -31.83 3.50 -4.67
C GLU D 596 -30.31 3.33 -4.87
N GLN D 597 -29.84 3.47 -6.10
CA GLN D 597 -28.43 3.31 -6.39
C GLN D 597 -27.60 4.44 -5.80
N THR D 598 -28.14 5.64 -5.77
CA THR D 598 -27.41 6.73 -5.18
C THR D 598 -27.29 6.56 -3.65
N GLU D 599 -28.37 6.15 -2.96
CA GLU D 599 -28.31 5.86 -1.50
C GLU D 599 -27.25 4.82 -1.21
N ALA D 600 -27.27 3.73 -1.96
CA ALA D 600 -26.33 2.65 -1.78
C ALA D 600 -24.86 3.10 -2.03
N ALA D 601 -24.69 4.02 -2.98
CA ALA D 601 -23.37 4.60 -3.28
C ALA D 601 -22.93 5.56 -2.13
N ALA D 602 -23.86 6.35 -1.63
CA ALA D 602 -23.55 7.18 -0.45
C ALA D 602 -23.08 6.30 0.75
N ARG D 603 -23.76 5.19 0.96
CA ARG D 603 -23.41 4.30 2.04
C ARG D 603 -22.02 3.74 1.84
N GLU D 604 -21.74 3.24 0.62
CA GLU D 604 -20.36 2.78 0.32
C GLU D 604 -19.36 3.91 0.60
N GLU D 605 -19.66 5.13 0.15
CA GLU D 605 -18.79 6.25 0.47
C GLU D 605 -18.64 6.44 1.98
N ILE D 606 -19.73 6.34 2.76
CA ILE D 606 -19.62 6.46 4.22
C ILE D 606 -18.64 5.45 4.81
N LEU D 607 -18.79 4.20 4.41
CA LEU D 607 -17.97 3.11 4.92
C LEU D 607 -16.56 3.27 4.43
N ALA D 608 -16.40 3.80 3.22
CA ALA D 608 -15.06 4.10 2.72
C ALA D 608 -14.35 5.24 3.44
N ASN D 609 -15.09 6.09 4.17
CA ASN D 609 -14.51 7.23 4.92
C ASN D 609 -14.49 7.04 6.42
N GLY D 610 -14.58 5.80 6.85
CA GLY D 610 -14.45 5.48 8.25
C GLY D 610 -15.74 5.53 9.04
N GLY D 611 -16.88 5.72 8.37
CA GLY D 611 -18.15 5.75 9.07
C GLY D 611 -18.71 4.38 9.29
N SER D 612 -19.66 4.31 10.20
CA SER D 612 -20.32 3.11 10.55
C SER D 612 -21.48 2.88 9.58
N LEU D 613 -21.93 1.63 9.59
CA LEU D 613 -23.09 1.17 8.79
C LEU D 613 -24.33 1.92 9.26
N SER D 614 -24.46 2.14 10.56
CA SER D 614 -25.53 2.96 11.13
C SER D 614 -25.22 3.30 12.59
N HIS D 615 -25.58 4.51 12.97
CA HIS D 615 -25.51 4.99 14.31
C HIS D 615 -26.75 4.55 15.07
N HIS D 616 -27.94 4.71 14.49
CA HIS D 616 -29.19 4.40 15.19
C HIS D 616 -30.30 3.79 14.33
N HIS D 617 -30.37 4.04 13.03
CA HIS D 617 -31.48 3.53 12.25
C HIS D 617 -31.51 1.99 12.16
N GLY D 618 -30.34 1.38 12.24
CA GLY D 618 -30.20 -0.06 12.26
C GLY D 618 -30.05 -0.57 10.83
N VAL D 619 -30.18 -1.85 10.65
CA VAL D 619 -29.74 -2.53 9.41
C VAL D 619 -30.90 -3.02 8.57
N GLY D 620 -31.88 -3.62 9.24
CA GLY D 620 -33.12 -4.20 8.62
C GLY D 620 -32.72 -5.07 7.46
N LYS D 621 -33.39 -4.88 6.32
CA LYS D 621 -32.97 -5.44 5.07
C LYS D 621 -32.24 -4.47 4.15
N LEU D 622 -32.33 -3.16 4.40
CA LEU D 622 -31.68 -2.18 3.55
C LEU D 622 -30.15 -2.32 3.62
N ARG D 623 -29.59 -2.62 4.80
CA ARG D 623 -28.12 -2.60 4.99
C ARG D 623 -27.48 -3.95 5.26
N LYS D 624 -28.30 -5.00 5.23
CA LYS D 624 -27.91 -6.40 5.42
C LYS D 624 -26.67 -6.83 4.71
N GLN D 625 -26.54 -6.39 3.47
CA GLN D 625 -25.48 -6.86 2.60
C GLN D 625 -24.13 -6.46 3.16
N TRP D 626 -24.07 -5.40 3.98
CA TRP D 626 -22.79 -5.00 4.63
C TRP D 626 -22.52 -5.50 6.01
N LEU D 627 -23.48 -6.19 6.62
CA LEU D 627 -23.37 -6.54 8.02
C LEU D 627 -22.21 -7.49 8.35
N LYS D 628 -21.97 -8.49 7.51
CA LYS D 628 -20.92 -9.45 7.77
C LYS D 628 -19.55 -8.76 7.82
N GLU D 629 -19.32 -7.84 6.90
CA GLU D 629 -18.11 -7.00 6.94
C GLU D 629 -17.98 -6.15 8.22
N SER D 630 -19.09 -5.55 8.68
CA SER D 630 -19.08 -4.62 9.83
C SER D 630 -18.74 -5.31 11.15
N ILE D 631 -19.27 -6.53 11.31
CA ILE D 631 -19.16 -7.28 12.58
C ILE D 631 -18.24 -8.50 12.57
N SER D 632 -17.68 -8.83 11.40
CA SER D 632 -16.85 -10.01 11.07
C SER D 632 -17.65 -11.30 10.86
N ASP D 633 -17.06 -12.22 10.11
CA ASP D 633 -17.69 -13.52 9.83
C ASP D 633 -18.04 -14.27 11.09
N VAL D 634 -17.11 -14.32 12.06
CA VAL D 634 -17.43 -15.03 13.30
C VAL D 634 -18.54 -14.29 14.09
N GLY D 635 -18.48 -12.96 14.08
CA GLY D 635 -19.57 -12.16 14.68
C GLY D 635 -20.95 -12.45 14.06
N PHE D 636 -20.99 -12.47 12.73
CA PHE D 636 -22.21 -12.89 11.97
C PHE D 636 -22.71 -14.31 12.40
N GLY D 637 -21.81 -15.29 12.42
CA GLY D 637 -22.11 -16.64 12.89
C GLY D 637 -22.64 -16.75 14.29
N MET D 638 -22.13 -15.93 15.19
CA MET D 638 -22.67 -15.92 16.54
C MET D 638 -24.11 -15.49 16.53
N LEU D 639 -24.42 -14.40 15.79
CA LEU D 639 -25.81 -13.97 15.68
C LEU D 639 -26.72 -15.11 15.14
N LYS D 640 -26.24 -15.82 14.12
CA LYS D 640 -26.98 -16.93 13.49
C LYS D 640 -27.20 -18.05 14.49
N SER D 641 -26.21 -18.33 15.32
CA SER D 641 -26.32 -19.39 16.30
C SER D 641 -27.41 -19.04 17.29
N VAL D 642 -27.56 -17.77 17.69
CA VAL D 642 -28.61 -17.39 18.63
C VAL D 642 -30.01 -17.53 17.97
N LYS D 643 -30.11 -17.05 16.73
CA LYS D 643 -31.32 -17.16 15.86
C LYS D 643 -31.78 -18.61 15.71
N ASP D 644 -30.85 -19.48 15.34
CA ASP D 644 -31.12 -20.94 15.17
C ASP D 644 -31.53 -21.59 16.45
N TYR D 645 -31.03 -21.13 17.58
CA TYR D 645 -31.45 -21.70 18.84
C TYR D 645 -32.80 -21.15 19.27
N VAL D 646 -32.95 -19.85 19.27
CA VAL D 646 -34.17 -19.21 19.75
C VAL D 646 -35.35 -19.45 18.80
N ASP D 647 -35.09 -19.48 17.48
CA ASP D 647 -36.17 -19.55 16.48
C ASP D 647 -35.73 -20.50 15.39
N PRO D 648 -35.68 -21.80 15.75
CA PRO D 648 -35.12 -22.72 14.81
C PRO D 648 -35.94 -22.86 13.49
N THR D 649 -37.24 -22.58 13.52
CA THR D 649 -38.08 -22.69 12.28
C THR D 649 -38.37 -21.35 11.63
N ASN D 650 -37.60 -20.34 12.04
CA ASN D 650 -37.71 -19.00 11.50
C ASN D 650 -39.14 -18.49 11.55
N ILE D 651 -39.83 -18.73 12.65
CA ILE D 651 -41.14 -18.11 12.87
C ILE D 651 -41.05 -16.59 12.73
N PHE D 652 -39.98 -16.01 13.30
CA PHE D 652 -39.74 -14.55 13.22
C PHE D 652 -39.00 -14.24 11.97
N GLY D 653 -39.76 -14.22 10.87
CA GLY D 653 -39.20 -14.31 9.53
C GLY D 653 -39.12 -13.05 8.71
N ASN D 654 -38.94 -11.87 9.35
CA ASN D 654 -38.74 -10.63 8.56
C ASN D 654 -37.44 -10.64 7.77
N ARG D 655 -36.59 -11.58 8.09
CA ARG D 655 -35.28 -11.77 7.48
C ARG D 655 -34.38 -10.56 7.60
N ASN D 656 -34.59 -9.74 8.63
CA ASN D 656 -33.64 -8.63 8.89
C ASN D 656 -32.28 -9.16 9.33
N LEU D 657 -31.23 -8.43 9.03
CA LEU D 657 -29.86 -8.67 9.59
C LEU D 657 -29.12 -9.80 8.91
N LEU D 658 -29.61 -11.02 9.08
CA LEU D 658 -28.98 -12.26 8.59
C LEU D 658 -29.80 -12.83 7.42
#